data_1EJ0
# 
_entry.id   1EJ0 
# 
_audit_conform.dict_name       mmcif_pdbx.dic 
_audit_conform.dict_version    5.375 
_audit_conform.dict_location   http://mmcif.pdb.org/dictionaries/ascii/mmcif_pdbx.dic 
# 
loop_
_database_2.database_id 
_database_2.database_code 
_database_2.pdbx_database_accession 
_database_2.pdbx_DOI 
PDB   1EJ0         pdb_00001ej0 10.2210/pdb1ej0/pdb 
RCSB  RCSB010622   ?            ?                   
WWPDB D_1000010622 ?            ?                   
# 
_pdbx_database_related.db_name        PDB 
_pdbx_database_related.db_id          1EIZ 
_pdbx_database_related.details        '1EIZ contains the same protein to 1.7 ang and no mercury' 
_pdbx_database_related.content_type   unspecified 
# 
_pdbx_database_status.status_code                     REL 
_pdbx_database_status.entry_id                        1EJ0 
_pdbx_database_status.recvd_initial_deposition_date   2000-02-29 
_pdbx_database_status.deposit_site                    RCSB 
_pdbx_database_status.process_site                    RCSB 
_pdbx_database_status.SG_entry                        . 
_pdbx_database_status.pdb_format_compatible           Y 
_pdbx_database_status.status_code_mr                  ? 
_pdbx_database_status.status_code_sf                  ? 
_pdbx_database_status.status_code_cs                  ? 
_pdbx_database_status.methods_development_category    ? 
_pdbx_database_status.status_code_nmr_data            ? 
# 
loop_
_audit_author.name 
_audit_author.pdbx_ordinal 
'Bugl, H.'         1 
'Fauman, E.B.'     2 
'Staker, B.L.'     3 
'Zheng, F.'        4 
'Kushner, S.R.'    5 
'Saper, M.A.'      6 
'Bardwell, J.C.A.' 7 
'Jakob, U.'        8 
# 
loop_
_citation.id 
_citation.title 
_citation.journal_abbrev 
_citation.journal_volume 
_citation.page_first 
_citation.page_last 
_citation.year 
_citation.journal_id_ASTM 
_citation.country 
_citation.journal_id_ISSN 
_citation.journal_id_CSD 
_citation.book_publisher 
_citation.pdbx_database_id_PubMed 
_citation.pdbx_database_id_DOI 
primary 'RNA methylation under heat shock control.'                                                       Mol.Cell     6   349   
360   2000 MOCEFL US 1097-2765 2168 ? 10983982 '10.1016/S1097-2765(00)00035-6' 
1       'The FtsJ/RrmJ heat shock protein of escherichia coli is a 23 S ribosomal RNA methyltransferase.' J.Biol.Chem. 275 16414 
16419 2000 JBCHA3 US 0021-9258 0071 ? ?        10.1074/jbc.M001854200          
# 
loop_
_citation_author.citation_id 
_citation_author.name 
_citation_author.ordinal 
_citation_author.identifier_ORCID 
primary 'Bugl, H.'       1  ? 
primary 'Fauman, E.B.'   2  ? 
primary 'Staker, B.L.'   3  ? 
primary 'Zheng, F.'      4  ? 
primary 'Kushner, S.R.'  5  ? 
primary 'Saper, M.A.'    6  ? 
primary 'Bardwell, J.C.' 7  ? 
primary 'Jakob, U.'      8  ? 
1       'Caldas, T.'     9  ? 
1       'Binet, E.'      10 ? 
1       'Bouloc, P.'     11 ? 
1       'Costa, A.'      12 ? 
1       'Desgres, J.'    13 ? 
1       'Richarme, G.'   14 ? 
# 
_cell.entry_id           1EJ0 
_cell.length_a           36.579 
_cell.length_b           65.872 
_cell.length_c           72.829 
_cell.angle_alpha        90.00 
_cell.angle_beta         90.00 
_cell.angle_gamma        90.00 
_cell.Z_PDB              4 
_cell.pdbx_unique_axis   ? 
# 
_symmetry.entry_id                         1EJ0 
_symmetry.space_group_name_H-M             'P 21 21 21' 
_symmetry.pdbx_full_space_group_name_H-M   ? 
_symmetry.cell_setting                     ? 
_symmetry.Int_Tables_number                19 
# 
loop_
_entity.id 
_entity.type 
_entity.src_method 
_entity.pdbx_description 
_entity.formula_weight 
_entity.pdbx_number_of_molecules 
_entity.pdbx_ec 
_entity.pdbx_mutation 
_entity.pdbx_fragment 
_entity.details 
1 polymer     man FTSJ                 19937.207 1   2.1.1.- ? ? ? 
2 non-polymer syn 'MERCURY (II) ION'   200.590   2   ?       ? ? ? 
3 non-polymer syn S-ADENOSYLMETHIONINE 398.437   1   ?       ? ? ? 
4 water       nat water                18.015    182 ?       ? ? ? 
# 
_entity_name_com.entity_id   1 
_entity_name_com.name        'FTSJ METHYLTRANSFERASE' 
# 
_entity_poly.entity_id                      1 
_entity_poly.type                           'polypeptide(L)' 
_entity_poly.nstd_linkage                   no 
_entity_poly.nstd_monomer                   no 
_entity_poly.pdbx_seq_one_letter_code       
;GLRSRAWFKLDEIQQSDKLFKPGMTVVDLGAAPGGWSQYVVTQIGGKGRIIACDLLPMDPIVGVDFLQGDFRDELVMKAL
LERVGDSKVQVVMSDMAPNMSGTPAVDIPRAMYLVELALEMCRDVLAPGGSFVVKVFQGEGFDEYLREIRSLFTKVKVRK
PDSSRARSREVYIVATGRKP
;
_entity_poly.pdbx_seq_one_letter_code_can   
;GLRSRAWFKLDEIQQSDKLFKPGMTVVDLGAAPGGWSQYVVTQIGGKGRIIACDLLPMDPIVGVDFLQGDFRDELVMKAL
LERVGDSKVQVVMSDMAPNMSGTPAVDIPRAMYLVELALEMCRDVLAPGGSFVVKVFQGEGFDEYLREIRSLFTKVKVRK
PDSSRARSREVYIVATGRKP
;
_entity_poly.pdbx_strand_id                 A 
_entity_poly.pdbx_target_identifier         ? 
# 
loop_
_entity_poly_seq.entity_id 
_entity_poly_seq.num 
_entity_poly_seq.mon_id 
_entity_poly_seq.hetero 
1 1   GLY n 
1 2   LEU n 
1 3   ARG n 
1 4   SER n 
1 5   ARG n 
1 6   ALA n 
1 7   TRP n 
1 8   PHE n 
1 9   LYS n 
1 10  LEU n 
1 11  ASP n 
1 12  GLU n 
1 13  ILE n 
1 14  GLN n 
1 15  GLN n 
1 16  SER n 
1 17  ASP n 
1 18  LYS n 
1 19  LEU n 
1 20  PHE n 
1 21  LYS n 
1 22  PRO n 
1 23  GLY n 
1 24  MET n 
1 25  THR n 
1 26  VAL n 
1 27  VAL n 
1 28  ASP n 
1 29  LEU n 
1 30  GLY n 
1 31  ALA n 
1 32  ALA n 
1 33  PRO n 
1 34  GLY n 
1 35  GLY n 
1 36  TRP n 
1 37  SER n 
1 38  GLN n 
1 39  TYR n 
1 40  VAL n 
1 41  VAL n 
1 42  THR n 
1 43  GLN n 
1 44  ILE n 
1 45  GLY n 
1 46  GLY n 
1 47  LYS n 
1 48  GLY n 
1 49  ARG n 
1 50  ILE n 
1 51  ILE n 
1 52  ALA n 
1 53  CYS n 
1 54  ASP n 
1 55  LEU n 
1 56  LEU n 
1 57  PRO n 
1 58  MET n 
1 59  ASP n 
1 60  PRO n 
1 61  ILE n 
1 62  VAL n 
1 63  GLY n 
1 64  VAL n 
1 65  ASP n 
1 66  PHE n 
1 67  LEU n 
1 68  GLN n 
1 69  GLY n 
1 70  ASP n 
1 71  PHE n 
1 72  ARG n 
1 73  ASP n 
1 74  GLU n 
1 75  LEU n 
1 76  VAL n 
1 77  MET n 
1 78  LYS n 
1 79  ALA n 
1 80  LEU n 
1 81  LEU n 
1 82  GLU n 
1 83  ARG n 
1 84  VAL n 
1 85  GLY n 
1 86  ASP n 
1 87  SER n 
1 88  LYS n 
1 89  VAL n 
1 90  GLN n 
1 91  VAL n 
1 92  VAL n 
1 93  MET n 
1 94  SER n 
1 95  ASP n 
1 96  MET n 
1 97  ALA n 
1 98  PRO n 
1 99  ASN n 
1 100 MET n 
1 101 SER n 
1 102 GLY n 
1 103 THR n 
1 104 PRO n 
1 105 ALA n 
1 106 VAL n 
1 107 ASP n 
1 108 ILE n 
1 109 PRO n 
1 110 ARG n 
1 111 ALA n 
1 112 MET n 
1 113 TYR n 
1 114 LEU n 
1 115 VAL n 
1 116 GLU n 
1 117 LEU n 
1 118 ALA n 
1 119 LEU n 
1 120 GLU n 
1 121 MET n 
1 122 CYS n 
1 123 ARG n 
1 124 ASP n 
1 125 VAL n 
1 126 LEU n 
1 127 ALA n 
1 128 PRO n 
1 129 GLY n 
1 130 GLY n 
1 131 SER n 
1 132 PHE n 
1 133 VAL n 
1 134 VAL n 
1 135 LYS n 
1 136 VAL n 
1 137 PHE n 
1 138 GLN n 
1 139 GLY n 
1 140 GLU n 
1 141 GLY n 
1 142 PHE n 
1 143 ASP n 
1 144 GLU n 
1 145 TYR n 
1 146 LEU n 
1 147 ARG n 
1 148 GLU n 
1 149 ILE n 
1 150 ARG n 
1 151 SER n 
1 152 LEU n 
1 153 PHE n 
1 154 THR n 
1 155 LYS n 
1 156 VAL n 
1 157 LYS n 
1 158 VAL n 
1 159 ARG n 
1 160 LYS n 
1 161 PRO n 
1 162 ASP n 
1 163 SER n 
1 164 SER n 
1 165 ARG n 
1 166 ALA n 
1 167 ARG n 
1 168 SER n 
1 169 ARG n 
1 170 GLU n 
1 171 VAL n 
1 172 TYR n 
1 173 ILE n 
1 174 VAL n 
1 175 ALA n 
1 176 THR n 
1 177 GLY n 
1 178 ARG n 
1 179 LYS n 
1 180 PRO n 
# 
_entity_src_gen.entity_id                          1 
_entity_src_gen.pdbx_src_id                        1 
_entity_src_gen.pdbx_alt_source_flag               sample 
_entity_src_gen.pdbx_seq_type                      ? 
_entity_src_gen.pdbx_beg_seq_num                   ? 
_entity_src_gen.pdbx_end_seq_num                   ? 
_entity_src_gen.gene_src_common_name               ? 
_entity_src_gen.gene_src_genus                     Escherichia 
_entity_src_gen.pdbx_gene_src_gene                 ? 
_entity_src_gen.gene_src_species                   ? 
_entity_src_gen.gene_src_strain                    ? 
_entity_src_gen.gene_src_tissue                    ? 
_entity_src_gen.gene_src_tissue_fraction           ? 
_entity_src_gen.gene_src_details                   ? 
_entity_src_gen.pdbx_gene_src_fragment             ? 
_entity_src_gen.pdbx_gene_src_scientific_name      'Escherichia coli' 
_entity_src_gen.pdbx_gene_src_ncbi_taxonomy_id     562 
_entity_src_gen.pdbx_gene_src_variant              ? 
_entity_src_gen.pdbx_gene_src_cell_line            ? 
_entity_src_gen.pdbx_gene_src_atcc                 ? 
_entity_src_gen.pdbx_gene_src_organ                ? 
_entity_src_gen.pdbx_gene_src_organelle            ? 
_entity_src_gen.pdbx_gene_src_cell                 ? 
_entity_src_gen.pdbx_gene_src_cellular_location    ? 
_entity_src_gen.host_org_common_name               ? 
_entity_src_gen.pdbx_host_org_scientific_name      'Escherichia coli BL21(DE3)' 
_entity_src_gen.pdbx_host_org_ncbi_taxonomy_id     469008 
_entity_src_gen.host_org_genus                     Escherichia 
_entity_src_gen.pdbx_host_org_gene                 ? 
_entity_src_gen.pdbx_host_org_organ                ? 
_entity_src_gen.host_org_species                   'Escherichia coli' 
_entity_src_gen.pdbx_host_org_tissue               ? 
_entity_src_gen.pdbx_host_org_tissue_fraction      ? 
_entity_src_gen.pdbx_host_org_strain               'BL21 (DE3)' 
_entity_src_gen.pdbx_host_org_variant              ? 
_entity_src_gen.pdbx_host_org_cell_line            ? 
_entity_src_gen.pdbx_host_org_atcc                 ? 
_entity_src_gen.pdbx_host_org_culture_collection   ? 
_entity_src_gen.pdbx_host_org_cell                 ? 
_entity_src_gen.pdbx_host_org_organelle            ? 
_entity_src_gen.pdbx_host_org_cellular_location    ? 
_entity_src_gen.pdbx_host_org_vector_type          ? 
_entity_src_gen.pdbx_host_org_vector               ? 
_entity_src_gen.host_org_details                   ? 
_entity_src_gen.expression_system_id               ? 
_entity_src_gen.plasmid_name                       PET11A 
_entity_src_gen.plasmid_details                    ? 
_entity_src_gen.pdbx_description                   ? 
# 
_struct_ref.id                         1 
_struct_ref.db_name                    UNP 
_struct_ref.db_code                    RRMJ_ECOLI 
_struct_ref.pdbx_db_accession          P28692 
_struct_ref.entity_id                  1 
_struct_ref.pdbx_seq_one_letter_code   
;GLRSRAWFKLDEIQQSDKLFKPGMTVVDLGAAPGGWSQYVVTQIGGKGRIIACDLLPMDPIVGVDFLQGDFRDELVMKAL
LERVGDSKVQVVMSDMAPNMSGTPAVDIPRAMYLVELALEMCRDVLAPGGSFVVKVFQGEGFDEYLREIRSLFTKVKVRK
PDSSRARSREVYIVATGRKP
;
_struct_ref.pdbx_align_begin           30 
_struct_ref.pdbx_db_isoform            ? 
# 
_struct_ref_seq.align_id                      1 
_struct_ref_seq.ref_id                        1 
_struct_ref_seq.pdbx_PDB_id_code              1EJ0 
_struct_ref_seq.pdbx_strand_id                A 
_struct_ref_seq.seq_align_beg                 1 
_struct_ref_seq.pdbx_seq_align_beg_ins_code   ? 
_struct_ref_seq.seq_align_end                 180 
_struct_ref_seq.pdbx_seq_align_end_ins_code   ? 
_struct_ref_seq.pdbx_db_accession             P28692 
_struct_ref_seq.db_align_beg                  30 
_struct_ref_seq.pdbx_db_align_beg_ins_code    ? 
_struct_ref_seq.db_align_end                  209 
_struct_ref_seq.pdbx_db_align_end_ins_code    ? 
_struct_ref_seq.pdbx_auth_seq_align_beg       30 
_struct_ref_seq.pdbx_auth_seq_align_end       209 
# 
loop_
_chem_comp.id 
_chem_comp.type 
_chem_comp.mon_nstd_flag 
_chem_comp.name 
_chem_comp.pdbx_synonyms 
_chem_comp.formula 
_chem_comp.formula_weight 
ALA 'L-peptide linking' y ALANINE              ? 'C3 H7 N O2'      89.093  
ARG 'L-peptide linking' y ARGININE             ? 'C6 H15 N4 O2 1'  175.209 
ASN 'L-peptide linking' y ASPARAGINE           ? 'C4 H8 N2 O3'     132.118 
ASP 'L-peptide linking' y 'ASPARTIC ACID'      ? 'C4 H7 N O4'      133.103 
CYS 'L-peptide linking' y CYSTEINE             ? 'C3 H7 N O2 S'    121.158 
GLN 'L-peptide linking' y GLUTAMINE            ? 'C5 H10 N2 O3'    146.144 
GLU 'L-peptide linking' y 'GLUTAMIC ACID'      ? 'C5 H9 N O4'      147.129 
GLY 'peptide linking'   y GLYCINE              ? 'C2 H5 N O2'      75.067  
HG  non-polymer         . 'MERCURY (II) ION'   ? 'Hg 2'            200.590 
HOH non-polymer         . WATER                ? 'H2 O'            18.015  
ILE 'L-peptide linking' y ISOLEUCINE           ? 'C6 H13 N O2'     131.173 
LEU 'L-peptide linking' y LEUCINE              ? 'C6 H13 N O2'     131.173 
LYS 'L-peptide linking' y LYSINE               ? 'C6 H15 N2 O2 1'  147.195 
MET 'L-peptide linking' y METHIONINE           ? 'C5 H11 N O2 S'   149.211 
PHE 'L-peptide linking' y PHENYLALANINE        ? 'C9 H11 N O2'     165.189 
PRO 'L-peptide linking' y PROLINE              ? 'C5 H9 N O2'      115.130 
SAM non-polymer         . S-ADENOSYLMETHIONINE ? 'C15 H22 N6 O5 S' 398.437 
SER 'L-peptide linking' y SERINE               ? 'C3 H7 N O3'      105.093 
THR 'L-peptide linking' y THREONINE            ? 'C4 H9 N O3'      119.119 
TRP 'L-peptide linking' y TRYPTOPHAN           ? 'C11 H12 N2 O2'   204.225 
TYR 'L-peptide linking' y TYROSINE             ? 'C9 H11 N O3'     181.189 
VAL 'L-peptide linking' y VALINE               ? 'C5 H11 N O2'     117.146 
# 
_exptl.entry_id          1EJ0 
_exptl.method            'X-RAY DIFFRACTION' 
_exptl.crystals_number   1 
# 
_exptl_crystal.id                    1 
_exptl_crystal.density_meas          ? 
_exptl_crystal.density_Matthews      2.20 
_exptl_crystal.density_percent_sol   44.07 
_exptl_crystal.description           ? 
# 
_exptl_crystal_grow.crystal_id      1 
_exptl_crystal_grow.method          'VAPOR DIFFUSION, HANGING DROP' 
_exptl_crystal_grow.temp            298 
_exptl_crystal_grow.temp_details    ? 
_exptl_crystal_grow.pH              5.65 
_exptl_crystal_grow.pdbx_details    
'1mM Adomet, 33% PEG 4000, 0.19 ammonium acetate, 0.1 M sodium citrate pH 5.65, VAPOR DIFFUSION, HANGING DROP, temperature 298K' 
_exptl_crystal_grow.pdbx_pH_range   . 
# 
_diffrn.id                     1 
_diffrn.ambient_temp           160 
_diffrn.ambient_temp_details   ? 
_diffrn.crystal_id             1 
# 
_diffrn_detector.diffrn_id              1 
_diffrn_detector.detector               'IMAGE PLATE' 
_diffrn_detector.type                   'RIGAKU RAXIS IV' 
_diffrn_detector.pdbx_collection_date   1998-03-01 
_diffrn_detector.details                ? 
# 
_diffrn_radiation.diffrn_id                        1 
_diffrn_radiation.wavelength_id                    1 
_diffrn_radiation.pdbx_monochromatic_or_laue_m_l   M 
_diffrn_radiation.monochromator                    ? 
_diffrn_radiation.pdbx_diffrn_protocol             'SINGLE WAVELENGTH' 
_diffrn_radiation.pdbx_scattering_type             x-ray 
# 
_diffrn_radiation_wavelength.id           1 
_diffrn_radiation_wavelength.wavelength   1.5418 
_diffrn_radiation_wavelength.wt           1.0 
# 
_diffrn_source.diffrn_id                   1 
_diffrn_source.source                      'ROTATING ANODE' 
_diffrn_source.type                        'RIGAKU RU300' 
_diffrn_source.pdbx_synchrotron_site       ? 
_diffrn_source.pdbx_synchrotron_beamline   ? 
_diffrn_source.pdbx_wavelength             1.5418 
_diffrn_source.pdbx_wavelength_list        ? 
# 
_reflns.entry_id                     1EJ0 
_reflns.observed_criterion_sigma_I   0 
_reflns.observed_criterion_sigma_F   0 
_reflns.d_resolution_low             50.0 
_reflns.d_resolution_high            1.3 
_reflns.number_obs                   51445 
_reflns.number_all                   54471 
_reflns.percent_possible_obs         94.4 
_reflns.pdbx_Rmerge_I_obs            0.0850000 
_reflns.pdbx_Rsym_value              ? 
_reflns.pdbx_netI_over_sigmaI        13 
_reflns.B_iso_Wilson_estimate        17.8 
_reflns.pdbx_redundancy              5 
_reflns.R_free_details               ? 
_reflns.limit_h_max                  ? 
_reflns.limit_h_min                  ? 
_reflns.limit_k_max                  ? 
_reflns.limit_k_min                  ? 
_reflns.limit_l_max                  ? 
_reflns.limit_l_min                  ? 
_reflns.observed_criterion_F_max     ? 
_reflns.observed_criterion_F_min     ? 
_reflns.pdbx_diffrn_id               1 
_reflns.pdbx_ordinal                 1 
# 
_reflns_shell.d_res_high             1.3 
_reflns_shell.d_res_low              1.4 
_reflns_shell.percent_possible_all   62 
_reflns_shell.Rmerge_I_obs           0.3800000 
_reflns_shell.pdbx_Rsym_value        ? 
_reflns_shell.meanI_over_sigI_obs    ? 
_reflns_shell.pdbx_redundancy        4 
_reflns_shell.percent_possible_obs   ? 
_reflns_shell.number_unique_all      ? 
_reflns_shell.pdbx_diffrn_id         ? 
_reflns_shell.pdbx_ordinal           1 
# 
_refine.entry_id                                 1EJ0 
_refine.ls_number_reflns_obs                     51445 
_refine.ls_number_reflns_all                     54471 
_refine.pdbx_ls_sigma_I                          0 
_refine.pdbx_ls_sigma_F                          0.0 
_refine.pdbx_data_cutoff_high_absF               87999367.59 
_refine.pdbx_data_cutoff_low_absF                0.00 
_refine.ls_d_res_low                             17.13 
_refine.ls_d_res_high                            1.50 
_refine.ls_percent_reflns_obs                    94.5 
_refine.ls_R_factor_obs                          0.1980000 
_refine.ls_R_factor_all                          ? 
_refine.ls_R_factor_R_work                       0.1980000 
_refine.ls_R_factor_R_free                       0.2320000 
_refine.ls_R_factor_R_free_error                 0.005 
_refine.ls_R_factor_R_free_error_details         ? 
_refine.ls_percent_reflns_R_free                 5.1 
_refine.ls_number_reflns_R_free                  2608 
_refine.ls_number_parameters                     ? 
_refine.ls_number_restraints                     ? 
_refine.occupancy_min                            ? 
_refine.occupancy_max                            ? 
_refine.B_iso_mean                               15.9 
_refine.aniso_B[1][1]                            1.26 
_refine.aniso_B[2][2]                            0.43 
_refine.aniso_B[3][3]                            -1.69 
_refine.aniso_B[1][2]                            0.00 
_refine.aniso_B[1][3]                            0.00 
_refine.aniso_B[2][3]                            0.00 
_refine.solvent_model_details                    'FLAT MODEL' 
_refine.solvent_model_param_ksol                 0.440 
_refine.solvent_model_param_bsol                 50.77 
_refine.pdbx_ls_cross_valid_method               THROUGHOUT 
_refine.details                                  
;Used bulk solvent correction.  
Used anomalous data.
;
_refine.pdbx_starting_model                      1EIZ 
_refine.pdbx_method_to_determine_struct          'MOLECULAR REPLACEMENT' 
_refine.pdbx_isotropic_thermal_model             RESTRAINED 
_refine.pdbx_stereochemistry_target_values       'Engh & Huber' 
_refine.pdbx_stereochem_target_val_spec_case     ? 
_refine.pdbx_R_Free_selection_details            RANDOM 
_refine.pdbx_overall_ESU_R_Free                  ? 
_refine.overall_SU_B                             ? 
_refine.ls_redundancy_reflns_obs                 ? 
_refine.B_iso_min                                ? 
_refine.B_iso_max                                ? 
_refine.overall_SU_ML                            ? 
_refine.pdbx_overall_ESU_R                       ? 
_refine.pdbx_data_cutoff_high_rms_absF           ? 
_refine.correlation_coeff_Fo_to_Fc               ? 
_refine.correlation_coeff_Fo_to_Fc_free          ? 
_refine.overall_SU_R_Cruickshank_DPI             ? 
_refine.overall_SU_R_free                        ? 
_refine.pdbx_refine_id                           'X-RAY DIFFRACTION' 
_refine.pdbx_diffrn_id                           1 
_refine.pdbx_TLS_residual_ADP_flag               ? 
_refine.pdbx_solvent_vdw_probe_radii             ? 
_refine.pdbx_solvent_ion_probe_radii             ? 
_refine.pdbx_solvent_shrinkage_radii             ? 
_refine.pdbx_overall_phase_error                 ? 
_refine.pdbx_overall_SU_R_free_Cruickshank_DPI   ? 
_refine.pdbx_overall_SU_R_Blow_DPI               ? 
_refine.pdbx_overall_SU_R_free_Blow_DPI          ? 
# 
_refine_analyze.entry_id                        1EJ0 
_refine_analyze.Luzzati_coordinate_error_obs    0.18 
_refine_analyze.Luzzati_sigma_a_obs             0.16 
_refine_analyze.Luzzati_d_res_low_obs           5.00 
_refine_analyze.Luzzati_coordinate_error_free   0.21 
_refine_analyze.Luzzati_sigma_a_free            0.17 
_refine_analyze.Luzzati_d_res_low_free          ? 
_refine_analyze.number_disordered_residues      ? 
_refine_analyze.occupancy_sum_hydrogen          ? 
_refine_analyze.occupancy_sum_non_hydrogen      ? 
_refine_analyze.pdbx_Luzzati_d_res_high_obs     ? 
_refine_analyze.pdbx_refine_id                  'X-RAY DIFFRACTION' 
# 
_refine_hist.pdbx_refine_id                   'X-RAY DIFFRACTION' 
_refine_hist.cycle_id                         LAST 
_refine_hist.pdbx_number_atoms_protein        1389 
_refine_hist.pdbx_number_atoms_nucleic_acid   0 
_refine_hist.pdbx_number_atoms_ligand         29 
_refine_hist.number_atoms_solvent             182 
_refine_hist.number_atoms_total               1600 
_refine_hist.d_res_high                       1.50 
_refine_hist.d_res_low                        17.13 
# 
loop_
_refine_ls_restr.type 
_refine_ls_restr.dev_ideal 
_refine_ls_restr.dev_ideal_target 
_refine_ls_restr.weight 
_refine_ls_restr.number 
_refine_ls_restr.pdbx_refine_id 
_refine_ls_restr.pdbx_restraint_function 
c_bond_d           0.017 ?    ? ? 'X-RAY DIFFRACTION' ? 
c_angle_deg        1.9   ?    ? ? 'X-RAY DIFFRACTION' ? 
c_dihedral_angle_d 25.0  ?    ? ? 'X-RAY DIFFRACTION' ? 
c_improper_angle_d 1.45  ?    ? ? 'X-RAY DIFFRACTION' ? 
c_mcbond_it        1.58  1.50 ? ? 'X-RAY DIFFRACTION' ? 
c_mcangle_it       2.14  2.00 ? ? 'X-RAY DIFFRACTION' ? 
c_scbond_it        2.84  2.00 ? ? 'X-RAY DIFFRACTION' ? 
c_scangle_it       3.57  2.50 ? ? 'X-RAY DIFFRACTION' ? 
# 
_refine_ls_shell.pdbx_total_number_of_bins_used   10 
_refine_ls_shell.d_res_high                       1.50 
_refine_ls_shell.d_res_low                        1.55 
_refine_ls_shell.number_reflns_R_work             4695 
_refine_ls_shell.R_factor_R_work                  0.3450000 
_refine_ls_shell.percent_reflns_obs               90.9 
_refine_ls_shell.R_factor_R_free                  0.3670000 
_refine_ls_shell.R_factor_R_free_error            0.024 
_refine_ls_shell.percent_reflns_R_free            4.9 
_refine_ls_shell.number_reflns_R_free             242 
_refine_ls_shell.redundancy_reflns_obs            ? 
_refine_ls_shell.number_reflns_all                ? 
_refine_ls_shell.number_reflns_obs                ? 
_refine_ls_shell.pdbx_refine_id                   'X-RAY DIFFRACTION' 
_refine_ls_shell.R_factor_all                     ? 
# 
loop_
_pdbx_xplor_file.serial_no 
_pdbx_xplor_file.param_file 
_pdbx_xplor_file.topol_file 
_pdbx_xplor_file.pdbx_refine_id 
1 PROTEIN_REP.PARAM PROTEIN.TOP 'X-RAY DIFFRACTION' 
2 DNA-RNA_REP.PARAM DNA-RNA.TOP 'X-RAY DIFFRACTION' 
3 WATER_REP.PARAM   WATER.TOP   'X-RAY DIFFRACTION' 
4 ION.PARAM         ION.TOP     'X-RAY DIFFRACTION' 
5 MYSAM.PARAM       MYSAM.TOP   'X-RAY DIFFRACTION' 
# 
_struct.entry_id                  1EJ0 
_struct.title                     'FTSJ RNA METHYLTRANSFERASE COMPLEXED WITH S-ADENOSYLMETHIONINE, MERCURY DERIVATIVE' 
_struct.pdbx_model_details        ? 
_struct.pdbx_CASP_flag            ? 
_struct.pdbx_model_type_details   ? 
# 
_struct_keywords.entry_id        1EJ0 
_struct_keywords.pdbx_keywords   TRANSFERASE 
_struct_keywords.text            
'ftsj, methyltransferase, adomet, adenosyl methionine, heat shock proteins, 23S RIBOSOMAL RNA, TRANSFERASE' 
# 
loop_
_struct_asym.id 
_struct_asym.pdbx_blank_PDB_chainid_flag 
_struct_asym.pdbx_modified 
_struct_asym.entity_id 
_struct_asym.details 
A N N 1 ? 
B N N 2 ? 
C N N 2 ? 
D N N 3 ? 
E N N 4 ? 
# 
_struct_biol.id                    1 
_struct_biol.details               'The biological assembly is a monomer' 
_struct_biol.pdbx_parent_biol_id   ? 
# 
loop_
_struct_conf.conf_type_id 
_struct_conf.id 
_struct_conf.pdbx_PDB_helix_id 
_struct_conf.beg_label_comp_id 
_struct_conf.beg_label_asym_id 
_struct_conf.beg_label_seq_id 
_struct_conf.pdbx_beg_PDB_ins_code 
_struct_conf.end_label_comp_id 
_struct_conf.end_label_asym_id 
_struct_conf.end_label_seq_id 
_struct_conf.pdbx_end_PDB_ins_code 
_struct_conf.beg_auth_comp_id 
_struct_conf.beg_auth_asym_id 
_struct_conf.beg_auth_seq_id 
_struct_conf.end_auth_comp_id 
_struct_conf.end_auth_asym_id 
_struct_conf.end_auth_seq_id 
_struct_conf.pdbx_PDB_helix_class 
_struct_conf.details 
_struct_conf.pdbx_PDB_helix_length 
HELX_P HELX_P1 1 SER A 4   ? LYS A 18  ? SER A 33  LYS A 47  1 ? 15 
HELX_P HELX_P2 2 GLY A 34  ? GLY A 45  ? GLY A 63  GLY A 74  1 ? 12 
HELX_P HELX_P3 3 ASP A 73  ? GLY A 85  ? ASP A 102 GLY A 114 1 ? 13 
HELX_P HELX_P4 4 THR A 103 ? VAL A 125 ? THR A 132 VAL A 154 1 ? 23 
HELX_P HELX_P5 5 GLY A 141 ? LEU A 152 ? GLY A 170 LEU A 181 1 ? 12 
# 
_struct_conf_type.id          HELX_P 
_struct_conf_type.criteria    ? 
_struct_conf_type.reference   ? 
# 
loop_
_struct_conn.id 
_struct_conn.conn_type_id 
_struct_conn.pdbx_leaving_atom_flag 
_struct_conn.pdbx_PDB_id 
_struct_conn.ptnr1_label_asym_id 
_struct_conn.ptnr1_label_comp_id 
_struct_conn.ptnr1_label_seq_id 
_struct_conn.ptnr1_label_atom_id 
_struct_conn.pdbx_ptnr1_label_alt_id 
_struct_conn.pdbx_ptnr1_PDB_ins_code 
_struct_conn.pdbx_ptnr1_standard_comp_id 
_struct_conn.ptnr1_symmetry 
_struct_conn.ptnr2_label_asym_id 
_struct_conn.ptnr2_label_comp_id 
_struct_conn.ptnr2_label_seq_id 
_struct_conn.ptnr2_label_atom_id 
_struct_conn.pdbx_ptnr2_label_alt_id 
_struct_conn.pdbx_ptnr2_PDB_ins_code 
_struct_conn.ptnr1_auth_asym_id 
_struct_conn.ptnr1_auth_comp_id 
_struct_conn.ptnr1_auth_seq_id 
_struct_conn.ptnr2_auth_asym_id 
_struct_conn.ptnr2_auth_comp_id 
_struct_conn.ptnr2_auth_seq_id 
_struct_conn.ptnr2_symmetry 
_struct_conn.pdbx_ptnr3_label_atom_id 
_struct_conn.pdbx_ptnr3_label_seq_id 
_struct_conn.pdbx_ptnr3_label_comp_id 
_struct_conn.pdbx_ptnr3_label_asym_id 
_struct_conn.pdbx_ptnr3_label_alt_id 
_struct_conn.pdbx_ptnr3_PDB_ins_code 
_struct_conn.details 
_struct_conn.pdbx_dist_value 
_struct_conn.pdbx_value_order 
_struct_conn.pdbx_role 
metalc1 metalc ? ? A CYS 53  SG ? ? ? 1_555 C HG . HG ? ? A CYS 82  A HG 912 1_555 ? ? ? ? ? ? ? 2.187 ? ? 
metalc2 metalc ? ? A LEU 67  O  ? ? ? 1_555 C HG . HG ? ? A LEU 96  A HG 912 1_555 ? ? ? ? ? ? ? 2.625 ? ? 
metalc3 metalc ? ? A GLY 69  O  ? ? ? 1_555 C HG . HG ? ? A GLY 98  A HG 912 1_555 ? ? ? ? ? ? ? 2.924 ? ? 
metalc4 metalc ? ? A GLY 69  N  ? ? ? 1_555 C HG . HG ? ? A GLY 98  A HG 912 1_555 ? ? ? ? ? ? ? 2.797 ? ? 
metalc5 metalc ? ? A CYS 122 SG ? ? ? 1_555 B HG . HG ? ? A CYS 151 A HG 901 1_555 ? ? ? ? ? ? ? 2.555 ? ? 
metalc6 metalc ? ? A CYS 122 O  ? ? ? 1_555 B HG . HG ? ? A CYS 151 A HG 901 1_555 ? ? ? ? ? ? ? 3.507 ? ? 
metalc7 metalc ? ? A ARG 123 N  ? ? ? 1_555 B HG . HG ? ? A ARG 152 A HG 901 1_555 ? ? ? ? ? ? ? 3.435 ? ? 
# 
_struct_conn_type.id          metalc 
_struct_conn_type.criteria    ? 
_struct_conn_type.reference   ? 
# 
_struct_mon_prot_cis.pdbx_id                1 
_struct_mon_prot_cis.label_comp_id          ALA 
_struct_mon_prot_cis.label_seq_id           32 
_struct_mon_prot_cis.label_asym_id          A 
_struct_mon_prot_cis.label_alt_id           . 
_struct_mon_prot_cis.pdbx_PDB_ins_code      ? 
_struct_mon_prot_cis.auth_comp_id           ALA 
_struct_mon_prot_cis.auth_seq_id            61 
_struct_mon_prot_cis.auth_asym_id           A 
_struct_mon_prot_cis.pdbx_label_comp_id_2   PRO 
_struct_mon_prot_cis.pdbx_label_seq_id_2    33 
_struct_mon_prot_cis.pdbx_label_asym_id_2   A 
_struct_mon_prot_cis.pdbx_PDB_ins_code_2    ? 
_struct_mon_prot_cis.pdbx_auth_comp_id_2    PRO 
_struct_mon_prot_cis.pdbx_auth_seq_id_2     62 
_struct_mon_prot_cis.pdbx_auth_asym_id_2    A 
_struct_mon_prot_cis.pdbx_PDB_model_num     1 
_struct_mon_prot_cis.pdbx_omega_angle       0.23 
# 
_struct_sheet.id               A 
_struct_sheet.type             ? 
_struct_sheet.number_strands   7 
_struct_sheet.details          ? 
# 
loop_
_struct_sheet_order.sheet_id 
_struct_sheet_order.range_id_1 
_struct_sheet_order.range_id_2 
_struct_sheet_order.offset 
_struct_sheet_order.sense 
A 1 2 ? parallel      
A 2 3 ? parallel      
A 3 4 ? parallel      
A 4 5 ? parallel      
A 5 6 ? anti-parallel 
A 6 7 ? anti-parallel 
# 
loop_
_struct_sheet_range.sheet_id 
_struct_sheet_range.id 
_struct_sheet_range.beg_label_comp_id 
_struct_sheet_range.beg_label_asym_id 
_struct_sheet_range.beg_label_seq_id 
_struct_sheet_range.pdbx_beg_PDB_ins_code 
_struct_sheet_range.end_label_comp_id 
_struct_sheet_range.end_label_asym_id 
_struct_sheet_range.end_label_seq_id 
_struct_sheet_range.pdbx_end_PDB_ins_code 
_struct_sheet_range.beg_auth_comp_id 
_struct_sheet_range.beg_auth_asym_id 
_struct_sheet_range.beg_auth_seq_id 
_struct_sheet_range.end_auth_comp_id 
_struct_sheet_range.end_auth_asym_id 
_struct_sheet_range.end_auth_seq_id 
A 1 VAL A 64  ? GLN A 68  ? VAL A 93  GLN A 97  
A 2 ARG A 49  ? ASP A 54  ? ARG A 78  ASP A 83  
A 3 THR A 25  ? LEU A 29  ? THR A 54  LEU A 58  
A 4 VAL A 89  ? SER A 94  ? VAL A 118 SER A 123 
A 5 LEU A 126 ? PHE A 137 ? LEU A 155 PHE A 166 
A 6 GLU A 170 ? ARG A 178 ? GLU A 199 ARG A 207 
A 7 PHE A 153 ? ARG A 159 ? PHE A 182 ARG A 188 
# 
loop_
_pdbx_struct_sheet_hbond.sheet_id 
_pdbx_struct_sheet_hbond.range_id_1 
_pdbx_struct_sheet_hbond.range_id_2 
_pdbx_struct_sheet_hbond.range_1_label_atom_id 
_pdbx_struct_sheet_hbond.range_1_label_comp_id 
_pdbx_struct_sheet_hbond.range_1_label_asym_id 
_pdbx_struct_sheet_hbond.range_1_label_seq_id 
_pdbx_struct_sheet_hbond.range_1_PDB_ins_code 
_pdbx_struct_sheet_hbond.range_1_auth_atom_id 
_pdbx_struct_sheet_hbond.range_1_auth_comp_id 
_pdbx_struct_sheet_hbond.range_1_auth_asym_id 
_pdbx_struct_sheet_hbond.range_1_auth_seq_id 
_pdbx_struct_sheet_hbond.range_2_label_atom_id 
_pdbx_struct_sheet_hbond.range_2_label_comp_id 
_pdbx_struct_sheet_hbond.range_2_label_asym_id 
_pdbx_struct_sheet_hbond.range_2_label_seq_id 
_pdbx_struct_sheet_hbond.range_2_PDB_ins_code 
_pdbx_struct_sheet_hbond.range_2_auth_atom_id 
_pdbx_struct_sheet_hbond.range_2_auth_comp_id 
_pdbx_struct_sheet_hbond.range_2_auth_asym_id 
_pdbx_struct_sheet_hbond.range_2_auth_seq_id 
A 1 2 N ASP A 65  ? N ASP A 94  O ILE A 50  ? O ILE A 79  
A 2 3 O ARG A 49  ? O ARG A 78  N VAL A 26  ? N VAL A 55  
A 3 4 O THR A 25  ? O THR A 54  N GLN A 90  ? N GLN A 119 
A 4 5 O VAL A 89  ? O VAL A 118 N ALA A 127 ? N ALA A 156 
A 5 6 N VAL A 136 ? N VAL A 165 O VAL A 171 ? O VAL A 200 
A 6 7 O GLY A 177 ? O GLY A 206 N THR A 154 ? N THR A 183 
# 
loop_
_struct_site.id 
_struct_site.pdbx_evidence_code 
_struct_site.pdbx_auth_asym_id 
_struct_site.pdbx_auth_comp_id 
_struct_site.pdbx_auth_seq_id 
_struct_site.pdbx_auth_ins_code 
_struct_site.pdbx_num_residues 
_struct_site.details 
AC1 Software A HG  901 ? 3  'BINDING SITE FOR RESIDUE HG A 901'  
AC2 Software A HG  912 ? 6  'BINDING SITE FOR RESIDUE HG A 912'  
AC3 Software A SAM 301 ? 23 'BINDING SITE FOR RESIDUE SAM A 301' 
# 
loop_
_struct_site_gen.id 
_struct_site_gen.site_id 
_struct_site_gen.pdbx_num_res 
_struct_site_gen.label_comp_id 
_struct_site_gen.label_asym_id 
_struct_site_gen.label_seq_id 
_struct_site_gen.pdbx_auth_ins_code 
_struct_site_gen.auth_comp_id 
_struct_site_gen.auth_asym_id 
_struct_site_gen.auth_seq_id 
_struct_site_gen.label_atom_id 
_struct_site_gen.label_alt_id 
_struct_site_gen.symmetry 
_struct_site_gen.details 
1  AC1 3  CYS A 122 ? CYS A 151 . ? 1_555 ? 
2  AC1 3  ARG A 123 ? ARG A 152 . ? 1_555 ? 
3  AC1 3  PHE A 153 ? PHE A 182 . ? 1_555 ? 
4  AC2 6  CYS A 53  ? CYS A 82  . ? 1_555 ? 
5  AC2 6  ASP A 54  ? ASP A 83  . ? 1_555 ? 
6  AC2 6  LEU A 67  ? LEU A 96  . ? 1_555 ? 
7  AC2 6  GLN A 68  ? GLN A 97  . ? 1_555 ? 
8  AC2 6  GLY A 69  ? GLY A 98  . ? 1_555 ? 
9  AC2 6  VAL A 76  ? VAL A 105 . ? 1_555 ? 
10 AC3 23 ALA A 6   ? ALA A 35  . ? 1_555 ? 
11 AC3 23 GLY A 30  ? GLY A 59  . ? 1_555 ? 
12 AC3 23 ALA A 31  ? ALA A 60  . ? 1_555 ? 
13 AC3 23 ALA A 32  ? ALA A 61  . ? 1_555 ? 
14 AC3 23 PRO A 33  ? PRO A 62  . ? 1_555 ? 
15 AC3 23 GLY A 34  ? GLY A 63  . ? 1_555 ? 
16 AC3 23 GLY A 35  ? GLY A 64  . ? 1_555 ? 
17 AC3 23 TRP A 36  ? TRP A 65  . ? 1_555 ? 
18 AC3 23 ASP A 54  ? ASP A 83  . ? 1_555 ? 
19 AC3 23 LEU A 55  ? LEU A 84  . ? 1_555 ? 
20 AC3 23 GLY A 69  ? GLY A 98  . ? 1_555 ? 
21 AC3 23 ASP A 70  ? ASP A 99  . ? 1_555 ? 
22 AC3 23 PHE A 71  ? PHE A 100 . ? 1_555 ? 
23 AC3 23 ARG A 72  ? ARG A 101 . ? 1_555 ? 
24 AC3 23 ASP A 95  ? ASP A 124 . ? 1_555 ? 
25 AC3 23 MET A 96  ? MET A 125 . ? 1_555 ? 
26 AC3 23 ALA A 97  ? ALA A 126 . ? 1_555 ? 
27 AC3 23 LEU A 114 ? LEU A 143 . ? 1_555 ? 
28 AC3 23 HOH E .   ? HOH A 407 . ? 1_555 ? 
29 AC3 23 HOH E .   ? HOH A 462 . ? 1_555 ? 
30 AC3 23 HOH E .   ? HOH A 467 . ? 1_555 ? 
31 AC3 23 HOH E .   ? HOH A 537 . ? 1_555 ? 
32 AC3 23 HOH E .   ? HOH A 761 . ? 1_555 ? 
# 
_atom_sites.entry_id                    1EJ0 
_atom_sites.fract_transf_matrix[1][1]   -0.01597657 
_atom_sites.fract_transf_matrix[1][2]   -0.00146090 
_atom_sites.fract_transf_matrix[1][3]   -0.02213552 
_atom_sites.fract_transf_matrix[2][1]   0.00674261 
_atom_sites.fract_transf_matrix[2][2]   -0.01299730 
_atom_sites.fract_transf_matrix[2][3]   -0.00400877 
_atom_sites.fract_transf_matrix[3][1]   -0.00932494 
_atom_sites.fract_transf_matrix[3][2]   -0.00705702 
_atom_sites.fract_transf_matrix[3][3]   0.00719613 
_atom_sites.fract_transf_vector[1]      0.209630 
_atom_sites.fract_transf_vector[2]      0.573932 
_atom_sites.fract_transf_vector[3]      0.185425 
# 
loop_
_atom_type.symbol 
C  
HG 
N  
O  
S  
# 
loop_
_atom_site.group_PDB 
_atom_site.id 
_atom_site.type_symbol 
_atom_site.label_atom_id 
_atom_site.label_alt_id 
_atom_site.label_comp_id 
_atom_site.label_asym_id 
_atom_site.label_entity_id 
_atom_site.label_seq_id 
_atom_site.pdbx_PDB_ins_code 
_atom_site.Cartn_x 
_atom_site.Cartn_y 
_atom_site.Cartn_z 
_atom_site.occupancy 
_atom_site.B_iso_or_equiv 
_atom_site.pdbx_formal_charge 
_atom_site.auth_seq_id 
_atom_site.auth_comp_id 
_atom_site.auth_asym_id 
_atom_site.auth_atom_id 
_atom_site.pdbx_PDB_model_num 
ATOM   1    N  N     . GLY A 1 1   ? 16.860  -11.894 10.638  1.00 27.29 ? 30  GLY A N     1 
ATOM   2    C  CA    . GLY A 1 1   ? 16.473  -12.664 9.386   1.00 25.22 ? 30  GLY A CA    1 
ATOM   3    C  C     . GLY A 1 1   ? 16.936  -11.913 8.147   1.00 20.38 ? 30  GLY A C     1 
ATOM   4    O  O     . GLY A 1 1   ? 17.282  -10.723 8.245   1.00 22.38 ? 30  GLY A O     1 
ATOM   5    N  N     . LEU A 1 2   ? 16.901  -12.553 6.974   1.00 19.22 ? 31  LEU A N     1 
ATOM   6    C  CA    . LEU A 1 2   ? 17.386  -11.836 5.789   1.00 16.25 ? 31  LEU A CA    1 
ATOM   7    C  C     . LEU A 1 2   ? 16.430  -10.762 5.315   1.00 14.98 ? 31  LEU A C     1 
ATOM   8    O  O     . LEU A 1 2   ? 16.877  -9.789  4.680   1.00 14.94 ? 31  LEU A O     1 
ATOM   9    C  CB    . LEU A 1 2   ? 17.682  -12.782 4.625   1.00 16.14 ? 31  LEU A CB    1 
ATOM   10   C  CG    . LEU A 1 2   ? 18.772  -13.857 4.699   1.00 13.71 ? 31  LEU A CG    1 
ATOM   11   C  CD1   . LEU A 1 2   ? 18.827  -14.593 3.346   1.00 17.57 ? 31  LEU A CD1   1 
ATOM   12   C  CD2   . LEU A 1 2   ? 20.128  -13.220 5.066   1.00 20.69 ? 31  LEU A CD2   1 
ATOM   13   N  N     . ARG A 1 3   ? 15.130  -10.947 5.592   1.00 13.87 ? 32  ARG A N     1 
ATOM   14   C  CA    . ARG A 1 3   ? 14.103  -9.981  5.200   1.00 12.30 ? 32  ARG A CA    1 
ATOM   15   C  C     . ARG A 1 3   ? 13.150  -9.782  6.361   1.00 12.83 ? 32  ARG A C     1 
ATOM   16   O  O     . ARG A 1 3   ? 13.016  -10.634 7.239   1.00 14.45 ? 32  ARG A O     1 
ATOM   17   C  CB    . ARG A 1 3   ? 13.295  -10.489 3.992   1.00 12.36 ? 32  ARG A CB    1 
ATOM   18   C  CG    . ARG A 1 3   ? 14.157  -10.766 2.761   1.00 9.87  ? 32  ARG A CG    1 
ATOM   19   C  CD    . ARG A 1 3   ? 14.709  -9.514  2.095   1.00 10.49 ? 32  ARG A CD    1 
ATOM   20   N  NE    . ARG A 1 3   ? 15.384  -9.857  0.844   1.00 12.57 ? 32  ARG A NE    1 
ATOM   21   C  CZ    . ARG A 1 3   ? 16.657  -10.226 0.733   1.00 10.80 ? 32  ARG A CZ    1 
ATOM   22   N  NH1   . ARG A 1 3   ? 17.440  -10.285 1.797   1.00 10.58 ? 32  ARG A NH1   1 
ATOM   23   N  NH2   . ARG A 1 3   ? 17.131  -10.616 -0.455  1.00 11.07 ? 32  ARG A NH2   1 
ATOM   24   N  N     . SER A 1 4   ? 12.452  -8.646  6.336   1.00 11.68 ? 33  SER A N     1 
ATOM   25   C  CA    . SER A 1 4   ? 11.521  -8.326  7.413   1.00 10.96 ? 33  SER A CA    1 
ATOM   26   C  C     . SER A 1 4   ? 10.228  -9.083  7.330   1.00 12.85 ? 33  SER A C     1 
ATOM   27   O  O     . SER A 1 4   ? 9.860   -9.620  6.272   1.00 11.54 ? 33  SER A O     1 
ATOM   28   C  CB    . SER A 1 4   ? 11.200  -6.840  7.355   1.00 10.95 ? 33  SER A CB    1 
ATOM   29   O  OG    . SER A 1 4   ? 10.460  -6.527  6.161   1.00 13.48 ? 33  SER A OG    1 
ATOM   30   N  N     . ARG A 1 5   ? 9.491   -9.091  8.446   1.00 11.42 ? 34  ARG A N     1 
ATOM   31   C  CA    . ARG A 1 5   ? 8.164   -9.703  8.450   1.00 12.08 ? 34  ARG A CA    1 
ATOM   32   C  C     . ARG A 1 5   ? 7.313   -9.032  7.330   1.00 10.82 ? 34  ARG A C     1 
ATOM   33   O  O     . ARG A 1 5   ? 6.594   -9.724  6.605   1.00 11.72 ? 34  ARG A O     1 
ATOM   34   C  CB    . ARG A 1 5   ? 7.486   -9.460  9.805   1.00 14.16 ? 34  ARG A CB    1 
ATOM   35   C  CG    . ARG A 1 5   ? 6.152   -10.133 9.913   1.00 16.61 ? 34  ARG A CG    1 
ATOM   36   C  CD    . ARG A 1 5   ? 5.371   -9.703  11.146  1.00 18.82 ? 34  ARG A CD    1 
ATOM   37   N  NE    . ARG A 1 5   ? 6.017   -10.133 12.391  1.00 20.53 ? 34  ARG A NE    1 
ATOM   38   C  CZ    . ARG A 1 5   ? 5.954   -11.356 12.925  1.00 21.55 ? 34  ARG A CZ    1 
ATOM   39   N  NH1   . ARG A 1 5   ? 5.267   -12.338 12.349  1.00 21.18 ? 34  ARG A NH1   1 
ATOM   40   N  NH2   . ARG A 1 5   ? 6.599   -11.589 14.072  1.00 24.29 ? 34  ARG A NH2   1 
ATOM   41   N  N     . ALA A 1 6   ? 7.408   -7.706  7.194   1.00 10.74 ? 35  ALA A N     1 
ATOM   42   C  CA    . ALA A 1 6   ? 6.603   -7.028  6.154   1.00 10.35 ? 35  ALA A CA    1 
ATOM   43   C  C     . ALA A 1 6   ? 6.904   -7.561  4.754   1.00 8.34  ? 35  ALA A C     1 
ATOM   44   O  O     . ALA A 1 6   ? 5.987   -7.710  3.929   1.00 10.48 ? 35  ALA A O     1 
ATOM   45   C  CB    . ALA A 1 6   ? 6.809   -5.513  6.178   1.00 9.23  ? 35  ALA A CB    1 
ATOM   46   N  N     . TRP A 1 7   ? 8.177   -7.811  4.466   1.00 9.46  ? 36  TRP A N     1 
ATOM   47   C  CA    . TRP A 1 7   ? 8.581   -8.354  3.169   1.00 9.51  ? 36  TRP A CA    1 
ATOM   48   C  C     . TRP A 1 7   ? 7.879   -9.704  2.959   1.00 8.47  ? 36  TRP A C     1 
ATOM   49   O  O     . TRP A 1 7   ? 7.295   -9.961  1.875   1.00 9.15  ? 36  TRP A O     1 
ATOM   50   C  CB    . TRP A 1 7   ? 10.120  -8.484  3.140   1.00 9.49  ? 36  TRP A CB    1 
ATOM   51   C  CG    . TRP A 1 7   ? 10.742  -9.002  1.849   1.00 9.67  ? 36  TRP A CG    1 
ATOM   52   C  CD1   . TRP A 1 7   ? 11.396  -8.253  0.893   1.00 10.19 ? 36  TRP A CD1   1 
ATOM   53   C  CD2   . TRP A 1 7   ? 10.860  -10.368 1.439   1.00 11.10 ? 36  TRP A CD2   1 
ATOM   54   N  NE1   . TRP A 1 7   ? 11.926  -9.075  -0.054  1.00 7.96  ? 36  TRP A NE1   1 
ATOM   55   C  CE2   . TRP A 1 7   ? 11.602  -10.379 0.240   1.00 8.88  ? 36  TRP A CE2   1 
ATOM   56   C  CE3   . TRP A 1 7   ? 10.416  -11.580 1.973   1.00 10.68 ? 36  TRP A CE3   1 
ATOM   57   C  CZ2   . TRP A 1 7   ? 11.920  -11.552 -0.450  1.00 9.65  ? 36  TRP A CZ2   1 
ATOM   58   C  CZ3   . TRP A 1 7   ? 10.723  -12.779 1.294   1.00 11.21 ? 36  TRP A CZ3   1 
ATOM   59   C  CH2   . TRP A 1 7   ? 11.476  -12.747 0.088   1.00 10.39 ? 36  TRP A CH2   1 
ATOM   60   N  N     . PHE A 1 8   ? 7.935   -10.563 3.986   1.00 8.54  ? 37  PHE A N     1 
ATOM   61   C  CA    . PHE A 1 8   ? 7.262   -11.856 3.864   1.00 10.20 ? 37  PHE A CA    1 
ATOM   62   C  C     . PHE A 1 8   ? 5.757   -11.733 3.693   1.00 9.89  ? 37  PHE A C     1 
ATOM   63   O  O     . PHE A 1 8   ? 5.165   -12.520 2.938   1.00 10.87 ? 37  PHE A O     1 
ATOM   64   C  CB    . PHE A 1 8   ? 7.550   -12.754 5.069   1.00 8.92  ? 37  PHE A CB    1 
ATOM   65   C  CG    . PHE A 1 8   ? 8.883   -13.440 4.991   1.00 10.55 ? 37  PHE A CG    1 
ATOM   66   C  CD1   . PHE A 1 8   ? 10.004  -12.899 5.623   1.00 11.01 ? 37  PHE A CD1   1 
ATOM   67   C  CD2   . PHE A 1 8   ? 9.016   -14.589 4.262   1.00 14.33 ? 37  PHE A CD2   1 
ATOM   68   C  CE1   . PHE A 1 8   ? 11.280  -13.527 5.509   1.00 11.70 ? 37  PHE A CE1   1 
ATOM   69   C  CE2   . PHE A 1 8   ? 10.283  -15.229 4.135   1.00 16.39 ? 37  PHE A CE2   1 
ATOM   70   C  CZ    . PHE A 1 8   ? 11.414  -14.689 4.766   1.00 16.25 ? 37  PHE A CZ    1 
ATOM   71   N  N     . LYS A 1 9   ? 5.108   -10.752 4.344   1.00 10.13 ? 38  LYS A N     1 
ATOM   72   C  CA    . LYS A 1 9   ? 3.661   -10.627 4.148   1.00 9.87  ? 38  LYS A CA    1 
ATOM   73   C  C     . LYS A 1 9   ? 3.367   -10.301 2.674   1.00 9.56  ? 38  LYS A C     1 
ATOM   74   O  O     . LYS A 1 9   ? 2.417   -10.852 2.091   1.00 12.28 ? 38  LYS A O     1 
ATOM   75   C  CB    . LYS A 1 9   ? 3.073   -9.491  4.979   1.00 10.59 ? 38  LYS A CB    1 
ATOM   76   C  CG    . LYS A 1 9   ? 3.223   -9.642  6.475   1.00 12.67 ? 38  LYS A CG    1 
ATOM   77   C  CD    . LYS A 1 9   ? 2.682   -8.344  7.128   1.00 11.94 ? 38  LYS A CD    1 
ATOM   78   C  CE    . LYS A 1 9   ? 3.191   -8.135  8.541   1.00 16.15 ? 38  LYS A CE    1 
ATOM   79   N  NZ    . LYS A 1 9   ? 2.601   -6.900  9.171   1.00 14.49 ? 38  LYS A NZ    1 
ATOM   80   N  N     . LEU A 1 10  ? 4.181   -9.408  2.055   1.00 8.63  ? 39  LEU A N     1 
ATOM   81   C  CA    . LEU A 1 10  ? 3.899   -9.074  0.667   1.00 8.17  ? 39  LEU A CA    1 
ATOM   82   C  C     . LEU A 1 10  ? 4.217   -10.239 -0.255  1.00 9.37  ? 39  LEU A C     1 
ATOM   83   O  O     . LEU A 1 10  ? 3.498   -10.471 -1.237  1.00 8.90  ? 39  LEU A O     1 
ATOM   84   C  CB    . LEU A 1 10  ? 4.608   -7.772  0.235   1.00 8.75  ? 39  LEU A CB    1 
ATOM   85   C  CG    . LEU A 1 10  ? 4.068   -7.163  -1.084  1.00 8.52  ? 39  LEU A CG    1 
ATOM   86   C  CD1   . LEU A 1 10  ? 2.623   -6.783  -0.892  1.00 10.05 ? 39  LEU A CD1   1 
ATOM   87   C  CD2   . LEU A 1 10  ? 4.935   -5.931  -1.535  1.00 9.81  ? 39  LEU A CD2   1 
ATOM   88   N  N     . ASP A 1 11  ? 5.266   -11.004 0.054   1.00 9.50  ? 40  ASP A N     1 
ATOM   89   C  CA    . ASP A 1 11  ? 5.546   -12.182 -0.769  1.00 10.71 ? 40  ASP A CA    1 
ATOM   90   C  C     . ASP A 1 11  ? 4.335   -13.136 -0.722  1.00 10.22 ? 40  ASP A C     1 
ATOM   91   O  O     . ASP A 1 11  ? 3.943   -13.686 -1.761  1.00 11.88 ? 40  ASP A O     1 
ATOM   92   C  CB    . ASP A 1 11  ? 6.813   -12.850 -0.210  1.00 12.56 ? 40  ASP A CB    1 
ATOM   93   C  CG    . ASP A 1 11  ? 7.188   -14.103 -0.940  1.00 13.39 ? 40  ASP A CG    1 
ATOM   94   O  OD1   . ASP A 1 11  ? 7.144   -14.129 -2.176  1.00 10.83 ? 40  ASP A OD1   1 
ATOM   95   O  OD2   . ASP A 1 11  ? 7.556   -15.081 -0.242  1.00 15.39 ? 40  ASP A OD2   1 
ATOM   96   N  N     . GLU A 1 12  ? 3.714   -13.308 0.448   1.00 10.78 ? 41  GLU A N     1 
ATOM   97   C  CA    . GLU A 1 12  ? 2.557   -14.196 0.558   1.00 12.21 ? 41  GLU A CA    1 
ATOM   98   C  C     . GLU A 1 12  ? 1.421   -13.678 -0.305  1.00 9.87  ? 41  GLU A C     1 
ATOM   99   O  O     . GLU A 1 12  ? 0.723   -14.451 -0.972  1.00 11.62 ? 41  GLU A O     1 
ATOM   100  C  CB    . GLU A 1 12  ? 2.156   -14.305 2.045   1.00 12.91 ? 41  GLU A CB    1 
ATOM   101  C  CG    . GLU A 1 12  ? 3.055   -15.344 2.790   1.00 16.14 ? 41  GLU A CG    1 
ATOM   102  C  CD    . GLU A 1 12  ? 3.333   -15.055 4.260   1.00 26.14 ? 41  GLU A CD    1 
ATOM   103  O  OE1   . GLU A 1 12  ? 2.537   -14.351 4.920   1.00 23.31 ? 41  GLU A OE1   1 
ATOM   104  O  OE2   . GLU A 1 12  ? 4.375   -15.571 4.763   1.00 30.60 ? 41  GLU A OE2   1 
ATOM   105  N  N     . ILE A 1 13  ? 1.225   -12.354 -0.311  1.00 9.66  ? 42  ILE A N     1 
ATOM   106  C  CA    . ILE A 1 13  ? 0.153   -11.754 -1.136  1.00 7.97  ? 42  ILE A CA    1 
ATOM   107  C  C     . ILE A 1 13  ? 0.441   -11.909 -2.643  1.00 7.96  ? 42  ILE A C     1 
ATOM   108  O  O     . ILE A 1 13  ? -0.445  -12.180 -3.456  1.00 10.19 ? 42  ILE A O     1 
ATOM   109  C  CB    . ILE A 1 13  ? -0.069  -10.255 -0.737  1.00 7.82  ? 42  ILE A CB    1 
ATOM   110  C  CG1   . ILE A 1 13  ? -0.701  -10.212 0.667   1.00 12.23 ? 42  ILE A CG1   1 
ATOM   111  C  CG2   . ILE A 1 13  ? -1.020  -9.582  -1.770  1.00 10.70 ? 42  ILE A CG2   1 
ATOM   112  C  CD1   . ILE A 1 13  ? -0.715  -8.810  1.336   1.00 13.61 ? 42  ILE A CD1   1 
ATOM   113  N  N     . GLN A 1 14  ? 1.702   -11.775 -3.030  1.00 9.52  ? 43  GLN A N     1 
ATOM   114  C  CA    . GLN A 1 14  ? 2.047   -11.943 -4.426  1.00 9.75  ? 43  GLN A CA    1 
ATOM   115  C  C     . GLN A 1 14  ? 1.790   -13.405 -4.835  1.00 10.50 ? 43  GLN A C     1 
ATOM   116  O  O     . GLN A 1 14  ? 1.302   -13.668 -5.942  1.00 11.25 ? 43  GLN A O     1 
ATOM   117  C  CB    . GLN A 1 14  ? 3.520   -11.587 -4.634  1.00 10.59 ? 43  GLN A CB    1 
ATOM   118  C  CG    . GLN A 1 14  ? 4.086   -11.995 -5.986  1.00 10.42 ? 43  GLN A CG    1 
ATOM   119  C  CD    . GLN A 1 14  ? 3.674   -11.075 -7.162  1.00 13.54 ? 43  GLN A CD    1 
ATOM   120  O  OE1   . GLN A 1 14  ? 2.608   -10.458 -7.149  1.00 11.88 ? 43  GLN A OE1   1 
ATOM   121  N  NE2   . GLN A 1 14  ? 4.540   -10.988 -8.186  1.00 12.67 ? 43  GLN A NE2   1 
ATOM   122  N  N     . GLN A 1 15  ? 2.060   -14.327 -3.918  1.00 10.50 ? 44  GLN A N     1 
ATOM   123  C  CA    . GLN A 1 15  ? 1.835   -15.733 -4.215  1.00 13.86 ? 44  GLN A CA    1 
ATOM   124  C  C     . GLN A 1 15  ? 0.348   -16.027 -4.381  1.00 14.69 ? 44  GLN A C     1 
ATOM   125  O  O     . GLN A 1 15  ? -0.035  -16.822 -5.263  1.00 17.55 ? 44  GLN A O     1 
ATOM   126  C  CB    . GLN A 1 15  ? 2.430   -16.610 -3.099  1.00 14.10 ? 44  GLN A CB    1 
ATOM   127  C  CG    . GLN A 1 15  ? 3.916   -16.696 -3.167  1.00 16.65 ? 44  GLN A CG    1 
ATOM   128  C  CD    . GLN A 1 15  ? 4.481   -17.589 -2.104  1.00 18.52 ? 44  GLN A CD    1 
ATOM   129  O  OE1   . GLN A 1 15  ? 4.373   -18.817 -2.197  1.00 21.81 ? 44  GLN A OE1   1 
ATOM   130  N  NE2   . GLN A 1 15  ? 5.065   -16.994 -1.078  1.00 18.72 ? 44  GLN A NE2   1 
ATOM   131  N  N     . SER A 1 16  ? -0.493  -15.404 -3.562  1.00 12.97 ? 45  SER A N     1 
ATOM   132  C  CA    . SER A 1 16  ? -1.906  -15.668 -3.619  1.00 14.25 ? 45  SER A CA    1 
ATOM   133  C  C     . SER A 1 16  ? -2.658  -14.858 -4.681  1.00 14.54 ? 45  SER A C     1 
ATOM   134  O  O     . SER A 1 16  ? -3.654  -15.323 -5.261  1.00 15.85 ? 45  SER A O     1 
ATOM   135  C  CB    . SER A 1 16  ? -2.534  -15.420 -2.230  1.00 14.26 ? 45  SER A CB    1 
ATOM   136  O  OG    . SER A 1 16  ? -2.442  -14.062 -1.795  1.00 13.33 ? 45  SER A OG    1 
ATOM   137  N  N     . ASP A 1 17  ? -2.166  -13.667 -4.972  1.00 12.10 ? 46  ASP A N     1 
ATOM   138  C  CA    . ASP A 1 17  ? -2.902  -12.760 -5.841  1.00 13.97 ? 46  ASP A CA    1 
ATOM   139  C  C     . ASP A 1 17  ? -2.240  -12.243 -7.123  1.00 12.67 ? 46  ASP A C     1 
ATOM   140  O  O     . ASP A 1 17  ? -2.890  -11.574 -7.943  1.00 16.23 ? 46  ASP A O     1 
ATOM   141  C  CB    . ASP A 1 17  ? -3.408  -11.600 -4.974  1.00 11.70 ? 46  ASP A CB    1 
ATOM   142  C  CG    . ASP A 1 17  ? -4.463  -12.070 -3.945  1.00 14.66 ? 46  ASP A CG    1 
ATOM   143  O  OD1   . ASP A 1 17  ? -5.618  -12.346 -4.369  1.00 16.99 ? 46  ASP A OD1   1 
ATOM   144  O  OD2   . ASP A 1 17  ? -4.107  -12.202 -2.752  1.00 13.61 ? 46  ASP A OD2   1 
ATOM   145  N  N     . LYS A 1 18  ? -0.970  -12.562 -7.272  1.00 14.91 ? 47  LYS A N     1 
ATOM   146  C  CA    . LYS A 1 18  ? -0.208  -12.264 -8.480  1.00 13.90 ? 47  LYS A CA    1 
ATOM   147  C  C     . LYS A 1 18  ? -0.412  -10.827 -8.929  1.00 13.95 ? 47  LYS A C     1 
ATOM   148  O  O     . LYS A 1 18  ? -0.840  -10.579 -10.050 1.00 15.04 ? 47  LYS A O     1 
ATOM   149  C  CB    . LYS A 1 18  ? -0.666  -13.247 -9.561  1.00 18.21 ? 47  LYS A CB    1 
ATOM   150  C  CG    . LYS A 1 18  ? -0.534  -14.725 -9.118  1.00 22.43 ? 47  LYS A CG    1 
ATOM   151  C  CD    . LYS A 1 18  ? 0.756   -15.373 -9.621  1.00 25.97 ? 47  LYS A CD    1 
ATOM   152  C  CE    . LYS A 1 18  ? 1.769   -15.677 -8.531  1.00 27.43 ? 47  LYS A CE    1 
ATOM   153  N  NZ    . LYS A 1 18  ? 2.658   -14.503 -8.256  1.00 28.32 ? 47  LYS A NZ    1 
ATOM   154  N  N     . LEU A 1 19  ? -0.037  -9.887  -8.068  1.00 11.49 ? 48  LEU A N     1 
ATOM   155  C  CA    . LEU A 1 19  ? -0.234  -8.478  -8.348  1.00 9.48  ? 48  LEU A CA    1 
ATOM   156  C  C     . LEU A 1 19  ? 0.856   -7.794  -9.149  1.00 11.45 ? 48  LEU A C     1 
ATOM   157  O  O     . LEU A 1 19  ? 0.580   -6.848  -9.928  1.00 11.18 ? 48  LEU A O     1 
ATOM   158  C  CB    . LEU A 1 19  ? -0.347  -7.673  -7.042  1.00 11.46 ? 48  LEU A CB    1 
ATOM   159  C  CG    . LEU A 1 19  ? -1.373  -8.131  -6.004  1.00 11.59 ? 48  LEU A CG    1 
ATOM   160  C  CD1   . LEU A 1 19  ? -1.371  -7.176  -4.791  1.00 14.02 ? 48  LEU A CD1   1 
ATOM   161  C  CD2   . LEU A 1 19  ? -2.717  -8.189  -6.681  1.00 11.51 ? 48  LEU A CD2   1 
ATOM   162  N  N     . PHE A 1 20  ? 2.093   -8.228  -8.930  1.00 10.29 ? 49  PHE A N     1 
ATOM   163  C  CA    . PHE A 1 20  ? 3.231   -7.551  -9.521  1.00 8.15  ? 49  PHE A CA    1 
ATOM   164  C  C     . PHE A 1 20  ? 3.808   -8.246  -10.729 1.00 10.74 ? 49  PHE A C     1 
ATOM   165  O  O     . PHE A 1 20  ? 4.140   -9.451  -10.679 1.00 11.38 ? 49  PHE A O     1 
ATOM   166  C  CB    . PHE A 1 20  ? 4.300   -7.403  -8.447  1.00 7.36  ? 49  PHE A CB    1 
ATOM   167  C  CG    . PHE A 1 20  ? 3.792   -6.700  -7.213  1.00 7.97  ? 49  PHE A CG    1 
ATOM   168  C  CD1   . PHE A 1 20  ? 3.565   -7.420  -6.018  1.00 8.89  ? 49  PHE A CD1   1 
ATOM   169  C  CD2   . PHE A 1 20  ? 3.441   -5.348  -7.263  1.00 9.38  ? 49  PHE A CD2   1 
ATOM   170  C  CE1   . PHE A 1 20  ? 2.983   -6.736  -4.914  1.00 8.44  ? 49  PHE A CE1   1 
ATOM   171  C  CE2   . PHE A 1 20  ? 2.863   -4.676  -6.182  1.00 9.21  ? 49  PHE A CE2   1 
ATOM   172  C  CZ    . PHE A 1 20  ? 2.635   -5.380  -4.987  1.00 9.81  ? 49  PHE A CZ    1 
ATOM   173  N  N     . LYS A 1 21  ? 3.915   -7.492  -11.832 1.00 10.80 ? 50  LYS A N     1 
ATOM   174  C  CA    . LYS A 1 21  ? 4.425   -8.021  -13.093 1.00 10.43 ? 50  LYS A CA    1 
ATOM   175  C  C     . LYS A 1 21  ? 5.580   -7.167  -13.616 1.00 8.86  ? 50  LYS A C     1 
ATOM   176  O  O     . LYS A 1 21  ? 5.741   -6.013  -13.240 1.00 9.45  ? 50  LYS A O     1 
ATOM   177  C  CB    . LYS A 1 21  ? 3.315   -8.046  -14.159 1.00 10.97 ? 50  LYS A CB    1 
ATOM   178  C  CG    . LYS A 1 21  ? 2.068   -8.836  -13.730 1.00 16.30 ? 50  LYS A CG    1 
ATOM   179  C  CD    . LYS A 1 21  ? 2.284   -10.309 -13.817 1.00 20.92 ? 50  LYS A CD    1 
ATOM   180  C  CE    . LYS A 1 21  ? 1.072   -11.072 -13.226 1.00 27.84 ? 50  LYS A CE    1 
ATOM   181  N  NZ    . LYS A 1 21  ? -0.182  -10.746 -13.939 1.00 28.98 ? 50  LYS A NZ    1 
ATOM   182  N  N     . PRO A 1 22  ? 6.406   -7.744  -14.516 1.00 9.13  ? 51  PRO A N     1 
ATOM   183  C  CA    . PRO A 1 22  ? 7.547   -6.991  -15.055 1.00 8.74  ? 51  PRO A CA    1 
ATOM   184  C  C     . PRO A 1 22  ? 7.178   -5.618  -15.615 1.00 9.03  ? 51  PRO A C     1 
ATOM   185  O  O     . PRO A 1 22  ? 6.181   -5.489  -16.325 1.00 9.84  ? 51  PRO A O     1 
ATOM   186  C  CB    . PRO A 1 22  ? 8.080   -7.906  -16.153 1.00 11.36 ? 51  PRO A CB    1 
ATOM   187  C  CG    . PRO A 1 22  ? 7.794   -9.269  -15.563 1.00 10.76 ? 51  PRO A CG    1 
ATOM   188  C  CD    . PRO A 1 22  ? 6.399   -9.128  -14.993 1.00 10.95 ? 51  PRO A CD    1 
ATOM   189  N  N     . GLY A 1 23  ? 7.967   -4.607  -15.262 1.00 10.42 ? 52  GLY A N     1 
ATOM   190  C  CA    . GLY A 1 23  ? 7.807   -3.273  -15.821 1.00 10.20 ? 52  GLY A CA    1 
ATOM   191  C  C     . GLY A 1 23  ? 6.747   -2.348  -15.272 1.00 10.35 ? 52  GLY A C     1 
ATOM   192  O  O     . GLY A 1 23  ? 6.627   -1.195  -15.748 1.00 11.81 ? 52  GLY A O     1 
ATOM   193  N  N     . MET A 1 24  ? 5.973   -2.838  -14.320 1.00 10.34 ? 53  MET A N     1 
ATOM   194  C  CA    . MET A 1 24  ? 4.943   -1.986  -13.731 1.00 9.94  ? 53  MET A CA    1 
ATOM   195  C  C     . MET A 1 24  ? 5.512   -0.783  -12.987 1.00 9.99  ? 53  MET A C     1 
ATOM   196  O  O     . MET A 1 24  ? 6.671   -0.795  -12.545 1.00 10.53 ? 53  MET A O     1 
ATOM   197  C  CB    . MET A 1 24  ? 4.113   -2.791  -12.711 1.00 9.40  ? 53  MET A CB    1 
ATOM   198  C  CG    . MET A 1 24  ? 3.192   -3.791  -13.344 1.00 9.47  ? 53  MET A CG    1 
ATOM   199  S  SD    . MET A 1 24  ? 2.257   -4.611  -12.015 1.00 10.11 ? 53  MET A SD    1 
ATOM   200  C  CE    . MET A 1 24  ? 0.976   -5.271  -12.923 1.00 10.94 ? 53  MET A CE    1 
ATOM   201  N  N     . THR A 1 25  ? 4.662   0.242   -12.845 1.00 10.80 ? 54  THR A N     1 
ATOM   202  C  CA    . THR A 1 25  ? 4.928   1.416   -12.016 1.00 8.64  ? 54  THR A CA    1 
ATOM   203  C  C     . THR A 1 25  ? 4.018   1.242   -10.803 1.00 8.23  ? 54  THR A C     1 
ATOM   204  O  O     . THR A 1 25  ? 2.827   0.986   -10.942 1.00 9.98  ? 54  THR A O     1 
ATOM   205  C  CB    . THR A 1 25  ? 4.609   2.732   -12.745 1.00 9.83  ? 54  THR A CB    1 
ATOM   206  O  OG1   . THR A 1 25  ? 5.533   2.841   -13.844 1.00 11.97 ? 54  THR A OG1   1 
ATOM   207  C  CG2   . THR A 1 25  ? 4.827   3.917   -11.834 1.00 12.67 ? 54  THR A CG2   1 
ATOM   208  N  N     . VAL A 1 26  ? 4.608   1.376   -9.621  1.00 7.04  ? 55  VAL A N     1 
ATOM   209  C  CA    . VAL A 1 26  ? 3.881   1.093   -8.364  1.00 8.49  ? 55  VAL A CA    1 
ATOM   210  C  C     . VAL A 1 26  ? 4.073   2.246   -7.401  1.00 9.04  ? 55  VAL A C     1 
ATOM   211  O  O     . VAL A 1 26  ? 5.115   2.876   -7.421  1.00 9.14  ? 55  VAL A O     1 
ATOM   212  C  CB    . VAL A 1 26  ? 4.512   -0.188  -7.738  1.00 10.31 ? 55  VAL A CB    1 
ATOM   213  C  CG1   . VAL A 1 26  ? 3.906   -0.487  -6.354  1.00 9.70  ? 55  VAL A CG1   1 
ATOM   214  C  CG2   . VAL A 1 26  ? 4.324   -1.353  -8.735  1.00 11.97 ? 55  VAL A CG2   1 
ATOM   215  N  N     . VAL A 1 27  ? 3.041   2.530   -6.586  1.00 8.13  ? 56  VAL A N     1 
ATOM   216  C  CA    . VAL A 1 27  ? 3.092   3.552   -5.551  1.00 8.16  ? 56  VAL A CA    1 
ATOM   217  C  C     . VAL A 1 27  ? 3.097   2.768   -4.250  1.00 9.05  ? 56  VAL A C     1 
ATOM   218  O  O     . VAL A 1 27  ? 2.273   1.858   -4.081  1.00 8.41  ? 56  VAL A O     1 
ATOM   219  C  CB    . VAL A 1 27  ? 1.882   4.461   -5.608  1.00 9.49  ? 56  VAL A CB    1 
ATOM   220  C  CG1   . VAL A 1 27  ? 1.822   5.369   -4.370  1.00 10.61 ? 56  VAL A CG1   1 
ATOM   221  C  CG2   . VAL A 1 27  ? 2.013   5.333   -6.841  1.00 9.60  ? 56  VAL A CG2   1 
ATOM   222  N  N     . ASP A 1 28  ? 4.044   3.094   -3.360  1.00 8.77  ? 57  ASP A N     1 
ATOM   223  C  CA    . ASP A 1 28  ? 4.232   2.388   -2.062  1.00 8.75  ? 57  ASP A CA    1 
ATOM   224  C  C     . ASP A 1 28  ? 4.093   3.401   -0.949  1.00 7.30  ? 57  ASP A C     1 
ATOM   225  O  O     . ASP A 1 28  ? 4.968   4.242   -0.761  1.00 9.12  ? 57  ASP A O     1 
ATOM   226  C  CB    . ASP A 1 28  ? 5.636   1.752   -2.070  1.00 9.82  ? 57  ASP A CB    1 
ATOM   227  C  CG    . ASP A 1 28  ? 5.897   0.915   -0.825  1.00 11.08 ? 57  ASP A CG    1 
ATOM   228  O  OD1   . ASP A 1 28  ? 4.909   0.620   -0.106  1.00 9.78  ? 57  ASP A OD1   1 
ATOM   229  O  OD2   . ASP A 1 28  ? 7.083   0.533   -0.600  1.00 9.24  ? 57  ASP A OD2   1 
ATOM   230  N  N     . LEU A 1 29  ? 3.002   3.314   -0.189  1.00 8.88  ? 58  LEU A N     1 
ATOM   231  C  CA    . LEU A 1 29  ? 2.721   4.272   0.894   1.00 8.44  ? 58  LEU A CA    1 
ATOM   232  C  C     . LEU A 1 29  ? 3.094   3.650   2.246   1.00 9.67  ? 58  LEU A C     1 
ATOM   233  O  O     . LEU A 1 29  ? 2.781   2.468   2.463   1.00 10.92 ? 58  LEU A O     1 
ATOM   234  C  CB    . LEU A 1 29  ? 1.228   4.626   0.882   1.00 7.82  ? 58  LEU A CB    1 
ATOM   235  C  CG    . LEU A 1 29  ? 0.750   5.237   -0.447  1.00 8.80  ? 58  LEU A CG    1 
ATOM   236  C  CD1   . LEU A 1 29  ? -0.789  5.583   -0.349  1.00 11.04 ? 58  LEU A CD1   1 
ATOM   237  C  CD2   . LEU A 1 29  ? 1.586   6.484   -0.759  1.00 11.07 ? 58  LEU A CD2   1 
ATOM   238  N  N     . GLY A 1 30  ? 3.767   4.414   3.104   1.00 10.59 ? 59  GLY A N     1 
ATOM   239  C  CA    . GLY A 1 30  ? 4.240   3.916   4.415   1.00 8.97  ? 59  GLY A CA    1 
ATOM   240  C  C     . GLY A 1 30  ? 5.343   2.883   4.138   1.00 9.75  ? 59  GLY A C     1 
ATOM   241  O  O     . GLY A 1 30  ? 5.380   1.795   4.707   1.00 10.20 ? 59  GLY A O     1 
ATOM   242  N  N     . ALA A 1 31  ? 6.279   3.276   3.268   1.00 8.86  ? 60  ALA A N     1 
ATOM   243  C  CA    . ALA A 1 31  ? 7.317   2.386   2.765   1.00 8.69  ? 60  ALA A CA    1 
ATOM   244  C  C     . ALA A 1 31  ? 8.441   2.009   3.682   1.00 8.53  ? 60  ALA A C     1 
ATOM   245  O  O     . ALA A 1 31  ? 9.111   1.007   3.433   1.00 7.88  ? 60  ALA A O     1 
ATOM   246  C  CB    . ALA A 1 31  ? 7.994   3.007   1.530   1.00 7.42  ? 60  ALA A CB    1 
ATOM   247  N  N     . ALA A 1 32  ? 8.752   2.825   4.666   1.00 10.15 ? 61  ALA A N     1 
ATOM   248  C  CA    . ALA A 1 32  ? 9.922   2.550   5.514   1.00 10.55 ? 61  ALA A CA    1 
ATOM   249  C  C     . ALA A 1 32  ? 9.801   1.329   6.420   1.00 10.04 ? 61  ALA A C     1 
ATOM   250  O  O     . ALA A 1 32  ? 8.716   1.072   6.968   1.00 9.66  ? 61  ALA A O     1 
ATOM   251  C  CB    . ALA A 1 32  ? 10.255  3.777   6.327   1.00 11.50 ? 61  ALA A CB    1 
ATOM   252  N  N     . PRO A 1 33  ? 10.906  0.574   6.626   1.00 9.87  ? 62  PRO A N     1 
ATOM   253  C  CA    . PRO A 1 33  ? 12.271  0.749   6.096   1.00 10.38 ? 62  PRO A CA    1 
ATOM   254  C  C     . PRO A 1 33  ? 12.570  0.255   4.699   1.00 13.63 ? 62  PRO A C     1 
ATOM   255  O  O     . PRO A 1 33  ? 13.738  0.318   4.274   1.00 13.09 ? 62  PRO A O     1 
ATOM   256  C  CB    . PRO A 1 33  ? 13.158  0.037   7.164   1.00 10.88 ? 62  PRO A CB    1 
ATOM   257  C  CG    . PRO A 1 33  ? 12.294  -1.141  7.570   1.00 11.94 ? 62  PRO A CG    1 
ATOM   258  C  CD    . PRO A 1 33  ? 10.885  -0.449  7.695   1.00 13.25 ? 62  PRO A CD    1 
ATOM   259  N  N     . GLY A 1 34  ? 11.551  -0.240  3.998   1.00 10.77 ? 63  GLY A N     1 
ATOM   260  C  CA    . GLY A 1 34  ? 11.741  -0.624  2.608   1.00 10.17 ? 63  GLY A CA    1 
ATOM   261  C  C     . GLY A 1 34  ? 11.471  -2.048  2.170   1.00 8.55  ? 63  GLY A C     1 
ATOM   262  O  O     . GLY A 1 34  ? 11.821  -2.387  1.057   1.00 9.55  ? 63  GLY A O     1 
ATOM   263  N  N     . GLY A 1 35  ? 10.869  -2.882  3.014   1.00 8.44  ? 64  GLY A N     1 
ATOM   264  C  CA    . GLY A 1 35  ? 10.623  -4.250  2.632   1.00 8.47  ? 64  GLY A CA    1 
ATOM   265  C  C     . GLY A 1 35  ? 9.738   -4.452  1.424   1.00 7.61  ? 64  GLY A C     1 
ATOM   266  O  O     . GLY A 1 35  ? 10.021  -5.273  0.559   1.00 9.83  ? 64  GLY A O     1 
ATOM   267  N  N     . TRP A 1 36  ? 8.603   -3.753  1.413   1.00 7.50  ? 65  TRP A N     1 
ATOM   268  C  CA    . TRP A 1 36  ? 7.689   -3.890  0.300   1.00 8.85  ? 65  TRP A CA    1 
ATOM   269  C  C     . TRP A 1 36  ? 8.313   -3.396  -1.004  1.00 7.34  ? 65  TRP A C     1 
ATOM   270  O  O     . TRP A 1 36  ? 8.201   -4.078  -2.007  1.00 9.75  ? 65  TRP A O     1 
ATOM   271  C  CB    . TRP A 1 36  ? 6.401   -3.152  0.621   1.00 8.50  ? 65  TRP A CB    1 
ATOM   272  C  CG    . TRP A 1 36  ? 5.488   -3.946  1.509   1.00 7.53  ? 65  TRP A CG    1 
ATOM   273  C  CD1   . TRP A 1 36  ? 5.804   -4.974  2.366   1.00 9.09  ? 65  TRP A CD1   1 
ATOM   274  C  CD2   . TRP A 1 36  ? 4.060   -3.763  1.591   1.00 8.09  ? 65  TRP A CD2   1 
ATOM   275  N  NE1   . TRP A 1 36  ? 4.647   -5.453  2.971   1.00 8.82  ? 65  TRP A NE1   1 
ATOM   276  C  CE2   . TRP A 1 36  ? 3.568   -4.723  2.500   1.00 7.64  ? 65  TRP A CE2   1 
ATOM   277  C  CE3   . TRP A 1 36  ? 3.166   -2.881  0.949   1.00 10.56 ? 65  TRP A CE3   1 
ATOM   278  C  CZ2   . TRP A 1 36  ? 2.183   -4.835  2.798   1.00 9.01  ? 65  TRP A CZ2   1 
ATOM   279  C  CZ3   . TRP A 1 36  ? 1.793   -2.985  1.242   1.00 8.42  ? 65  TRP A CZ3   1 
ATOM   280  C  CH2   . TRP A 1 36  ? 1.323   -3.955  2.148   1.00 7.93  ? 65  TRP A CH2   1 
ATOM   281  N  N     . SER A 1 37  ? 8.995   -2.239  -0.983  1.00 9.13  ? 66  SER A N     1 
ATOM   282  C  CA    . SER A 1 37  ? 9.650   -1.786  -2.216  1.00 9.12  ? 66  SER A CA    1 
ATOM   283  C  C     . SER A 1 37  ? 10.750  -2.743  -2.640  1.00 8.18  ? 66  SER A C     1 
ATOM   284  O  O     . SER A 1 37  ? 10.857  -3.058  -3.828  1.00 10.17 ? 66  SER A O     1 
ATOM   285  C  CB    . SER A 1 37  ? 10.261  -0.382  -2.075  1.00 9.81  ? 66  SER A CB    1 
ATOM   286  O  OG    . SER A 1 37  ? 9.243   0.619   -2.148  1.00 9.75  ? 66  SER A OG    1 
ATOM   287  N  N     . GLN A 1 38  ? 11.551  -3.197  -1.684  1.00 8.36  ? 67  GLN A N     1 
ATOM   288  C  CA    . GLN A 1 38  ? 12.611  -4.185  -2.006  1.00 8.31  ? 67  GLN A CA    1 
ATOM   289  C  C     . GLN A 1 38  ? 11.947  -5.423  -2.650  1.00 10.45 ? 67  GLN A C     1 
ATOM   290  O  O     . GLN A 1 38  ? 12.445  -5.948  -3.683  1.00 10.72 ? 67  GLN A O     1 
ATOM   291  C  CB    . GLN A 1 38  ? 13.350  -4.563  -0.721  1.00 8.28  ? 67  GLN A CB    1 
ATOM   292  C  CG    . GLN A 1 38  ? 14.294  -5.736  -0.789  1.00 12.25 ? 67  GLN A CG    1 
ATOM   293  C  CD    . GLN A 1 38  ? 14.787  -6.139  0.588   1.00 11.08 ? 67  GLN A CD    1 
ATOM   294  O  OE1   . GLN A 1 38  ? 14.024  -6.101  1.590   1.00 13.23 ? 67  GLN A OE1   1 
ATOM   295  N  NE2   . GLN A 1 38  ? 16.060  -6.514  0.656   1.00 14.74 ? 67  GLN A NE2   1 
ATOM   296  N  N     . TYR A 1 39  ? 10.829  -5.911  -2.076  1.00 8.69  ? 68  TYR A N     1 
ATOM   297  C  CA    . TYR A 1 39  ? 10.180  -7.079  -2.670  1.00 8.78  ? 68  TYR A CA    1 
ATOM   298  C  C     . TYR A 1 39  ? 9.664   -6.769  -4.080  1.00 9.45  ? 68  TYR A C     1 
ATOM   299  O  O     . TYR A 1 39  ? 9.901   -7.536  -5.012  1.00 8.85  ? 68  TYR A O     1 
ATOM   300  C  CB    . TYR A 1 39  ? 8.999   -7.549  -1.784  1.00 8.64  ? 68  TYR A CB    1 
ATOM   301  C  CG    . TYR A 1 39  ? 8.384   -8.813  -2.319  1.00 8.11  ? 68  TYR A CG    1 
ATOM   302  C  CD1   . TYR A 1 39  ? 9.018   -10.055 -2.127  1.00 9.73  ? 68  TYR A CD1   1 
ATOM   303  C  CD2   . TYR A 1 39  ? 7.219   -8.765  -3.119  1.00 7.05  ? 68  TYR A CD2   1 
ATOM   304  C  CE1   . TYR A 1 39  ? 8.505   -11.199 -2.733  1.00 9.77  ? 68  TYR A CE1   1 
ATOM   305  C  CE2   . TYR A 1 39  ? 6.702   -9.898  -3.726  1.00 10.03 ? 68  TYR A CE2   1 
ATOM   306  C  CZ    . TYR A 1 39  ? 7.353   -11.114 -3.533  1.00 9.75  ? 68  TYR A CZ    1 
ATOM   307  O  OH    . TYR A 1 39  ? 6.858   -12.267 -4.069  1.00 10.70 ? 68  TYR A OH    1 
ATOM   308  N  N     . VAL A 1 40  ? 8.934   -5.662  -4.221  1.00 8.91  ? 69  VAL A N     1 
ATOM   309  C  CA    . VAL A 1 40  ? 8.372   -5.345  -5.525  1.00 7.83  ? 69  VAL A CA    1 
ATOM   310  C  C     . VAL A 1 40  ? 9.437   -5.194  -6.613  1.00 9.41  ? 69  VAL A C     1 
ATOM   311  O  O     . VAL A 1 40  ? 9.195   -5.614  -7.732  1.00 9.25  ? 69  VAL A O     1 
ATOM   312  C  CB    . VAL A 1 40  ? 7.421   -4.129  -5.400  1.00 7.09  ? 69  VAL A CB    1 
ATOM   313  C  CG1   . VAL A 1 40  ? 6.952   -3.662  -6.744  1.00 10.27 ? 69  VAL A CG1   1 
ATOM   314  C  CG2   . VAL A 1 40  ? 6.199   -4.521  -4.564  1.00 8.07  ? 69  VAL A CG2   1 
ATOM   315  N  N     . VAL A 1 41  ? 10.582  -4.596  -6.307  1.00 9.76  ? 70  VAL A N     1 
ATOM   316  C  CA    . VAL A 1 41  ? 11.634  -4.480  -7.331  1.00 9.56  ? 70  VAL A CA    1 
ATOM   317  C  C     . VAL A 1 41  ? 12.023  -5.891  -7.843  1.00 10.19 ? 70  VAL A C     1 
ATOM   318  O  O     . VAL A 1 41  ? 12.321  -6.043  -9.030  1.00 10.64 ? 70  VAL A O     1 
ATOM   319  C  CB    . VAL A 1 41  ? 12.876  -3.766  -6.752  1.00 9.38  ? 70  VAL A CB    1 
ATOM   320  C  CG1   . VAL A 1 41  ? 14.090  -3.983  -7.679  1.00 12.33 ? 70  VAL A CG1   1 
ATOM   321  C  CG2   . VAL A 1 41  ? 12.590  -2.261  -6.608  1.00 10.66 ? 70  VAL A CG2   1 
ATOM   322  N  N     . THR A 1 42  ? 12.011  -6.922  -6.997  1.00 9.68  ? 71  THR A N     1 
ATOM   323  C  CA    . THR A 1 42  ? 12.385  -8.256  -7.501  1.00 8.12  ? 71  THR A CA    1 
ATOM   324  C  C     . THR A 1 42  ? 11.354  -8.789  -8.505  1.00 10.00 ? 71  THR A C     1 
ATOM   325  O  O     . THR A 1 42  ? 11.662  -9.684  -9.295  1.00 10.78 ? 71  THR A O     1 
ATOM   326  C  CB    . THR A 1 42  ? 12.495  -9.336  -6.395  1.00 9.11  ? 71  THR A CB    1 
ATOM   327  O  OG1   . THR A 1 42  ? 11.186  -9.702  -5.894  1.00 10.55 ? 71  THR A OG1   1 
ATOM   328  C  CG2   . THR A 1 42  ? 13.420  -8.858  -5.259  1.00 9.46  ? 71  THR A CG2   1 
ATOM   329  N  N     . GLN A 1 43  ? 10.130  -8.278  -8.448  1.00 9.83  ? 72  GLN A N     1 
ATOM   330  C  CA    . GLN A 1 43  ? 9.064   -8.732  -9.324  1.00 8.20  ? 72  GLN A CA    1 
ATOM   331  C  C     . GLN A 1 43  ? 8.876   -7.869  -10.558 1.00 10.97 ? 72  GLN A C     1 
ATOM   332  O  O     . GLN A 1 43  ? 8.603   -8.402  -11.643 1.00 11.10 ? 72  GLN A O     1 
ATOM   333  C  CB    . GLN A 1 43  ? 7.722   -8.774  -8.547  1.00 10.78 ? 72  GLN A CB    1 
ATOM   334  C  CG    . GLN A 1 43  ? 7.770   -9.570  -7.256  1.00 8.72  ? 72  GLN A CG    1 
ATOM   335  C  CD    . GLN A 1 43  ? 8.076   -11.035 -7.535  1.00 11.36 ? 72  GLN A CD    1 
ATOM   336  O  OE1   . GLN A 1 43  ? 7.276   -11.711 -8.189  1.00 13.71 ? 72  GLN A OE1   1 
ATOM   337  N  NE2   . GLN A 1 43  ? 9.268   -11.521 -7.090  1.00 11.11 ? 72  GLN A NE2   1 
ATOM   338  N  N     . ILE A 1 44  ? 9.019   -6.544  -10.388 1.00 9.73  ? 73  ILE A N     1 
ATOM   339  C  CA    . ILE A 1 44  ? 8.822   -5.634  -11.532 1.00 9.73  ? 73  ILE A CA    1 
ATOM   340  C  C     . ILE A 1 44  ? 10.085  -5.475  -12.323 1.00 11.58 ? 73  ILE A C     1 
ATOM   341  O  O     . ILE A 1 44  ? 10.051  -4.992  -13.466 1.00 10.99 ? 73  ILE A O     1 
ATOM   342  C  CB    . ILE A 1 44  ? 8.262   -4.245  -11.138 1.00 10.48 ? 73  ILE A CB    1 
ATOM   343  C  CG1   . ILE A 1 44  ? 9.269   -3.458  -10.273 1.00 8.74  ? 73  ILE A CG1   1 
ATOM   344  C  CG2   . ILE A 1 44  ? 6.854   -4.411  -10.471 1.00 11.25 ? 73  ILE A CG2   1 
ATOM   345  C  CD1   . ILE A 1 44  ? 8.762   -2.048  -9.890  1.00 10.43 ? 73  ILE A CD1   1 
ATOM   346  N  N     . GLY A 1 45  ? 11.211  -5.892  -11.751 1.00 10.27 ? 74  GLY A N     1 
ATOM   347  C  CA    . GLY A 1 45  ? 12.468  -5.837  -12.483 1.00 13.02 ? 74  GLY A CA    1 
ATOM   348  C  C     . GLY A 1 45  ? 13.036  -4.458  -12.605 1.00 10.39 ? 74  GLY A C     1 
ATOM   349  O  O     . GLY A 1 45  ? 12.457  -3.457  -12.153 1.00 10.62 ? 74  GLY A O     1 
ATOM   350  N  N     . GLY A 1 46  ? 14.196  -4.369  -13.257 1.00 12.73 ? 75  GLY A N     1 
ATOM   351  C  CA    . GLY A 1 46  ? 14.866  -3.086  -13.391 1.00 12.86 ? 75  GLY A CA    1 
ATOM   352  C  C     . GLY A 1 46  ? 14.209  -2.046  -14.269 1.00 11.93 ? 75  GLY A C     1 
ATOM   353  O  O     . GLY A 1 46  ? 14.571  -0.865  -14.191 1.00 13.84 ? 75  GLY A O     1 
ATOM   354  N  N     . LYS A 1 47  ? 13.243  -2.466  -15.083 1.00 12.53 ? 76  LYS A N     1 
ATOM   355  C  CA    . LYS A 1 47  ? 12.579  -1.512  -15.947 1.00 13.08 ? 76  LYS A CA    1 
ATOM   356  C  C     . LYS A 1 47  ? 11.266  -1.033  -15.332 1.00 14.25 ? 76  LYS A C     1 
ATOM   357  O  O     . LYS A 1 47  ? 10.579  -0.211  -15.926 1.00 16.82 ? 76  LYS A O     1 
ATOM   358  C  CB    . LYS A 1 47  ? 12.369  -2.110  -17.338 1.00 11.00 ? 76  LYS A CB    1 
ATOM   359  C  CG    . LYS A 1 47  ? 13.722  -2.301  -18.080 1.00 14.49 ? 76  LYS A CG    1 
ATOM   360  C  CD    . LYS A 1 47  ? 13.501  -2.985  -19.435 1.00 14.83 ? 76  LYS A CD    1 
ATOM   361  C  CE    . LYS A 1 47  ? 14.826  -3.128  -20.182 1.00 17.68 ? 76  LYS A CE    1 
ATOM   362  N  NZ    . LYS A 1 47  ? 15.728  -4.007  -19.393 1.00 17.22 ? 76  LYS A NZ    1 
ATOM   363  N  N     . GLY A 1 48  ? 10.876  -1.577  -14.179 1.00 12.78 ? 77  GLY A N     1 
ATOM   364  C  CA    . GLY A 1 48  ? 9.683   -1.006  -13.543 1.00 11.87 ? 77  GLY A CA    1 
ATOM   365  C  C     . GLY A 1 48  ? 10.207  0.049   -12.555 1.00 10.27 ? 77  GLY A C     1 
ATOM   366  O  O     . GLY A 1 48  ? 11.426  0.279   -12.416 1.00 12.25 ? 77  GLY A O     1 
ATOM   367  N  N     . ARG A 1 49  ? 9.299   0.770   -11.907 1.00 10.71 ? 78  ARG A N     1 
ATOM   368  C  CA    . ARG A 1 49  ? 9.763   1.702   -10.885 1.00 10.60 ? 78  ARG A CA    1 
ATOM   369  C  C     . ARG A 1 49  ? 8.681   1.907   -9.824  1.00 9.11  ? 78  ARG A C     1 
ATOM   370  O  O     . ARG A 1 49  ? 7.521   1.558   -10.030 1.00 9.12  ? 78  ARG A O     1 
ATOM   371  C  CB    . ARG A 1 49  ? 10.213  3.031   -11.454 1.00 15.07 ? 78  ARG A CB    1 
ATOM   372  C  CG    . ARG A 1 49  ? 9.113   3.861   -11.934 1.00 14.52 ? 78  ARG A CG    1 
ATOM   373  C  CD    . ARG A 1 49  ? 9.728   5.191   -12.442 1.00 20.42 ? 78  ARG A CD    1 
ATOM   374  N  NE    . ARG A 1 49  ? 8.643   5.987   -12.934 1.00 13.52 ? 78  ARG A NE    1 
ATOM   375  C  CZ    . ARG A 1 49  ? 8.196   7.136   -12.409 1.00 10.47 ? 78  ARG A CZ    1 
ATOM   376  N  NH1   . ARG A 1 49  ? 8.744   7.706   -11.350 1.00 13.56 ? 78  ARG A NH1   1 
ATOM   377  N  NH2   . ARG A 1 49  ? 7.135   7.684   -12.965 1.00 13.49 ? 78  ARG A NH2   1 
ATOM   378  N  N     . ILE A 1 50  ? 9.115   2.380   -8.669  1.00 8.36  ? 79  ILE A N     1 
ATOM   379  C  CA    . ILE A 1 50  ? 8.218   2.624   -7.544  1.00 8.86  ? 79  ILE A CA    1 
ATOM   380  C  C     . ILE A 1 50  ? 8.358   4.066   -7.093  1.00 9.69  ? 79  ILE A C     1 
ATOM   381  O  O     . ILE A 1 50  ? 9.473   4.622   -7.143  1.00 9.80  ? 79  ILE A O     1 
ATOM   382  C  CB    . ILE A 1 50  ? 8.621   1.707   -6.384  1.00 8.47  ? 79  ILE A CB    1 
ATOM   383  C  CG1   . ILE A 1 50  ? 8.649   0.257   -6.889  1.00 8.78  ? 79  ILE A CG1   1 
ATOM   384  C  CG2   . ILE A 1 50  ? 7.636   1.860   -5.210  1.00 8.90  ? 79  ILE A CG2   1 
ATOM   385  C  CD1   . ILE A 1 50  ? 9.025   -0.864  -5.826  1.00 10.19 ? 79  ILE A CD1   1 
ATOM   386  N  N     . ILE A 1 51  ? 7.235   4.664   -6.710  1.00 8.69  ? 80  ILE A N     1 
ATOM   387  C  CA    . ILE A 1 51  ? 7.189   6.014   -6.132  1.00 7.95  ? 80  ILE A CA    1 
ATOM   388  C  C     . ILE A 1 51  ? 6.747   5.699   -4.683  1.00 10.74 ? 80  ILE A C     1 
ATOM   389  O  O     . ILE A 1 51  ? 5.635   5.188   -4.448  1.00 9.04  ? 80  ILE A O     1 
ATOM   390  C  CB    . ILE A 1 51  ? 6.199   6.977   -6.811  1.00 8.80  ? 80  ILE A CB    1 
ATOM   391  C  CG1   . ILE A 1 51  ? 6.597   7.244   -8.273  1.00 9.12  ? 80  ILE A CG1   1 
ATOM   392  C  CG2   . ILE A 1 51  ? 6.173   8.299   -5.982  1.00 10.72 ? 80  ILE A CG2   1 
ATOM   393  C  CD1   . ILE A 1 51  ? 6.072   6.172   -9.201  1.00 12.03 ? 80  ILE A CD1   1 
ATOM   394  N  N     . ALA A 1 52  ? 7.633   5.957   -3.724  1.00 9.04  ? 81  ALA A N     1 
ATOM   395  C  CA    . ALA A 1 52  ? 7.403   5.574   -2.333  1.00 10.68 ? 81  ALA A CA    1 
ATOM   396  C  C     . ALA A 1 52  ? 7.381   6.739   -1.383  1.00 10.77 ? 81  ALA A C     1 
ATOM   397  O  O     . ALA A 1 52  ? 7.999   7.780   -1.670  1.00 10.40 ? 81  ALA A O     1 
ATOM   398  C  CB    . ALA A 1 52  ? 8.508   4.585   -1.879  1.00 10.65 ? 81  ALA A CB    1 
ATOM   399  N  N     . CYS A 1 53  ? 6.724   6.543   -0.235  1.00 8.31  ? 82  CYS A N     1 
ATOM   400  C  CA    . CYS A 1 53  ? 6.585   7.611   0.764   1.00 9.78  ? 82  CYS A CA    1 
ATOM   401  C  C     . CYS A 1 53  ? 6.522   7.107   2.201   1.00 9.35  ? 82  CYS A C     1 
ATOM   402  O  O     . CYS A 1 53  ? 5.903   6.024   2.462   1.00 10.29 ? 82  CYS A O     1 
ATOM   403  C  CB    . CYS A 1 53  ? 5.276   8.378   0.520   1.00 11.40 ? 82  CYS A CB    1 
ATOM   404  S  SG    . CYS A 1 53  ? 4.808   9.566   1.844   1.00 14.09 ? 82  CYS A SG    1 
ATOM   405  N  N     . ASP A 1 54  ? 7.212   7.801   3.118   1.00 10.66 ? 83  ASP A N     1 
ATOM   406  C  CA    . ASP A 1 54  ? 7.070   7.496   4.547   1.00 10.73 ? 83  ASP A CA    1 
ATOM   407  C  C     . ASP A 1 54  ? 7.488   8.751   5.289   1.00 12.49 ? 83  ASP A C     1 
ATOM   408  O  O     . ASP A 1 54  ? 8.132   9.630   4.693   1.00 15.18 ? 83  ASP A O     1 
ATOM   409  C  CB    . ASP A 1 54  ? 7.980   6.322   5.017   1.00 8.60  ? 83  ASP A CB    1 
ATOM   410  C  CG    . ASP A 1 54  ? 7.500   5.673   6.305   1.00 12.54 ? 83  ASP A CG    1 
ATOM   411  O  OD1   . ASP A 1 54  ? 7.574   6.283   7.405   1.00 12.33 ? 83  ASP A OD1   1 
ATOM   412  O  OD2   . ASP A 1 54  ? 7.056   4.532   6.232   1.00 10.58 ? 83  ASP A OD2   1 
ATOM   413  N  N     . LEU A 1 55  ? 6.952   8.888   6.486   1.00 12.02 ? 84  LEU A N     1 
ATOM   414  C  CA    . LEU A 1 55  ? 7.352   9.961   7.425   1.00 15.78 ? 84  LEU A CA    1 
ATOM   415  C  C     . LEU A 1 55  ? 8.825   9.776   7.826   1.00 13.03 ? 84  LEU A C     1 
ATOM   416  O  O     . LEU A 1 55  ? 9.545   10.781  8.093   1.00 16.27 ? 84  LEU A O     1 
ATOM   417  C  CB    . LEU A 1 55  ? 6.514   9.888   8.709   1.00 16.71 ? 84  LEU A CB    1 
ATOM   418  C  CG    . LEU A 1 55  ? 5.146   10.529  8.861   1.00 21.99 ? 84  LEU A CG    1 
ATOM   419  C  CD1   . LEU A 1 55  ? 4.382   9.764   9.936   1.00 20.61 ? 84  LEU A CD1   1 
ATOM   420  C  CD2   . LEU A 1 55  ? 5.313   12.021  9.192   1.00 21.54 ? 84  LEU A CD2   1 
ATOM   421  N  N     . LEU A 1 56  ? 9.258   8.517   7.907   1.00 14.72 ? 85  LEU A N     1 
ATOM   422  C  CA    . LEU A 1 56  ? 10.635  8.159   8.297   1.00 15.66 ? 85  LEU A CA    1 
ATOM   423  C  C     . LEU A 1 56  ? 11.585  8.037   7.128   1.00 16.02 ? 85  LEU A C     1 
ATOM   424  O  O     . LEU A 1 56  ? 11.182  7.733   6.001   1.00 15.33 ? 85  LEU A O     1 
ATOM   425  C  CB    . LEU A 1 56  ? 10.659  6.805   9.028   1.00 13.87 ? 85  LEU A CB    1 
ATOM   426  C  CG    . LEU A 1 56  ? 9.850   6.729   10.324  1.00 15.78 ? 85  LEU A CG    1 
ATOM   427  C  CD1   . LEU A 1 56  ? 9.745   5.272   10.758  1.00 13.61 ? 85  LEU A CD1   1 
ATOM   428  C  CD2   . LEU A 1 56  ? 10.496  7.608   11.380  1.00 17.81 ? 85  LEU A CD2   1 
ATOM   429  N  N     . PRO A 1 57  ? 12.874  8.258   7.369   1.00 15.17 ? 86  PRO A N     1 
ATOM   430  C  CA    . PRO A 1 57  ? 13.773  8.110   6.224   1.00 16.48 ? 86  PRO A CA    1 
ATOM   431  C  C     . PRO A 1 57  ? 14.026  6.624   5.984   1.00 15.99 ? 86  PRO A C     1 
ATOM   432  O  O     . PRO A 1 57  ? 13.759  5.783   6.850   1.00 16.11 ? 86  PRO A O     1 
ATOM   433  C  CB    . PRO A 1 57  ? 15.053  8.805   6.703   1.00 16.60 ? 86  PRO A CB    1 
ATOM   434  C  CG    . PRO A 1 57  ? 15.037  8.524   8.201   1.00 16.02 ? 86  PRO A CG    1 
ATOM   435  C  CD    . PRO A 1 57  ? 13.590  8.704   8.588   1.00 17.65 ? 86  PRO A CD    1 
ATOM   436  N  N     . MET A 1 58  ? 14.517  6.280   4.782   1.00 16.16 ? 87  MET A N     1 
ATOM   437  C  CA    . MET A 1 58  ? 14.895  4.881   4.570   1.00 15.73 ? 87  MET A CA    1 
ATOM   438  C  C     . MET A 1 58  ? 16.031  4.829   3.563   1.00 15.62 ? 87  MET A C     1 
ATOM   439  O  O     . MET A 1 58  ? 16.306  5.811   2.878   1.00 16.94 ? 87  MET A O     1 
ATOM   440  C  CB    . MET A 1 58  ? 13.730  3.998   4.090   1.00 15.56 ? 87  MET A CB    1 
ATOM   441  C  CG    . MET A 1 58  ? 13.288  4.245   2.673   1.00 11.82 ? 87  MET A CG    1 
ATOM   442  S  SD    . MET A 1 58  ? 11.964  3.075   2.216   1.00 15.78 ? 87  MET A SD    1 
ATOM   443  C  CE    . MET A 1 58  ? 11.935  3.242   0.487   1.00 13.15 ? 87  MET A CE    1 
ATOM   444  N  N     . ASP A 1 59  ? 16.675  3.678   3.503   1.00 15.69 ? 88  ASP A N     1 
ATOM   445  C  CA    . ASP A 1 59  ? 17.797  3.515   2.583   1.00 16.76 ? 88  ASP A CA    1 
ATOM   446  C  C     . ASP A 1 59  ? 17.328  3.650   1.125   1.00 15.51 ? 88  ASP A C     1 
ATOM   447  O  O     . ASP A 1 59  ? 16.205  3.238   0.762   1.00 14.82 ? 88  ASP A O     1 
ATOM   448  C  CB    . ASP A 1 59  ? 18.446  2.133   2.785   1.00 17.45 ? 88  ASP A CB    1 
ATOM   449  C  CG    . ASP A 1 59  ? 19.456  2.093   3.935   1.00 21.10 ? 88  ASP A CG    1 
ATOM   450  O  OD1   . ASP A 1 59  ? 19.760  3.161   4.529   1.00 22.71 ? 88  ASP A OD1   1 
ATOM   451  O  OD2   . ASP A 1 59  ? 19.946  0.973   4.222   1.00 19.43 ? 88  ASP A OD2   1 
ATOM   452  N  N     . PRO A 1 60  ? 18.128  4.308   0.265   1.00 13.02 ? 89  PRO A N     1 
ATOM   453  C  CA    . PRO A 1 60  ? 17.673  4.395   -1.132  1.00 12.57 ? 89  PRO A CA    1 
ATOM   454  C  C     . PRO A 1 60  ? 17.714  3.006   -1.789  1.00 12.64 ? 89  PRO A C     1 
ATOM   455  O  O     . PRO A 1 60  ? 18.440  2.075   -1.355  1.00 14.82 ? 89  PRO A O     1 
ATOM   456  C  CB    . PRO A 1 60  ? 18.679  5.334   -1.807  1.00 17.93 ? 89  PRO A CB    1 
ATOM   457  C  CG    . PRO A 1 60  ? 19.813  5.436   -0.861  1.00 19.51 ? 89  PRO A CG    1 
ATOM   458  C  CD    . PRO A 1 60  ? 19.220  5.257   0.531   1.00 15.42 ? 89  PRO A CD    1 
ATOM   459  N  N     . ILE A 1 61  ? 16.861  2.850   -2.790  1.00 10.35 ? 90  ILE A N     1 
ATOM   460  C  CA    . ILE A 1 61  ? 16.764  1.614   -3.541  1.00 11.77 ? 90  ILE A CA    1 
ATOM   461  C  C     . ILE A 1 61  ? 16.722  2.029   -5.014  1.00 11.07 ? 90  ILE A C     1 
ATOM   462  O  O     . ILE A 1 61  ? 15.932  2.920   -5.409  1.00 13.35 ? 90  ILE A O     1 
ATOM   463  C  CB    . ILE A 1 61  ? 15.434  0.850   -3.202  1.00 12.87 ? 90  ILE A CB    1 
ATOM   464  C  CG1   . ILE A 1 61  ? 15.347  0.576   -1.700  1.00 12.86 ? 90  ILE A CG1   1 
ATOM   465  C  CG2   . ILE A 1 61  ? 15.322  -0.422  -4.043  1.00 12.99 ? 90  ILE A CG2   1 
ATOM   466  C  CD1   . ILE A 1 61  ? 14.087  -0.280  -1.334  1.00 13.66 ? 90  ILE A CD1   1 
ATOM   467  N  N     . VAL A 1 62  ? 17.596  1.428   -5.837  1.00 9.98  ? 91  VAL A N     1 
ATOM   468  C  CA    . VAL A 1 62  ? 17.557  1.749   -7.262  1.00 8.33  ? 91  VAL A CA    1 
ATOM   469  C  C     . VAL A 1 62  ? 16.212  1.340   -7.862  1.00 10.18 ? 91  VAL A C     1 
ATOM   470  O  O     . VAL A 1 62  ? 15.769  0.188   -7.721  1.00 11.74 ? 91  VAL A O     1 
ATOM   471  C  CB    . VAL A 1 62  ? 18.696  1.055   -8.008  1.00 8.74  ? 91  VAL A CB    1 
ATOM   472  C  CG1   . VAL A 1 62  ? 18.558  1.283   -9.516  1.00 13.66 ? 91  VAL A CG1   1 
ATOM   473  C  CG2   . VAL A 1 62  ? 20.039  1.622   -7.533  1.00 10.25 ? 91  VAL A CG2   1 
ATOM   474  N  N     . GLY A 1 63  ? 15.594  2.297   -8.528  1.00 10.27 ? 92  GLY A N     1 
ATOM   475  C  CA    . GLY A 1 63  ? 14.276  2.056   -9.110  1.00 10.23 ? 92  GLY A CA    1 
ATOM   476  C  C     . GLY A 1 63  ? 13.159  2.629   -8.255  1.00 10.47 ? 92  GLY A C     1 
ATOM   477  O  O     . GLY A 1 63  ? 11.995  2.527   -8.664  1.00 10.69 ? 92  GLY A O     1 
ATOM   478  N  N     . VAL A 1 64  ? 13.494  3.169   -7.076  1.00 10.38 ? 93  VAL A N     1 
ATOM   479  C  CA    . VAL A 1 64  ? 12.488  3.716   -6.158  1.00 9.71  ? 93  VAL A CA    1 
ATOM   480  C  C     . VAL A 1 64  ? 12.727  5.205   -5.956  1.00 11.20 ? 93  VAL A C     1 
ATOM   481  O  O     . VAL A 1 64  ? 13.809  5.604   -5.531  1.00 12.11 ? 93  VAL A O     1 
ATOM   482  C  CB    . VAL A 1 64  ? 12.581  3.035   -4.767  1.00 11.22 ? 93  VAL A CB    1 
ATOM   483  C  CG1   . VAL A 1 64  ? 11.520  3.637   -3.755  1.00 11.52 ? 93  VAL A CG1   1 
ATOM   484  C  CG2   . VAL A 1 64  ? 12.361  1.548   -4.947  1.00 12.23 ? 93  VAL A CG2   1 
ATOM   485  N  N     . ASP A 1 65  ? 11.705  6.006   -6.236  1.00 9.50  ? 94  ASP A N     1 
ATOM   486  C  CA    . ASP A 1 65  ? 11.758  7.430   -5.999  1.00 10.90 ? 94  ASP A CA    1 
ATOM   487  C  C     . ASP A 1 65  ? 11.086  7.557   -4.661  1.00 11.12 ? 94  ASP A C     1 
ATOM   488  O  O     . ASP A 1 65  ? 9.857   7.413   -4.542  1.00 11.51 ? 94  ASP A O     1 
ATOM   489  C  CB    . ASP A 1 65  ? 10.975  8.163   -7.080  1.00 9.55  ? 94  ASP A CB    1 
ATOM   490  C  CG    . ASP A 1 65  ? 11.668  8.083   -8.425  1.00 12.00 ? 94  ASP A CG    1 
ATOM   491  O  OD1   . ASP A 1 65  ? 12.896  7.842   -8.466  1.00 16.86 ? 94  ASP A OD1   1 
ATOM   492  O  OD2   . ASP A 1 65  ? 10.977  8.268   -9.427  1.00 13.42 ? 94  ASP A OD2   1 
ATOM   493  N  N     . PHE A 1 66  ? 11.905  7.835   -3.645  1.00 9.90  ? 95  PHE A N     1 
ATOM   494  C  CA    . PHE A 1 66  ? 11.401  7.931   -2.267  1.00 13.69 ? 95  PHE A CA    1 
ATOM   495  C  C     . PHE A 1 66  ? 11.279  9.363   -1.758  1.00 12.62 ? 95  PHE A C     1 
ATOM   496  O  O     . PHE A 1 66  ? 12.270  10.117  -1.823  1.00 13.30 ? 95  PHE A O     1 
ATOM   497  C  CB    . PHE A 1 66  ? 12.344  7.199   -1.307  1.00 12.36 ? 95  PHE A CB    1 
ATOM   498  C  CG    . PHE A 1 66  ? 11.907  7.278   0.111   1.00 11.10 ? 95  PHE A CG    1 
ATOM   499  C  CD1   . PHE A 1 66  ? 10.796  6.569   0.543   1.00 11.91 ? 95  PHE A CD1   1 
ATOM   500  C  CD2   . PHE A 1 66  ? 12.589  8.100   1.021   1.00 14.29 ? 95  PHE A CD2   1 
ATOM   501  C  CE1   . PHE A 1 66  ? 10.338  6.661   1.888   1.00 12.18 ? 95  PHE A CE1   1 
ATOM   502  C  CE2   . PHE A 1 66  ? 12.148  8.212   2.363   1.00 14.85 ? 95  PHE A CE2   1 
ATOM   503  C  CZ    . PHE A 1 66  ? 11.024  7.499   2.812   1.00 12.79 ? 95  PHE A CZ    1 
ATOM   504  N  N     . LEU A 1 67  ? 10.105  9.724   -1.254  1.00 13.84 ? 96  LEU A N     1 
ATOM   505  C  CA    . LEU A 1 67  ? 9.833   11.053  -0.717  1.00 17.53 ? 96  LEU A CA    1 
ATOM   506  C  C     . LEU A 1 67  ? 9.477   10.925  0.749   1.00 17.40 ? 96  LEU A C     1 
ATOM   507  O  O     . LEU A 1 67  ? 8.531   10.193  1.130   1.00 19.95 ? 96  LEU A O     1 
ATOM   508  C  CB    . LEU A 1 67  ? 8.660   11.720  -1.420  1.00 18.83 ? 96  LEU A CB    1 
ATOM   509  C  CG    . LEU A 1 67  ? 8.574   11.812  -2.947  1.00 24.01 ? 96  LEU A CG    1 
ATOM   510  C  CD1   . LEU A 1 67  ? 8.050   13.223  -3.211  1.00 22.49 ? 96  LEU A CD1   1 
ATOM   511  C  CD2   . LEU A 1 67  ? 9.908   11.608  -3.664  1.00 26.78 ? 96  LEU A CD2   1 
ATOM   512  N  N     . GLN A 1 68  ? 10.203  11.632  1.591   1.00 16.02 ? 97  GLN A N     1 
ATOM   513  C  CA    . GLN A 1 68  ? 9.976   11.561  3.029   1.00 17.72 ? 97  GLN A CA    1 
ATOM   514  C  C     . GLN A 1 68  ? 9.118   12.730  3.482   1.00 16.26 ? 97  GLN A C     1 
ATOM   515  O  O     . GLN A 1 68  ? 9.539   13.858  3.433   1.00 19.05 ? 97  GLN A O     1 
ATOM   516  C  CB    . GLN A 1 68  ? 11.305  11.591  3.787   1.00 17.93 ? 97  GLN A CB    1 
ATOM   517  C  CG    . GLN A 1 68  ? 11.132  11.422  5.274   1.00 20.53 ? 97  GLN A CG    1 
ATOM   518  C  CD    . GLN A 1 68  ? 12.426  11.628  6.023   1.00 22.99 ? 97  GLN A CD    1 
ATOM   519  O  OE1   . GLN A 1 68  ? 13.490  11.667  5.418   1.00 23.48 ? 97  GLN A OE1   1 
ATOM   520  N  NE2   . GLN A 1 68  ? 12.349  11.736  7.351   1.00 23.20 ? 97  GLN A NE2   1 
ATOM   521  N  N     . GLY A 1 69  ? 7.914   12.430  3.946   1.00 17.77 ? 98  GLY A N     1 
ATOM   522  C  CA    . GLY A 1 69  ? 7.027   13.477  4.423   1.00 17.84 ? 98  GLY A CA    1 
ATOM   523  C  C     . GLY A 1 69  ? 5.781   12.836  4.969   1.00 18.11 ? 98  GLY A C     1 
ATOM   524  O  O     . GLY A 1 69  ? 5.592   11.591  4.869   1.00 16.90 ? 98  GLY A O     1 
ATOM   525  N  N     . ASP A 1 70  ? 4.943   13.686  5.559   1.00 15.65 ? 99  ASP A N     1 
ATOM   526  C  CA    . ASP A 1 70  ? 3.680   13.280  6.145   1.00 14.34 ? 99  ASP A CA    1 
ATOM   527  C  C     . ASP A 1 70  ? 2.635   13.196  5.029   1.00 14.51 ? 99  ASP A C     1 
ATOM   528  O  O     . ASP A 1 70  ? 2.276   14.195  4.383   1.00 15.48 ? 99  ASP A O     1 
ATOM   529  C  CB    . ASP A 1 70  ? 3.278   14.313  7.192   1.00 17.36 ? 99  ASP A CB    1 
ATOM   530  C  CG    . ASP A 1 70  ? 2.178   13.833  8.081   1.00 17.98 ? 99  ASP A CG    1 
ATOM   531  O  OD1   . ASP A 1 70  ? 1.373   12.986  7.638   1.00 13.84 ? 99  ASP A OD1   1 
ATOM   532  O  OD2   . ASP A 1 70  ? 2.112   14.329  9.233   1.00 18.67 ? 99  ASP A OD2   1 
ATOM   533  N  N     . PHE A 1 71  ? 2.135   11.981  4.786   1.00 12.83 ? 100 PHE A N     1 
ATOM   534  C  CA    . PHE A 1 71  ? 1.179   11.796  3.695   1.00 12.19 ? 100 PHE A CA    1 
ATOM   535  C  C     . PHE A 1 71  ? -0.144  12.517  3.928   1.00 16.06 ? 100 PHE A C     1 
ATOM   536  O  O     . PHE A 1 71  ? -0.923  12.748  2.992   1.00 17.15 ? 100 PHE A O     1 
ATOM   537  C  CB    . PHE A 1 71  ? 0.954   10.302  3.513   1.00 13.00 ? 100 PHE A CB    1 
ATOM   538  C  CG    . PHE A 1 71  ? 0.145   9.948   2.302   1.00 14.05 ? 100 PHE A CG    1 
ATOM   539  C  CD1   . PHE A 1 71  ? 0.635   10.152  1.007   1.00 16.23 ? 100 PHE A CD1   1 
ATOM   540  C  CD2   . PHE A 1 71  ? -1.115  9.385   2.464   1.00 14.96 ? 100 PHE A CD2   1 
ATOM   541  C  CE1   . PHE A 1 71  ? -0.145  9.783   -0.108  1.00 18.26 ? 100 PHE A CE1   1 
ATOM   542  C  CE2   . PHE A 1 71  ? -1.894  9.017   1.362   1.00 16.93 ? 100 PHE A CE2   1 
ATOM   543  C  CZ    . PHE A 1 71  ? -1.411  9.215   0.073   1.00 15.18 ? 100 PHE A CZ    1 
ATOM   544  N  N     . ARG A 1 72  ? -0.378  12.915  5.175   1.00 16.61 ? 101 ARG A N     1 
ATOM   545  C  CA    . ARG A 1 72  ? -1.610  13.643  5.514   1.00 20.09 ? 101 ARG A CA    1 
ATOM   546  C  C     . ARG A 1 72  ? -1.572  15.078  4.962   1.00 21.27 ? 101 ARG A C     1 
ATOM   547  O  O     . ARG A 1 72  ? -2.590  15.759  4.890   1.00 23.21 ? 101 ARG A O     1 
ATOM   548  C  CB    . ARG A 1 72  ? -1.786  13.634  7.044   1.00 18.07 ? 101 ARG A CB    1 
ATOM   549  C  CG    . ARG A 1 72  ? -2.125  12.229  7.594   1.00 17.73 ? 101 ARG A CG    1 
ATOM   550  C  CD    . ARG A 1 72  ? -2.078  12.113  9.123   1.00 20.70 ? 101 ARG A CD    1 
ATOM   551  N  NE    . ARG A 1 72  ? -0.757  12.453  9.661   1.00 23.30 ? 101 ARG A NE    1 
ATOM   552  C  CZ    . ARG A 1 72  ? -0.464  12.503  10.964  1.00 26.28 ? 101 ARG A CZ    1 
ATOM   553  N  NH1   . ARG A 1 72  ? 0.765   12.818  11.354  1.00 26.51 ? 101 ARG A NH1   1 
ATOM   554  N  NH2   . ARG A 1 72  ? -1.405  12.247  11.881  1.00 24.33 ? 101 ARG A NH2   1 
ATOM   555  N  N     . ASP A 1 73  ? -0.381  15.526  4.576   1.00 20.85 ? 102 ASP A N     1 
ATOM   556  C  CA    . ASP A 1 73  ? -0.203  16.878  4.055   1.00 23.40 ? 102 ASP A CA    1 
ATOM   557  C  C     . ASP A 1 73  ? -0.464  16.973  2.563   1.00 24.98 ? 102 ASP A C     1 
ATOM   558  O  O     . ASP A 1 73  ? 0.164   16.269  1.746   1.00 22.55 ? 102 ASP A O     1 
ATOM   559  C  CB    . ASP A 1 73  ? 1.209   17.348  4.381   1.00 24.28 ? 102 ASP A CB    1 
ATOM   560  C  CG    . ASP A 1 73  ? 1.469   18.783  3.956   1.00 27.37 ? 102 ASP A CG    1 
ATOM   561  O  OD1   . ASP A 1 73  ? 0.671   19.362  3.171   1.00 30.96 ? 102 ASP A OD1   1 
ATOM   562  O  OD2   . ASP A 1 73  ? 2.492   19.320  4.412   1.00 31.82 ? 102 ASP A OD2   1 
ATOM   563  N  N     . GLU A 1 74  ? -1.391  17.853  2.197   1.00 25.67 ? 103 GLU A N     1 
ATOM   564  C  CA    . GLU A 1 74  ? -1.742  18.054  0.795   1.00 29.12 ? 103 GLU A CA    1 
ATOM   565  C  C     . GLU A 1 74  ? -0.503  18.315  -0.054  1.00 28.53 ? 103 GLU A C     1 
ATOM   566  O  O     . GLU A 1 74  ? -0.429  17.923  -1.225  1.00 29.01 ? 103 GLU A O     1 
ATOM   567  C  CB    . GLU A 1 74  ? -2.695  19.251  0.664   1.00 29.48 ? 103 GLU A CB    1 
ATOM   568  C  CG    . GLU A 1 74  ? -3.658  19.010  -0.353  1.00 37.23 ? 103 GLU A CG    1 
ATOM   569  N  N     . LEU A 1 75  ? 0.467   19.000  0.537   1.00 27.80 ? 104 LEU A N     1 
ATOM   570  C  CA    . LEU A 1 75  ? 1.703   19.349  -0.152  1.00 28.62 ? 104 LEU A CA    1 
ATOM   571  C  C     . LEU A 1 75  ? 2.513   18.130  -0.583  1.00 27.98 ? 104 LEU A C     1 
ATOM   572  O  O     . LEU A 1 75  ? 3.032   18.064  -1.694  1.00 28.92 ? 104 LEU A O     1 
ATOM   573  C  CB    . LEU A 1 75  ? 2.536   20.265  0.756   1.00 29.64 ? 104 LEU A CB    1 
ATOM   574  C  CG    . LEU A 1 75  ? 1.824   21.627  0.870   1.00 31.06 ? 104 LEU A CG    1 
ATOM   575  C  CD1   . LEU A 1 75  ? 2.326   22.484  2.055   1.00 31.27 ? 104 LEU A CD1   1 
ATOM   576  C  CD2   . LEU A 1 75  ? 2.035   22.340  -0.451  1.00 31.78 ? 104 LEU A CD2   1 
ATOM   577  N  N     . VAL A 1 76  ? 2.617   17.162  0.311   1.00 24.64 ? 105 VAL A N     1 
ATOM   578  C  CA    . VAL A 1 76  ? 3.345   15.932  0.039   1.00 22.76 ? 105 VAL A CA    1 
ATOM   579  C  C     . VAL A 1 76  ? 2.656   15.197  -1.124  1.00 22.64 ? 105 VAL A C     1 
ATOM   580  O  O     . VAL A 1 76  ? 3.320   14.587  -1.968  1.00 19.76 ? 105 VAL A O     1 
ATOM   581  C  CB    . VAL A 1 76  ? 3.390   15.073  1.341   1.00 20.18 ? 105 VAL A CB    1 
ATOM   582  C  CG1   . VAL A 1 76  ? 3.828   13.632  1.065   1.00 20.78 ? 105 VAL A CG1   1 
ATOM   583  C  CG2   . VAL A 1 76  ? 4.353   15.723  2.310   1.00 18.75 ? 105 VAL A CG2   1 
ATOM   584  N  N     . MET A 1 77  ? 1.325   15.270  -1.189  1.00 23.61 ? 106 MET A N     1 
ATOM   585  C  CA    . MET A 1 77  ? 0.608   14.627  -2.292  1.00 26.97 ? 106 MET A CA    1 
ATOM   586  C  C     . MET A 1 77  ? 1.137   15.205  -3.581  1.00 28.47 ? 106 MET A C     1 
ATOM   587  O  O     . MET A 1 77  ? 1.578   14.470  -4.482  1.00 32.12 ? 106 MET A O     1 
ATOM   588  C  CB    . MET A 1 77  ? -0.907  14.900  -2.229  1.00 27.82 ? 106 MET A CB    1 
ATOM   589  C  CG    . MET A 1 77  ? -1.632  14.427  -3.493  1.00 27.25 ? 106 MET A CG    1 
ATOM   590  S  SD    . MET A 1 77  ? -1.160  12.703  -3.847  1.00 33.69 ? 106 MET A SD    1 
ATOM   591  C  CE    . MET A 1 77  ? -1.812  11.856  -2.355  1.00 29.96 ? 106 MET A CE    1 
ATOM   592  N  N     . LYS A 1 78  ? 1.091   16.526  -3.672  1.00 29.00 ? 107 LYS A N     1 
ATOM   593  C  CA    . LYS A 1 78  ? 1.566   17.248  -4.853  1.00 28.85 ? 107 LYS A CA    1 
ATOM   594  C  C     . LYS A 1 78  ? 2.938   16.768  -5.312  1.00 27.29 ? 107 LYS A C     1 
ATOM   595  O  O     . LYS A 1 78  ? 3.155   16.505  -6.506  1.00 29.15 ? 107 LYS A O     1 
ATOM   596  C  CB    . LYS A 1 78  ? 1.621   18.753  -4.559  1.00 28.82 ? 107 LYS A CB    1 
ATOM   597  N  N     . ALA A 1 79  ? 3.864   16.642  -4.367  1.00 24.34 ? 108 ALA A N     1 
ATOM   598  C  CA    . ALA A 1 79  ? 5.209   16.225  -4.699  1.00 20.77 ? 108 ALA A CA    1 
ATOM   599  C  C     . ALA A 1 79  ? 5.220   14.763  -5.161  1.00 19.50 ? 108 ALA A C     1 
ATOM   600  O  O     . ALA A 1 79  ? 6.003   14.400  -6.025  1.00 19.37 ? 108 ALA A O     1 
ATOM   601  C  CB    . ALA A 1 79  ? 6.121   16.412  -3.521  1.00 21.50 ? 108 ALA A CB    1 
ATOM   602  N  N     . LEU A 1 80  ? 4.384   13.914  -4.585  1.00 18.29 ? 109 LEU A N     1 
ATOM   603  C  CA    . LEU A 1 80  ? 4.354   12.509  -5.030  1.00 18.51 ? 109 LEU A CA    1 
ATOM   604  C  C     . LEU A 1 80  ? 3.834   12.446  -6.475  1.00 18.78 ? 109 LEU A C     1 
ATOM   605  O  O     . LEU A 1 80  ? 4.354   11.695  -7.332  1.00 18.25 ? 109 LEU A O     1 
ATOM   606  C  CB    . LEU A 1 80  ? 3.448   11.660  -4.104  1.00 18.42 ? 109 LEU A CB    1 
ATOM   607  C  CG    . LEU A 1 80  ? 4.004   11.385  -2.686  1.00 17.45 ? 109 LEU A CG    1 
ATOM   608  C  CD1   . LEU A 1 80  ? 2.952   10.782  -1.836  1.00 19.43 ? 109 LEU A CD1   1 
ATOM   609  C  CD2   . LEU A 1 80  ? 5.219   10.469  -2.737  1.00 18.34 ? 109 LEU A CD2   1 
ATOM   610  N  N     . LEU A 1 81  ? 2.809   13.239  -6.759  1.00 20.01 ? 110 LEU A N     1 
ATOM   611  C  CA    . LEU A 1 81  ? 2.246   13.250  -8.113  1.00 21.08 ? 110 LEU A CA    1 
ATOM   612  C  C     . LEU A 1 81  ? 3.281   13.718  -9.121  1.00 19.91 ? 110 LEU A C     1 
ATOM   613  O  O     . LEU A 1 81  ? 3.233   13.316  -10.296 1.00 22.49 ? 110 LEU A O     1 
ATOM   614  C  CB    . LEU A 1 81  ? 0.991   14.128  -8.176  1.00 22.73 ? 110 LEU A CB    1 
ATOM   615  C  CG    . LEU A 1 81  ? -0.162  13.591  -7.316  1.00 26.26 ? 110 LEU A CG    1 
ATOM   616  C  CD1   . LEU A 1 81  ? -1.435  14.418  -7.564  1.00 26.68 ? 110 LEU A CD1   1 
ATOM   617  C  CD2   . LEU A 1 81  ? -0.409  12.120  -7.668  1.00 24.26 ? 110 LEU A CD2   1 
ATOM   618  N  N     . GLU A 1 82  ? 4.204   14.565  -8.681  1.00 16.85 ? 111 GLU A N     1 
ATOM   619  C  CA    . GLU A 1 82  ? 5.270   15.045  -9.545  1.00 19.75 ? 111 GLU A CA    1 
ATOM   620  C  C     . GLU A 1 82  ? 6.226   13.921  -9.957  1.00 16.09 ? 111 GLU A C     1 
ATOM   621  O  O     . GLU A 1 82  ? 6.899   14.020  -10.978 1.00 16.48 ? 111 GLU A O     1 
ATOM   622  C  CB    . GLU A 1 82  ? 6.075   16.142  -8.849  1.00 20.21 ? 111 GLU A CB    1 
ATOM   623  C  CG    . GLU A 1 82  ? 5.328   17.444  -8.723  1.00 24.55 ? 111 GLU A CG    1 
ATOM   624  C  CD    . GLU A 1 82  ? 6.158   18.518  -8.015  1.00 22.16 ? 111 GLU A CD    1 
ATOM   625  O  OE1   . GLU A 1 82  ? 7.197   18.190  -7.367  1.00 26.69 ? 111 GLU A OE1   1 
ATOM   626  O  OE2   . GLU A 1 82  ? 5.754   19.702  -8.111  1.00 29.70 ? 111 GLU A OE2   1 
ATOM   627  N  N     . ARG A 1 83  ? 6.339   12.870  -9.138  1.00 15.08 ? 112 ARG A N     1 
ATOM   628  C  CA    . ARG A 1 83  ? 7.244   11.771  -9.477  1.00 14.50 ? 112 ARG A CA    1 
ATOM   629  C  C     . ARG A 1 83  ? 6.496   10.763  -10.356 1.00 12.34 ? 112 ARG A C     1 
ATOM   630  O  O     . ARG A 1 83  ? 7.085   10.098  -11.188 1.00 11.70 ? 112 ARG A O     1 
ATOM   631  C  CB    . ARG A 1 83  ? 7.739   11.079  -8.214  1.00 14.01 ? 112 ARG A CB    1 
ATOM   632  C  CG    . ARG A 1 83  ? 8.998   11.670  -7.667  1.00 20.80 ? 112 ARG A CG    1 
ATOM   633  C  CD    . ARG A 1 83  ? 8.710   12.940  -6.975  1.00 20.64 ? 112 ARG A CD    1 
ATOM   634  N  NE    . ARG A 1 83  ? 9.852   13.408  -6.181  1.00 20.03 ? 112 ARG A NE    1 
ATOM   635  C  CZ    . ARG A 1 83  ? 9.867   14.604  -5.607  1.00 19.19 ? 112 ARG A CZ    1 
ATOM   636  N  NH1   . ARG A 1 83  ? 8.801   15.394  -5.740  1.00 18.56 ? 112 ARG A NH1   1 
ATOM   637  N  NH2   . ARG A 1 83  ? 10.955  15.025  -4.967  1.00 18.51 ? 112 ARG A NH2   1 
ATOM   638  N  N     . VAL A 1 84  ? 5.196   10.645  -10.175 1.00 13.31 ? 113 VAL A N     1 
ATOM   639  C  CA    . VAL A 1 84  ? 4.423   9.742   -11.008 1.00 10.11 ? 113 VAL A CA    1 
ATOM   640  C  C     . VAL A 1 84  ? 4.350   10.307  -12.452 1.00 12.13 ? 113 VAL A C     1 
ATOM   641  O  O     . VAL A 1 84  ? 4.581   9.584   -13.429 1.00 12.93 ? 113 VAL A O     1 
ATOM   642  C  CB    . VAL A 1 84  ? 2.998   9.547   -10.440 1.00 13.93 ? 113 VAL A CB    1 
ATOM   643  C  CG1   . VAL A 1 84  ? 2.217   8.638   -11.360 1.00 12.75 ? 113 VAL A CG1   1 
ATOM   644  C  CG2   . VAL A 1 84  ? 3.078   8.888   -9.030  1.00 15.66 ? 113 VAL A CG2   1 
ATOM   645  N  N     . GLY A 1 85  ? 4.056   11.602  -12.573 1.00 11.15 ? 114 GLY A N     1 
ATOM   646  C  CA    . GLY A 1 85  ? 3.977   12.195  -13.892 1.00 12.98 ? 114 GLY A CA    1 
ATOM   647  C  C     . GLY A 1 85  ? 2.892   11.507  -14.720 1.00 12.90 ? 114 GLY A C     1 
ATOM   648  O  O     . GLY A 1 85  ? 1.802   11.199  -14.177 1.00 14.41 ? 114 GLY A O     1 
ATOM   649  N  N     . ASP A 1 86  ? 3.154   11.293  -16.011 1.00 13.57 ? 115 ASP A N     1 
ATOM   650  C  CA    . ASP A 1 86  ? 2.199   10.612  -16.889 1.00 14.04 ? 115 ASP A CA    1 
ATOM   651  C  C     . ASP A 1 86  ? 2.411   9.103   -16.903 1.00 15.36 ? 115 ASP A C     1 
ATOM   652  O  O     . ASP A 1 86  ? 1.790   8.416   -17.699 1.00 17.48 ? 115 ASP A O     1 
ATOM   653  C  CB    . ASP A 1 86  ? 2.284   11.133  -18.334 1.00 16.06 ? 115 ASP A CB    1 
ATOM   654  C  CG    . ASP A 1 86  ? 1.803   12.561  -18.461 1.00 20.74 ? 115 ASP A CG    1 
ATOM   655  O  OD1   . ASP A 1 86  ? 0.839   12.942  -17.749 1.00 25.30 ? 115 ASP A OD1   1 
ATOM   656  O  OD2   . ASP A 1 86  ? 2.364   13.298  -19.285 1.00 21.41 ? 115 ASP A OD2   1 
ATOM   657  N  N     . SER A 1 87  ? 3.278   8.582   -16.038 1.00 12.83 ? 116 SER A N     1 
ATOM   658  C  CA    . SER A 1 87  ? 3.430   7.117   -16.009 1.00 13.84 ? 116 SER A CA    1 
ATOM   659  C  C     . SER A 1 87  ? 2.109   6.484   -15.555 1.00 14.52 ? 116 SER A C     1 
ATOM   660  O  O     . SER A 1 87  ? 1.483   6.947   -14.585 1.00 13.95 ? 116 SER A O     1 
ATOM   661  C  CB    . SER A 1 87  ? 4.543   6.695   -15.024 1.00 12.29 ? 116 SER A CB    1 
ATOM   662  O  OG    . SER A 1 87  ? 5.788   7.195   -15.482 1.00 14.61 ? 116 SER A OG    1 
ATOM   663  N  N     . LYS A 1 88  ? 1.631   5.453   -16.249 1.00 14.54 ? 117 LYS A N     1 
ATOM   664  C  CA    . LYS A 1 88  ? 0.418   4.794   -15.733 1.00 13.47 ? 117 LYS A CA    1 
ATOM   665  C  C     . LYS A 1 88  ? 0.863   3.965   -14.523 1.00 13.72 ? 117 LYS A C     1 
ATOM   666  O  O     . LYS A 1 88  ? 1.914   3.284   -14.554 1.00 13.61 ? 117 LYS A O     1 
ATOM   667  C  CB    . LYS A 1 88  ? -0.224  3.852   -16.792 1.00 15.52 ? 117 LYS A CB    1 
ATOM   668  C  CG    . LYS A 1 88  ? -0.895  4.539   -18.006 1.00 21.17 ? 117 LYS A CG    1 
ATOM   669  C  CD    . LYS A 1 88  ? -2.134  3.725   -18.492 1.00 27.14 ? 117 LYS A CD    1 
ATOM   670  C  CE    . LYS A 1 88  ? -3.308  4.623   -19.006 1.00 29.48 ? 117 LYS A CE    1 
ATOM   671  N  NZ    . LYS A 1 88  ? -4.691  3.943   -19.133 1.00 27.57 ? 117 LYS A NZ    1 
ATOM   672  N  N     . VAL A 1 89  ? 0.057   3.970   -13.467 1.00 11.27 ? 118 VAL A N     1 
ATOM   673  C  CA    . VAL A 1 89  ? 0.357   3.225   -12.243 1.00 11.83 ? 118 VAL A CA    1 
ATOM   674  C  C     . VAL A 1 89  ? -0.505  1.985   -12.178 1.00 9.38  ? 118 VAL A C     1 
ATOM   675  O  O     . VAL A 1 89  ? -1.754  2.071   -12.200 1.00 11.02 ? 118 VAL A O     1 
ATOM   676  C  CB    . VAL A 1 89  ? 0.052   4.098   -11.057 1.00 10.00 ? 118 VAL A CB    1 
ATOM   677  C  CG1   . VAL A 1 89  ? 0.161   3.279   -9.715  1.00 8.61  ? 118 VAL A CG1   1 
ATOM   678  C  CG2   . VAL A 1 89  ? 1.028   5.313   -11.024 1.00 11.17 ? 118 VAL A CG2   1 
ATOM   679  N  N     . GLN A 1 90  ? 0.137   0.808   -12.156 1.00 8.34  ? 119 GLN A N     1 
ATOM   680  C  CA    . GLN A 1 90  ? -0.640  -0.430  -12.139 1.00 8.83  ? 119 GLN A CA    1 
ATOM   681  C  C     . GLN A 1 90  ? -1.015  -0.951  -10.773 1.00 7.78  ? 119 GLN A C     1 
ATOM   682  O  O     . GLN A 1 90  ? -1.899  -1.777  -10.651 1.00 8.42  ? 119 GLN A O     1 
ATOM   683  C  CB    . GLN A 1 90  ? 0.085   -1.540  -12.887 1.00 10.62 ? 119 GLN A CB    1 
ATOM   684  C  CG    . GLN A 1 90  ? 0.115   -1.334  -14.400 1.00 12.64 ? 119 GLN A CG    1 
ATOM   685  C  CD    . GLN A 1 90  ? 1.134   -0.308  -14.819 1.00 16.35 ? 119 GLN A CD    1 
ATOM   686  O  OE1   . GLN A 1 90  ? 2.235   -0.240  -14.255 1.00 13.36 ? 119 GLN A OE1   1 
ATOM   687  N  NE2   . GLN A 1 90  ? 0.771   0.521   -15.809 1.00 17.17 ? 119 GLN A NE2   1 
ATOM   688  N  N     . VAL A 1 91  ? -0.265  -0.565  -9.740  1.00 8.19  ? 120 VAL A N     1 
ATOM   689  C  CA    . VAL A 1 91  ? -0.606  -1.001  -8.377  1.00 9.47  ? 120 VAL A CA    1 
ATOM   690  C  C     . VAL A 1 91  ? -0.308  0.137   -7.420  1.00 8.20  ? 120 VAL A C     1 
ATOM   691  O  O     . VAL A 1 91  ? 0.732   0.804   -7.533  1.00 8.71  ? 120 VAL A O     1 
ATOM   692  C  CB    . VAL A 1 91  ? 0.284   -2.205  -7.896  1.00 9.44  ? 120 VAL A CB    1 
ATOM   693  C  CG1   . VAL A 1 91  ? -0.123  -2.654  -6.460  1.00 6.95  ? 120 VAL A CG1   1 
ATOM   694  C  CG2   . VAL A 1 91  ? 0.175   -3.421  -8.864  1.00 8.07  ? 120 VAL A CG2   1 
ATOM   695  N  N     . VAL A 1 92  ? -1.249  0.377   -6.498  1.00 7.88  ? 121 VAL A N     1 
ATOM   696  C  CA    . VAL A 1 92  ? -1.040  1.282   -5.378  1.00 8.29  ? 121 VAL A CA    1 
ATOM   697  C  C     . VAL A 1 92  ? -1.072  0.334   -4.157  1.00 8.29  ? 121 VAL A C     1 
ATOM   698  O  O     . VAL A 1 92  ? -2.050  -0.446  -3.989  1.00 9.36  ? 121 VAL A O     1 
ATOM   699  C  CB    . VAL A 1 92  ? -2.178  2.345   -5.184  1.00 7.74  ? 121 VAL A CB    1 
ATOM   700  C  CG1   . VAL A 1 92  ? -1.935  3.108   -3.886  1.00 9.01  ? 121 VAL A CG1   1 
ATOM   701  C  CG2   . VAL A 1 92  ? -2.138  3.293   -6.371  1.00 8.36  ? 121 VAL A CG2   1 
ATOM   702  N  N     . MET A 1 93  ? 0.018   0.342   -3.387  1.00 7.72  ? 122 MET A N     1 
ATOM   703  C  CA    . MET A 1 93  ? 0.110   -0.456  -2.171  1.00 8.42  ? 122 MET A CA    1 
ATOM   704  C  C     . MET A 1 93  ? 0.349   0.415   -0.956  1.00 9.29  ? 122 MET A C     1 
ATOM   705  O  O     . MET A 1 93  ? 1.137   1.366   -1.029  1.00 10.97 ? 122 MET A O     1 
ATOM   706  C  CB    . MET A 1 93  ? 1.230   -1.502  -2.282  1.00 11.74 ? 122 MET A CB    1 
ATOM   707  C  CG    . MET A 1 93  ? 2.661   -1.005  -2.503  1.00 12.68 ? 122 MET A CG    1 
ATOM   708  S  SD    . MET A 1 93  ? 3.666   -2.513  -2.872  1.00 11.78 ? 122 MET A SD    1 
ATOM   709  C  CE    . MET A 1 93  ? 5.229   -1.775  -2.798  1.00 17.27 ? 122 MET A CE    1 
ATOM   710  N  N     . SER A 1 94  ? -0.377  0.114   0.135   1.00 8.29  ? 123 SER A N     1 
ATOM   711  C  CA    . SER A 1 94  ? -0.227  0.890   1.345   1.00 9.53  ? 123 SER A CA    1 
ATOM   712  C  C     . SER A 1 94  ? -0.094  -0.027  2.548   1.00 6.91  ? 123 SER A C     1 
ATOM   713  O  O     . SER A 1 94  ? -0.937  -0.896  2.799   1.00 8.28  ? 123 SER A O     1 
ATOM   714  C  CB    . SER A 1 94  ? -1.470  1.766   1.628   1.00 9.08  ? 123 SER A CB    1 
ATOM   715  O  OG    . SER A 1 94  ? -1.306  2.340   2.936   1.00 11.88 ? 123 SER A OG    1 
ATOM   716  N  N     . ASP A 1 95  ? 0.980   0.170   3.313   1.00 7.58  ? 124 ASP A N     1 
ATOM   717  C  CA    . ASP A 1 95  ? 1.209   -0.544  4.568   1.00 9.70  ? 124 ASP A CA    1 
ATOM   718  C  C     . ASP A 1 95  ? 1.258   0.485   5.685   1.00 10.13 ? 124 ASP A C     1 
ATOM   719  O  O     . ASP A 1 95  ? 1.822   0.220   6.761   1.00 9.05  ? 124 ASP A O     1 
ATOM   720  C  CB    . ASP A 1 95  ? 2.520   -1.343  4.518   1.00 10.40 ? 124 ASP A CB    1 
ATOM   721  C  CG    . ASP A 1 95  ? 2.579   -2.433  5.583   1.00 8.39  ? 124 ASP A CG    1 
ATOM   722  O  OD1   . ASP A 1 95  ? 1.492   -2.976  5.972   1.00 9.81  ? 124 ASP A OD1   1 
ATOM   723  O  OD2   . ASP A 1 95  ? 3.709   -2.769  5.989   1.00 10.15 ? 124 ASP A OD2   1 
ATOM   724  N  N     . MET A 1 96  ? 0.649   1.655   5.475   1.00 9.75  ? 125 MET A N     1 
ATOM   725  C  CA    . MET A 1 96  ? 0.682   2.693   6.518   1.00 10.85 ? 125 MET A CA    1 
ATOM   726  C  C     . MET A 1 96  ? -0.118  2.274   7.759   1.00 8.56  ? 125 MET A C     1 
ATOM   727  O  O     . MET A 1 96  ? -1.178  1.634   7.660   1.00 13.56 ? 125 MET A O     1 
ATOM   728  C  CB    . MET A 1 96  ? 0.072   4.035   6.023   1.00 9.19  ? 125 MET A CB    1 
ATOM   729  C  CG    . MET A 1 96  ? 0.845   4.732   4.967   1.00 13.47 ? 125 MET A CG    1 
ATOM   730  S  SD    . MET A 1 96  ? 0.162   6.372   4.507   1.00 12.15 ? 125 MET A SD    1 
ATOM   731  C  CE    . MET A 1 96  ? -1.367  5.895   3.752   1.00 13.05 ? 125 MET A CE    1 
ATOM   732  N  N     . ALA A 1 97  ? 0.371   2.661   8.932   1.00 9.42  ? 126 ALA A N     1 
ATOM   733  C  CA    . ALA A 1 97  ? -0.341  2.403   10.172  1.00 12.25 ? 126 ALA A CA    1 
ATOM   734  C  C     . ALA A 1 97  ? 0.186   3.520   11.080  1.00 13.47 ? 126 ALA A C     1 
ATOM   735  O  O     . ALA A 1 97  ? 1.335   3.941   10.986  1.00 13.53 ? 126 ALA A O     1 
ATOM   736  C  CB    . ALA A 1 97  ? 0.013   1.040   10.720  1.00 14.60 ? 126 ALA A CB    1 
ATOM   737  N  N     . PRO A 1 98  ? -0.683  4.045   11.945  1.00 12.40 ? 127 PRO A N     1 
ATOM   738  C  CA    . PRO A 1 98  ? -0.352  5.134   12.856  1.00 17.38 ? 127 PRO A CA    1 
ATOM   739  C  C     . PRO A 1 98  ? 0.363   4.661   14.062  1.00 18.43 ? 127 PRO A C     1 
ATOM   740  O  O     . PRO A 1 98  ? 0.456   3.441   14.322  1.00 17.63 ? 127 PRO A O     1 
ATOM   741  C  CB    . PRO A 1 98  ? -1.736  5.697   13.196  1.00 16.27 ? 127 PRO A CB    1 
ATOM   742  C  CG    . PRO A 1 98  ? -2.539  4.478   13.327  1.00 12.80 ? 127 PRO A CG    1 
ATOM   743  C  CD    . PRO A 1 98  ? -2.046  3.569   12.175  1.00 16.18 ? 127 PRO A CD    1 
ATOM   744  N  N     . ASN A 1 99  ? 0.890   5.654   14.783  1.00 21.42 ? 128 ASN A N     1 
ATOM   745  C  CA    . ASN A 1 99  ? 1.537   5.413   16.052  1.00 25.56 ? 128 ASN A CA    1 
ATOM   746  C  C     . ASN A 1 99  ? 0.310   5.003   16.877  1.00 25.61 ? 128 ASN A C     1 
ATOM   747  O  O     . ASN A 1 99  ? -0.683  5.714   16.891  1.00 26.99 ? 128 ASN A O     1 
ATOM   748  C  CB    . ASN A 1 99  ? 2.182   6.706   16.572  1.00 28.29 ? 128 ASN A CB    1 
ATOM   749  C  CG    . ASN A 1 99  ? 1.249   7.901   16.507  1.00 31.84 ? 128 ASN A CG    1 
ATOM   750  O  OD1   . ASN A 1 99  ? 0.693   8.218   15.449  1.00 34.86 ? 128 ASN A OD1   1 
ATOM   751  N  ND2   . ASN A 1 99  ? 1.085   8.590   17.641  1.00 31.41 ? 128 ASN A ND2   1 
ATOM   752  N  N     . MET A 1 100 ? 0.353   3.839   17.514  1.00 24.44 ? 129 MET A N     1 
ATOM   753  C  CA    . MET A 1 100 ? -0.815  3.383   18.222  1.00 22.93 ? 129 MET A CA    1 
ATOM   754  C  C     . MET A 1 100 ? -0.692  3.630   19.758  1.00 24.37 ? 129 MET A C     1 
ATOM   755  O  O     . MET A 1 100 ? 0.353   3.375   20.367  1.00 24.53 ? 129 MET A O     1 
ATOM   756  C  CB    . MET A 1 100 ? -1.130  1.922   17.766  1.00 27.11 ? 129 MET A CB    1 
ATOM   757  C  CG    . MET A 1 100 ? -2.095  1.868   16.416  1.00 15.21 ? 129 MET A CG    1 
ATOM   758  S  SD    . MET A 1 100 ? -2.626  0.337   15.842  1.00 42.09 ? 129 MET A SD    1 
ATOM   759  C  CE    . MET A 1 100 ? -3.736  0.909   14.634  1.00 27.56 ? 129 MET A CE    1 
ATOM   760  N  N     . SER A 1 101 ? -1.754  4.220   20.313  1.00 23.11 ? 130 SER A N     1 
ATOM   761  C  CA    . SER A 1 101 ? -1.879  4.607   21.729  1.00 22.89 ? 130 SER A CA    1 
ATOM   762  C  C     . SER A 1 101 ? -2.205  3.430   22.616  1.00 23.87 ? 130 SER A C     1 
ATOM   763  O  O     . SER A 1 101 ? -1.922  3.459   23.827  1.00 24.41 ? 130 SER A O     1 
ATOM   764  C  CB    . SER A 1 101 ? -2.990  5.645   21.910  1.00 22.70 ? 130 SER A CB    1 
ATOM   765  O  OG    . SER A 1 101 ? -4.282  5.071   21.722  1.00 20.40 ? 130 SER A OG    1 
ATOM   766  N  N     . GLY A 1 102 ? -2.824  2.415   22.017  1.00 20.32 ? 131 GLY A N     1 
ATOM   767  C  CA    . GLY A 1 102 ? -3.203  1.214   22.734  1.00 20.97 ? 131 GLY A CA    1 
ATOM   768  C  C     . GLY A 1 102 ? -4.696  1.157   22.990  1.00 20.21 ? 131 GLY A C     1 
ATOM   769  O  O     . GLY A 1 102 ? -5.233  0.129   23.412  1.00 24.07 ? 131 GLY A O     1 
ATOM   770  N  N     . THR A 1 103 ? -5.383  2.270   22.735  1.00 19.29 ? 132 THR A N     1 
ATOM   771  C  CA    . THR A 1 103 ? -6.831  2.368   22.944  1.00 16.47 ? 132 THR A CA    1 
ATOM   772  C  C     . THR A 1 103 ? -7.512  2.290   21.580  1.00 15.97 ? 132 THR A C     1 
ATOM   773  O  O     . THR A 1 103 ? -7.403  3.202   20.789  1.00 14.56 ? 132 THR A O     1 
ATOM   774  C  CB    . THR A 1 103 ? -7.111  3.701   23.610  1.00 18.43 ? 132 THR A CB    1 
ATOM   775  O  OG1   . THR A 1 103 ? -6.502  3.664   24.900  1.00 19.06 ? 132 THR A OG1   1 
ATOM   776  C  CG2   . THR A 1 103 ? -8.597  3.998   23.730  1.00 18.77 ? 132 THR A CG2   1 
ATOM   777  N  N     . PRO A 1 104 ? -8.260  1.219   21.301  1.00 15.03 ? 133 PRO A N     1 
ATOM   778  C  CA    . PRO A 1 104 ? -8.898  1.113   19.988  1.00 15.78 ? 133 PRO A CA    1 
ATOM   779  C  C     . PRO A 1 104 ? -9.782  2.255   19.510  1.00 12.74 ? 133 PRO A C     1 
ATOM   780  O  O     . PRO A 1 104 ? -9.745  2.606   18.315  1.00 12.37 ? 133 PRO A O     1 
ATOM   781  C  CB    . PRO A 1 104 ? -9.657  -0.218  20.062  1.00 17.72 ? 133 PRO A CB    1 
ATOM   782  C  CG    . PRO A 1 104 ? -8.815  -1.002  21.086  1.00 19.99 ? 133 PRO A CG    1 
ATOM   783  C  CD    . PRO A 1 104 ? -8.534  0.025   22.129  1.00 17.06 ? 133 PRO A CD    1 
ATOM   784  N  N     . ALA A 1 105 ? -10.557 2.858   20.421  1.00 11.33 ? 134 ALA A N     1 
ATOM   785  C  CA    . ALA A 1 105 ? -11.448 3.948   20.012  1.00 11.36 ? 134 ALA A CA    1 
ATOM   786  C  C     . ALA A 1 105 ? -10.655 5.173   19.577  1.00 11.21 ? 134 ALA A C     1 
ATOM   787  O  O     . ALA A 1 105 ? -11.236 6.126   19.097  1.00 11.94 ? 134 ALA A O     1 
ATOM   788  C  CB    . ALA A 1 105 ? -12.419 4.317   21.150  1.00 13.87 ? 134 ALA A CB    1 
ATOM   789  N  N     . VAL A 1 106 ? -9.338  5.126   19.767  1.00 11.23 ? 135 VAL A N     1 
ATOM   790  C  CA    . VAL A 1 106 ? -8.464  6.204   19.326  1.00 10.24 ? 135 VAL A CA    1 
ATOM   791  C  C     . VAL A 1 106 ? -7.634  5.709   18.141  1.00 11.11 ? 135 VAL A C     1 
ATOM   792  O  O     . VAL A 1 106 ? -7.551  6.402   17.115  1.00 10.26 ? 135 VAL A O     1 
ATOM   793  C  CB    . VAL A 1 106 ? -7.464  6.707   20.428  1.00 10.81 ? 135 VAL A CB    1 
ATOM   794  C  CG1   . VAL A 1 106 ? -6.463  7.672   19.819  1.00 12.59 ? 135 VAL A CG1   1 
ATOM   795  C  CG2   . VAL A 1 106 ? -8.265  7.462   21.546  1.00 12.40 ? 135 VAL A CG2   1 
ATOM   796  N  N     . ASP A 1 107 ? -7.013  4.535   18.299  1.00 8.73  ? 136 ASP A N     1 
ATOM   797  C  CA    . ASP A 1 107 ? -6.126  4.025   17.251  1.00 10.51 ? 136 ASP A CA    1 
ATOM   798  C  C     . ASP A 1 107 ? -6.846  3.673   15.946  1.00 11.27 ? 136 ASP A C     1 
ATOM   799  O  O     . ASP A 1 107 ? -6.293  3.861   14.814  1.00 10.67 ? 136 ASP A O     1 
ATOM   800  C  CB    . ASP A 1 107 ? -5.385  2.795   17.771  1.00 10.70 ? 136 ASP A CB    1 
ATOM   801  C  CG    . ASP A 1 107 ? -4.450  3.114   18.938  1.00 14.19 ? 136 ASP A CG    1 
ATOM   802  O  OD1   . ASP A 1 107 ? -4.143  4.303   19.158  1.00 17.18 ? 136 ASP A OD1   1 
ATOM   803  O  OD2   . ASP A 1 107 ? -4.014  2.157   19.567  1.00 15.59 ? 136 ASP A OD2   1 
ATOM   804  N  N     . ILE A 1 108 ? -8.052  3.149   16.067  1.00 11.35 ? 137 ILE A N     1 
ATOM   805  C  CA    . ILE A 1 108 ? -8.760  2.785   14.856  1.00 8.76  ? 137 ILE A CA    1 
ATOM   806  C  C     . ILE A 1 108 ? -9.095  4.038   14.002  1.00 10.81 ? 137 ILE A C     1 
ATOM   807  O  O     . ILE A 1 108 ? -8.920  4.035   12.771  1.00 9.81  ? 137 ILE A O     1 
ATOM   808  C  CB    . ILE A 1 108 ? -9.933  1.863   15.226  1.00 10.63 ? 137 ILE A CB    1 
ATOM   809  C  CG1   . ILE A 1 108 ? -9.379  0.504   15.712  1.00 13.77 ? 137 ILE A CG1   1 
ATOM   810  C  CG2   . ILE A 1 108 ? -10.843 1.688   14.083  1.00 11.91 ? 137 ILE A CG2   1 
ATOM   811  C  CD1   . ILE A 1 108 ? -8.675  -0.396  14.640  1.00 12.69 ? 137 ILE A CD1   1 
ATOM   812  N  N     . PRO A 1 109 ? -9.609  5.131   14.613  1.00 9.76  ? 138 PRO A N     1 
ATOM   813  C  CA    . PRO A 1 109 ? -9.871  6.326   13.782  1.00 10.36 ? 138 PRO A CA    1 
ATOM   814  C  C     . PRO A 1 109 ? -8.570  6.848   13.155  1.00 9.74  ? 138 PRO A C     1 
ATOM   815  O  O     . PRO A 1 109 ? -8.564  7.281   12.009  1.00 10.93 ? 138 PRO A O     1 
ATOM   816  C  CB    . PRO A 1 109 ? -10.436 7.326   14.775  1.00 12.36 ? 138 PRO A CB    1 
ATOM   817  C  CG    . PRO A 1 109 ? -11.214 6.395   15.704  1.00 9.59  ? 138 PRO A CG    1 
ATOM   818  C  CD    . PRO A 1 109 ? -10.321 5.209   15.906  1.00 12.51 ? 138 PRO A CD    1 
ATOM   819  N  N     . ARG A 1 110 ? -7.459  6.782   13.894  1.00 9.95  ? 139 ARG A N     1 
ATOM   820  C  CA    . ARG A 1 110 ? -6.212  7.280   13.320  1.00 10.34 ? 139 ARG A CA    1 
ATOM   821  C  C     . ARG A 1 110 ? -5.856  6.430   12.110  1.00 9.74  ? 139 ARG A C     1 
ATOM   822  O  O     . ARG A 1 110 ? -5.445  6.958   11.081  1.00 10.32 ? 139 ARG A O     1 
ATOM   823  C  CB    . ARG A 1 110 ? -5.041  7.173   14.309  1.00 9.07  ? 139 ARG A CB    1 
ATOM   824  C  CG    . ARG A 1 110 ? -5.124  8.078   15.514  1.00 13.62 ? 139 ARG A CG    1 
ATOM   825  C  CD    . ARG A 1 110 ? -3.953  7.727   16.443  1.00 13.27 ? 139 ARG A CD    1 
ATOM   826  N  NE    . ARG A 1 110 ? -3.934  8.604   17.628  1.00 11.77 ? 139 ARG A NE    1 
ATOM   827  C  CZ    . ARG A 1 110 ? -3.125  8.426   18.665  1.00 15.58 ? 139 ARG A CZ    1 
ATOM   828  N  NH1   . ARG A 1 110 ? -2.266  7.404   18.657  1.00 15.16 ? 139 ARG A NH1   1 
ATOM   829  N  NH2   . ARG A 1 110 ? -3.186  9.260   19.738  1.00 12.63 ? 139 ARG A NH2   1 
ATOM   830  N  N     . ALA A 1 111 ? -5.986  5.117   12.244  1.00 9.88  ? 140 ALA A N     1 
ATOM   831  C  CA    . ALA A 1 111 ? -5.613  4.206   11.137  1.00 10.49 ? 140 ALA A CA    1 
ATOM   832  C  C     . ALA A 1 111 ? -6.540  4.360   9.926   1.00 10.26 ? 140 ALA A C     1 
ATOM   833  O  O     . ALA A 1 111 ? -6.073  4.361   8.755   1.00 11.22 ? 140 ALA A O     1 
ATOM   834  C  CB    . ALA A 1 111 ? -5.654  2.785   11.619  1.00 9.64  ? 140 ALA A CB    1 
ATOM   835  N  N     . MET A 1 112 ? -7.844  4.453   10.193  1.00 9.61  ? 141 MET A N     1 
ATOM   836  C  CA    . MET A 1 112 ? -8.814  4.610   9.123   1.00 10.04 ? 141 MET A CA    1 
ATOM   837  C  C     . MET A 1 112 ? -8.608  5.905   8.336   1.00 11.18 ? 141 MET A C     1 
ATOM   838  O  O     . MET A 1 112 ? -8.826  5.934   7.141   1.00 11.98 ? 141 MET A O     1 
ATOM   839  C  CB    . MET A 1 112 ? -10.238 4.543   9.699   1.00 12.12 ? 141 MET A CB    1 
ATOM   840  C  CG    . MET A 1 112 ? -10.671 3.107   10.098  1.00 17.00 ? 141 MET A CG    1 
ATOM   841  S  SD    . MET A 1 112 ? -10.683 1.911   8.632   1.00 21.55 ? 141 MET A SD    1 
ATOM   842  C  CE    . MET A 1 112 ? -11.298 3.183   7.354   1.00 17.14 ? 141 MET A CE    1 
ATOM   843  N  N     . TYR A 1 113 ? -8.149  6.978   8.982   1.00 9.48  ? 142 TYR A N     1 
ATOM   844  C  CA    . TYR A 1 113 ? -7.880  8.207   8.254   1.00 8.89  ? 142 TYR A CA    1 
ATOM   845  C  C     . TYR A 1 113 ? -6.771  7.953   7.204   1.00 9.89  ? 142 TYR A C     1 
ATOM   846  O  O     . TYR A 1 113 ? -6.870  8.363   6.037   1.00 10.87 ? 142 TYR A O     1 
ATOM   847  C  CB    . TYR A 1 113 ? -7.419  9.319   9.216   1.00 11.38 ? 142 TYR A CB    1 
ATOM   848  C  CG    . TYR A 1 113 ? -7.235  10.615  8.442   1.00 15.52 ? 142 TYR A CG    1 
ATOM   849  C  CD1   . TYR A 1 113 ? -8.254  11.087  7.584   1.00 20.80 ? 142 TYR A CD1   1 
ATOM   850  C  CD2   . TYR A 1 113 ? -6.076  11.369  8.541   1.00 17.39 ? 142 TYR A CD2   1 
ATOM   851  C  CE1   . TYR A 1 113 ? -8.110  12.272  6.866   1.00 22.30 ? 142 TYR A CE1   1 
ATOM   852  C  CE2   . TYR A 1 113 ? -5.913  12.570  7.808   1.00 18.28 ? 142 TYR A CE2   1 
ATOM   853  C  CZ    . TYR A 1 113 ? -6.942  13.006  6.984   1.00 21.95 ? 142 TYR A CZ    1 
ATOM   854  O  OH    . TYR A 1 113 ? -6.817  14.201  6.306   1.00 26.16 ? 142 TYR A OH    1 
ATOM   855  N  N     . LEU A 1 114 ? -5.736  7.240   7.589   1.00 9.26  ? 143 LEU A N     1 
ATOM   856  C  CA    . LEU A 1 114 ? -4.663  6.965   6.637   1.00 10.36 ? 143 LEU A CA    1 
ATOM   857  C  C     . LEU A 1 114 ? -5.129  6.072   5.498   1.00 10.37 ? 143 LEU A C     1 
ATOM   858  O  O     . LEU A 1 114 ? -4.736  6.329   4.346   1.00 10.92 ? 143 LEU A O     1 
ATOM   859  C  CB    . LEU A 1 114 ? -3.477  6.307   7.346   1.00 9.96  ? 143 LEU A CB    1 
ATOM   860  C  CG    . LEU A 1 114 ? -2.812  7.097   8.493   1.00 12.43 ? 143 LEU A CG    1 
ATOM   861  C  CD1   . LEU A 1 114 ? -1.728  6.225   9.151   1.00 14.47 ? 143 LEU A CD1   1 
ATOM   862  C  CD2   . LEU A 1 114 ? -2.193  8.354   7.917   1.00 14.43 ? 143 LEU A CD2   1 
ATOM   863  N  N     . VAL A 1 115 ? -5.948  5.048   5.769   1.00 9.67  ? 144 VAL A N     1 
ATOM   864  C  CA    . VAL A 1 115 ? -6.340  4.229   4.626   1.00 12.98 ? 144 VAL A CA    1 
ATOM   865  C  C     . VAL A 1 115 ? -7.337  4.977   3.765   1.00 10.87 ? 144 VAL A C     1 
ATOM   866  O  O     . VAL A 1 115 ? -7.402  4.717   2.545   1.00 10.02 ? 144 VAL A O     1 
ATOM   867  C  CB    . VAL A 1 115 ? -6.848  2.843   5.019   1.00 13.23 ? 144 VAL A CB    1 
ATOM   868  C  CG1   . VAL A 1 115 ? -5.754  2.138   5.894   1.00 15.84 ? 144 VAL A CG1   1 
ATOM   869  C  CG2   . VAL A 1 115 ? -8.144  2.927   5.744   1.00 13.01 ? 144 VAL A CG2   1 
ATOM   870  N  N     . GLU A 1 116 ? -8.079  5.939   4.355   1.00 9.60  ? 145 GLU A N     1 
ATOM   871  C  CA    . GLU A 1 116 ? -8.978  6.735   3.496   1.00 10.43 ? 145 GLU A CA    1 
ATOM   872  C  C     . GLU A 1 116 ? -8.118  7.611   2.571   1.00 8.68  ? 145 GLU A C     1 
ATOM   873  O  O     . GLU A 1 116 ? -8.437  7.733   1.373   1.00 11.00 ? 145 GLU A O     1 
ATOM   874  C  CB    . GLU A 1 116 ? -9.958  7.605   4.297   1.00 14.99 ? 145 GLU A CB    1 
ATOM   875  C  CG    . GLU A 1 116 ? -11.071 6.787   4.992   1.00 17.56 ? 145 GLU A CG    1 
ATOM   876  C  CD    . GLU A 1 116 ? -12.135 6.154   4.043   1.00 21.78 ? 145 GLU A CD    1 
ATOM   877  O  OE1   . GLU A 1 116 ? -12.054 6.266   2.792   1.00 24.78 ? 145 GLU A OE1   1 
ATOM   878  O  OE2   . GLU A 1 116 ? -13.071 5.512   4.569   1.00 26.96 ? 145 GLU A OE2   1 
ATOM   879  N  N     . LEU A 1 117 ? -7.031  8.178   3.101   1.00 12.88 ? 146 LEU A N     1 
ATOM   880  C  CA    . LEU A 1 117 ? -6.108  8.970   2.278   1.00 13.52 ? 146 LEU A CA    1 
ATOM   881  C  C     . LEU A 1 117 ? -5.490  8.072   1.177   1.00 11.75 ? 146 LEU A C     1 
ATOM   882  O  O     . LEU A 1 117 ? -5.351  8.500   0.032   1.00 11.78 ? 146 LEU A O     1 
ATOM   883  C  CB    . LEU A 1 117 ? -4.964  9.576   3.123   1.00 12.88 ? 146 LEU A CB    1 
ATOM   884  C  CG    . LEU A 1 117 ? -5.441  10.778  3.972   1.00 18.22 ? 146 LEU A CG    1 
ATOM   885  C  CD1   . LEU A 1 117 ? -4.223  11.375  4.658   1.00 18.87 ? 146 LEU A CD1   1 
ATOM   886  C  CD2   . LEU A 1 117 ? -6.122  11.861  3.071   1.00 17.56 ? 146 LEU A CD2   1 
ATOM   887  N  N     . ALA A 1 118 ? -5.124  6.841   1.515   1.00 10.24 ? 147 ALA A N     1 
ATOM   888  C  CA    . ALA A 1 118 ? -4.550  5.910   0.539   1.00 11.75 ? 147 ALA A CA    1 
ATOM   889  C  C     . ALA A 1 118 ? -5.576  5.625   -0.582  1.00 11.95 ? 147 ALA A C     1 
ATOM   890  O  O     . ALA A 1 118 ? -5.202  5.550   -1.785  1.00 10.91 ? 147 ALA A O     1 
ATOM   891  C  CB    . ALA A 1 118 ? -4.159  4.624   1.275   1.00 10.55 ? 147 ALA A CB    1 
ATOM   892  N  N     . LEU A 1 119 ? -6.859  5.475   -0.222  1.00 10.15 ? 148 LEU A N     1 
ATOM   893  C  CA    . LEU A 1 119 ? -7.868  5.207   -1.235  1.00 9.05  ? 148 LEU A CA    1 
ATOM   894  C  C     . LEU A 1 119 ? -8.082  6.436   -2.098  1.00 12.49 ? 148 LEU A C     1 
ATOM   895  O  O     . LEU A 1 119 ? -8.343  6.294   -3.306  1.00 13.48 ? 148 LEU A O     1 
ATOM   896  C  CB    . LEU A 1 119 ? -9.180  4.734   -0.583  1.00 9.83  ? 148 LEU A CB    1 
ATOM   897  C  CG    . LEU A 1 119 ? -10.297 4.376   -1.583  1.00 11.59 ? 148 LEU A CG    1 
ATOM   898  C  CD1   . LEU A 1 119 ? -9.809  3.355   -2.605  1.00 14.17 ? 148 LEU A CD1   1 
ATOM   899  C  CD2   . LEU A 1 119 ? -11.531 3.776   -0.825  1.00 11.41 ? 148 LEU A CD2   1 
ATOM   900  N  N     . GLU A 1 120 ? -7.991  7.636   -1.510  1.00 11.39 ? 149 GLU A N     1 
ATOM   901  C  CA    . GLU A 1 120 ? -8.202  8.820   -2.326  1.00 13.40 ? 149 GLU A CA    1 
ATOM   902  C  C     . GLU A 1 120 ? -7.059  8.926   -3.341  1.00 14.20 ? 149 GLU A C     1 
ATOM   903  O  O     . GLU A 1 120 ? -7.289  9.239   -4.516  1.00 15.08 ? 149 GLU A O     1 
ATOM   904  C  CB    . GLU A 1 120 ? -8.297  10.081  -1.472  1.00 16.16 ? 149 GLU A CB    1 
ATOM   905  C  CG    . GLU A 1 120 ? -8.641  11.312  -2.323  1.00 23.57 ? 149 GLU A CG    1 
ATOM   906  C  CD    . GLU A 1 120 ? -9.960  11.153  -3.116  1.00 26.11 ? 149 GLU A CD    1 
ATOM   907  O  OE1   . GLU A 1 120 ? -10.093 11.831  -4.177  1.00 30.34 ? 149 GLU A OE1   1 
ATOM   908  O  OE2   . GLU A 1 120 ? -10.863 10.377  -2.698  1.00 24.69 ? 149 GLU A OE2   1 
ATOM   909  N  N     . MET A 1 121 ? -5.824  8.646   -2.928  1.00 12.25 ? 150 MET A N     1 
ATOM   910  C  CA    . MET A 1 121 ? -4.753  8.709   -3.905  1.00 12.90 ? 150 MET A CA    1 
ATOM   911  C  C     . MET A 1 121 ? -4.964  7.624   -4.968  1.00 14.26 ? 150 MET A C     1 
ATOM   912  O  O     . MET A 1 121 ? -4.696  7.851   -6.147  1.00 13.18 ? 150 MET A O     1 
ATOM   913  C  CB    . MET A 1 121 ? -3.389  8.503   -3.256  1.00 13.99 ? 150 MET A CB    1 
ATOM   914  C  CG    . MET A 1 121 ? -2.271  8.821   -4.267  1.00 17.02 ? 150 MET A CG    1 
ATOM   915  S  SD    . MET A 1 121 ? -0.699  8.526   -3.528  1.00 19.18 ? 150 MET A SD    1 
ATOM   916  C  CE    . MET A 1 121 ? 0.405   8.855   -4.963  1.00 19.42 ? 150 MET A CE    1 
ATOM   917  N  N     . CYS A 1 122 ? -5.428  6.449   -4.563  1.00 12.85 ? 151 CYS A N     1 
ATOM   918  C  CA    . CYS A 1 122 ? -5.693  5.356   -5.506  1.00 11.59 ? 151 CYS A CA    1 
ATOM   919  C  C     . CYS A 1 122 ? -6.685  5.835   -6.575  1.00 11.03 ? 151 CYS A C     1 
ATOM   920  O  O     . CYS A 1 122 ? -6.452  5.672   -7.801  1.00 12.66 ? 151 CYS A O     1 
ATOM   921  C  CB    . CYS A 1 122 ? -6.285  4.151   -4.745  1.00 10.54 ? 151 CYS A CB    1 
ATOM   922  S  SG    . CYS A 1 122 ? -6.462  2.683   -5.756  1.00 15.51 ? 151 CYS A SG    1 
ATOM   923  N  N     . ARG A 1 123 ? -7.778  6.467   -6.136  1.00 11.03 ? 152 ARG A N     1 
ATOM   924  C  CA    . ARG A 1 123 ? -8.784  6.972   -7.076  1.00 10.36 ? 152 ARG A CA    1 
ATOM   925  C  C     . ARG A 1 123 ? -8.105  7.920   -8.092  1.00 15.35 ? 152 ARG A C     1 
ATOM   926  O  O     . ARG A 1 123 ? -8.405  7.885   -9.296  1.00 17.74 ? 152 ARG A O     1 
ATOM   927  C  CB    . ARG A 1 123 ? -9.845  7.762   -6.325  1.00 13.95 ? 152 ARG A CB    1 
ATOM   928  C  CG    . ARG A 1 123 ? -10.777 6.969   -5.443  1.00 14.31 ? 152 ARG A CG    1 
ATOM   929  C  CD    . ARG A 1 123 ? -11.926 7.893   -4.915  1.00 16.92 ? 152 ARG A CD    1 
ATOM   930  N  NE    . ARG A 1 123 ? -12.873 7.146   -4.095  1.00 21.85 ? 152 ARG A NE    1 
ATOM   931  C  CZ    . ARG A 1 123 ? -12.873 7.118   -2.767  1.00 23.75 ? 152 ARG A CZ    1 
ATOM   932  N  NH1   . ARG A 1 123 ? -11.975 7.819   -2.076  1.00 22.38 ? 152 ARG A NH1   1 
ATOM   933  N  NH2   . ARG A 1 123 ? -13.763 6.364   -2.122  1.00 25.22 ? 152 ARG A NH2   1 
ATOM   934  N  N     . ASP A 1 124 ? -7.207  8.759   -7.600  1.00 15.57 ? 153 ASP A N     1 
ATOM   935  C  CA    . ASP A 1 124 ? -6.535  9.751   -8.443  1.00 17.10 ? 153 ASP A CA    1 
ATOM   936  C  C     . ASP A 1 124 ? -5.454  9.259   -9.375  1.00 17.97 ? 153 ASP A C     1 
ATOM   937  O  O     . ASP A 1 124 ? -5.280  9.822   -10.471 1.00 19.55 ? 153 ASP A O     1 
ATOM   938  C  CB    . ASP A 1 124 ? -5.931  10.833  -7.570  1.00 22.16 ? 153 ASP A CB    1 
ATOM   939  C  CG    . ASP A 1 124 ? -6.960  11.603  -6.819  1.00 25.83 ? 153 ASP A CG    1 
ATOM   940  O  OD1   . ASP A 1 124 ? -8.160  11.403  -7.087  1.00 32.50 ? 153 ASP A OD1   1 
ATOM   941  O  OD2   . ASP A 1 124 ? -6.573  12.418  -5.951  1.00 32.20 ? 153 ASP A OD2   1 
ATOM   942  N  N     . VAL A 1 125 ? -4.742  8.200   -8.989  1.00 15.79 ? 154 VAL A N     1 
ATOM   943  C  CA    . VAL A 1 125 ? -3.628  7.750   -9.826  1.00 13.81 ? 154 VAL A CA    1 
ATOM   944  C  C     . VAL A 1 125 ? -3.654  6.319   -10.400 1.00 12.87 ? 154 VAL A C     1 
ATOM   945  O  O     . VAL A 1 125 ? -2.915  6.014   -11.322 1.00 12.96 ? 154 VAL A O     1 
ATOM   946  C  CB    . VAL A 1 125 ? -2.264  7.884   -9.061  1.00 15.51 ? 154 VAL A CB    1 
ATOM   947  C  CG1   . VAL A 1 125 ? -2.199  9.222   -8.331  1.00 17.83 ? 154 VAL A CG1   1 
ATOM   948  C  CG2   . VAL A 1 125 ? -2.068  6.727   -8.068  1.00 16.60 ? 154 VAL A CG2   1 
ATOM   949  N  N     . LEU A 1 126 ? -4.425  5.420   -9.819  1.00 10.68 ? 155 LEU A N     1 
ATOM   950  C  CA    . LEU A 1 126 ? -4.422  4.034   -10.302 1.00 9.48  ? 155 LEU A CA    1 
ATOM   951  C  C     . LEU A 1 126 ? -5.076  3.900   -11.695 1.00 11.43 ? 155 LEU A C     1 
ATOM   952  O  O     . LEU A 1 126 ? -6.199  4.315   -11.919 1.00 12.72 ? 155 LEU A O     1 
ATOM   953  C  CB    . LEU A 1 126 ? -5.170  3.103   -9.306  1.00 9.50  ? 155 LEU A CB    1 
ATOM   954  C  CG    . LEU A 1 126 ? -5.067  1.617   -9.632  1.00 10.31 ? 155 LEU A CG    1 
ATOM   955  C  CD1   . LEU A 1 126 ? -3.631  1.095   -9.550  1.00 9.56  ? 155 LEU A CD1   1 
ATOM   956  C  CD2   . LEU A 1 126 ? -5.980  0.911   -8.705  1.00 10.66 ? 155 LEU A CD2   1 
ATOM   957  N  N     . ALA A 1 127 ? -4.369  3.273   -12.618 1.00 8.23  ? 156 ALA A N     1 
ATOM   958  C  CA    . ALA A 1 127 ? -4.960  3.070   -13.949 1.00 7.75  ? 156 ALA A CA    1 
ATOM   959  C  C     . ALA A 1 127 ? -6.099  2.039   -13.938 1.00 9.56  ? 156 ALA A C     1 
ATOM   960  O  O     . ALA A 1 127 ? -6.232  1.165   -13.060 1.00 8.83  ? 156 ALA A O     1 
ATOM   961  C  CB    . ALA A 1 127 ? -3.859  2.578   -14.908 1.00 10.80 ? 156 ALA A CB    1 
ATOM   962  N  N     . PRO A 1 128 ? -6.996  2.157   -14.957 1.00 10.63 ? 157 PRO A N     1 
ATOM   963  C  CA    . PRO A 1 128 ? -8.105  1.223   -15.097 1.00 11.85 ? 157 PRO A CA    1 
ATOM   964  C  C     . PRO A 1 128 ? -7.476  -0.161  -15.162 1.00 11.05 ? 157 PRO A C     1 
ATOM   965  O  O     . PRO A 1 128 ? -6.397  -0.322  -15.764 1.00 13.58 ? 157 PRO A O     1 
ATOM   966  C  CB    . PRO A 1 128 ? -8.679  1.587   -16.449 1.00 13.01 ? 157 PRO A CB    1 
ATOM   967  C  CG    . PRO A 1 128 ? -8.433  3.052   -16.548 1.00 13.16 ? 157 PRO A CG    1 
ATOM   968  C  CD    . PRO A 1 128 ? -7.073  3.279   -15.912 1.00 12.51 ? 157 PRO A CD    1 
ATOM   969  N  N     . GLY A 1 129 ? -8.106  -1.139  -14.525 1.00 10.08 ? 158 GLY A N     1 
ATOM   970  C  CA    . GLY A 1 129 ? -7.559  -2.485  -14.552 1.00 10.28 ? 158 GLY A CA    1 
ATOM   971  C  C     . GLY A 1 129 ? -6.485  -2.723  -13.487 1.00 9.06  ? 158 GLY A C     1 
ATOM   972  O  O     . GLY A 1 129 ? -6.056  -3.864  -13.325 1.00 11.88 ? 158 GLY A O     1 
ATOM   973  N  N     . GLY A 1 130 ? -6.096  -1.672  -12.756 1.00 10.19 ? 159 GLY A N     1 
ATOM   974  C  CA    . GLY A 1 130 ? -5.042  -1.795  -11.740 1.00 10.88 ? 159 GLY A CA    1 
ATOM   975  C  C     . GLY A 1 130 ? -5.423  -2.451  -10.411 1.00 10.36 ? 159 GLY A C     1 
ATOM   976  O  O     . GLY A 1 130 ? -6.588  -2.823  -10.216 1.00 10.68 ? 159 GLY A O     1 
ATOM   977  N  N     . SER A 1 131 ? -4.450  -2.574  -9.487  1.00 6.79  ? 160 SER A N     1 
ATOM   978  C  CA    . SER A 1 131 ? -4.703  -3.220  -8.223  1.00 10.51 ? 160 SER A CA    1 
ATOM   979  C  C     . SER A 1 131 ? -4.402  -2.280  -7.078  1.00 8.18  ? 160 SER A C     1 
ATOM   980  O  O     . SER A 1 131 ? -3.546  -1.366  -7.201  1.00 8.37  ? 160 SER A O     1 
ATOM   981  C  CB    . SER A 1 131 ? -3.805  -4.432  -8.075  1.00 10.17 ? 160 SER A CB    1 
ATOM   982  O  OG    . SER A 1 131 ? -3.994  -5.376  -9.118  1.00 11.31 ? 160 SER A OG    1 
ATOM   983  N  N     . PHE A 1 132 ? -5.052  -2.549  -5.942  1.00 8.01  ? 161 PHE A N     1 
ATOM   984  C  CA    . PHE A 1 132 ? -4.832  -1.776  -4.713  1.00 8.41  ? 161 PHE A CA    1 
ATOM   985  C  C     . PHE A 1 132 ? -4.699  -2.778  -3.565  1.00 9.14  ? 161 PHE A C     1 
ATOM   986  O  O     . PHE A 1 132 ? -5.500  -3.722  -3.428  1.00 9.15  ? 161 PHE A O     1 
ATOM   987  C  CB    . PHE A 1 132 ? -6.055  -0.874  -4.485  1.00 9.93  ? 161 PHE A CB    1 
ATOM   988  C  CG    . PHE A 1 132 ? -6.018  -0.039  -3.211  1.00 9.25  ? 161 PHE A CG    1 
ATOM   989  C  CD1   . PHE A 1 132 ? -4.898  0.725   -2.878  1.00 8.81  ? 161 PHE A CD1   1 
ATOM   990  C  CD2   . PHE A 1 132 ? -7.155  0.070   -2.404  1.00 11.49 ? 161 PHE A CD2   1 
ATOM   991  C  CE1   . PHE A 1 132 ? -4.907  1.585   -1.757  1.00 11.25 ? 161 PHE A CE1   1 
ATOM   992  C  CE2   . PHE A 1 132 ? -7.169  0.942   -1.285  1.00 9.63  ? 161 PHE A CE2   1 
ATOM   993  C  CZ    . PHE A 1 132 ? -6.040  1.698   -0.959  1.00 9.73  ? 161 PHE A CZ    1 
ATOM   994  N  N     . VAL A 1 133 ? -3.652  -2.641  -2.756  1.00 8.23  ? 162 VAL A N     1 
ATOM   995  C  CA    . VAL A 1 133 ? -3.520  -3.510  -1.603  1.00 10.64 ? 162 VAL A CA    1 
ATOM   996  C  C     . VAL A 1 133 ? -3.317  -2.595  -0.427  1.00 9.18  ? 162 VAL A C     1 
ATOM   997  O  O     . VAL A 1 133 ? -2.491  -1.686  -0.494  1.00 9.03  ? 162 VAL A O     1 
ATOM   998  C  CB    . VAL A 1 133 ? -2.392  -4.556  -1.810  1.00 10.97 ? 162 VAL A CB    1 
ATOM   999  C  CG1   . VAL A 1 133 ? -1.106  -3.919  -2.341  1.00 16.56 ? 162 VAL A CG1   1 
ATOM   1000 C  CG2   . VAL A 1 133 ? -2.083  -5.274  -0.502  1.00 10.94 ? 162 VAL A CG2   1 
ATOM   1001 N  N     . VAL A 1 134 ? -4.111  -2.794  0.633   1.00 8.78  ? 163 VAL A N     1 
ATOM   1002 C  CA    . VAL A 1 134 ? -4.032  -1.902  1.786   1.00 9.38  ? 163 VAL A CA    1 
ATOM   1003 C  C     . VAL A 1 134 ? -4.176  -2.615  3.133   1.00 7.86  ? 163 VAL A C     1 
ATOM   1004 O  O     . VAL A 1 134 ? -5.033  -3.491  3.323   1.00 10.48 ? 163 VAL A O     1 
ATOM   1005 C  CB    . VAL A 1 134 ? -5.108  -0.779  1.648   1.00 9.48  ? 163 VAL A CB    1 
ATOM   1006 C  CG1   . VAL A 1 134 ? -6.501  -1.379  1.482   1.00 7.72  ? 163 VAL A CG1   1 
ATOM   1007 C  CG2   . VAL A 1 134 ? -5.068  0.207   2.836   1.00 9.31  ? 163 VAL A CG2   1 
ATOM   1008 N  N     . LYS A 1 135 ? -3.317  -2.227  4.058   1.00 8.92  ? 164 LYS A N     1 
ATOM   1009 C  CA    . LYS A 1 135 ? -3.359  -2.781  5.431   1.00 8.78  ? 164 LYS A CA    1 
ATOM   1010 C  C     . LYS A 1 135 ? -4.521  -2.068  6.133   1.00 9.13  ? 164 LYS A C     1 
ATOM   1011 O  O     . LYS A 1 135 ? -4.567  -0.825  6.187   1.00 10.30 ? 164 LYS A O     1 
ATOM   1012 C  CB    . LYS A 1 135 ? -2.064  -2.429  6.174   1.00 9.99  ? 164 LYS A CB    1 
ATOM   1013 C  CG    . LYS A 1 135 ? -1.973  -3.051  7.594   1.00 11.43 ? 164 LYS A CG    1 
ATOM   1014 C  CD    . LYS A 1 135 ? -1.203  -2.120  8.590   1.00 17.85 ? 164 LYS A CD    1 
ATOM   1015 C  CE    . LYS A 1 135 ? 0.296   -2.141  8.492   1.00 20.23 ? 164 LYS A CE    1 
ATOM   1016 N  NZ    . LYS A 1 135 ? 0.938   -3.458  8.797   1.00 15.90 ? 164 LYS A NZ    1 
ATOM   1017 N  N     . VAL A 1 136 ? -5.428  -2.850  6.713   1.00 8.75  ? 165 VAL A N     1 
ATOM   1018 C  CA    . VAL A 1 136 ? -6.574  -2.268  7.409   1.00 8.55  ? 165 VAL A CA    1 
ATOM   1019 C  C     . VAL A 1 136 ? -6.774  -3.061  8.689   1.00 10.73 ? 165 VAL A C     1 
ATOM   1020 O  O     . VAL A 1 136 ? -6.376  -4.231  8.758   1.00 14.01 ? 165 VAL A O     1 
ATOM   1021 C  CB    . VAL A 1 136 ? -7.851  -2.345  6.526   1.00 9.75  ? 165 VAL A CB    1 
ATOM   1022 C  CG1   . VAL A 1 136 ? -9.021  -1.612  7.231   1.00 13.38 ? 165 VAL A CG1   1 
ATOM   1023 C  CG2   . VAL A 1 136 ? -7.578  -1.718  5.172   1.00 13.89 ? 165 VAL A CG2   1 
ATOM   1024 N  N     . PHE A 1 137 ? -7.351  -2.444  9.710   1.00 9.48  ? 166 PHE A N     1 
ATOM   1025 C  CA    . PHE A 1 137 ? -7.562  -3.189  10.950  1.00 11.90 ? 166 PHE A CA    1 
ATOM   1026 C  C     . PHE A 1 137 ? -9.011  -3.581  11.106  1.00 11.60 ? 166 PHE A C     1 
ATOM   1027 O  O     . PHE A 1 137 ? -9.924  -2.868  10.647  1.00 12.38 ? 166 PHE A O     1 
ATOM   1028 C  CB    . PHE A 1 137 ? -7.141  -2.356  12.171  1.00 11.94 ? 166 PHE A CB    1 
ATOM   1029 C  CG    . PHE A 1 137 ? -5.664  -2.111  12.231  1.00 14.45 ? 166 PHE A CG    1 
ATOM   1030 C  CD1   . PHE A 1 137 ? -5.101  -1.006  11.583  1.00 15.13 ? 166 PHE A CD1   1 
ATOM   1031 C  CD2   . PHE A 1 137 ? -4.810  -3.030  12.853  1.00 15.29 ? 166 PHE A CD2   1 
ATOM   1032 C  CE1   . PHE A 1 137 ? -3.708  -0.832  11.539  1.00 14.63 ? 166 PHE A CE1   1 
ATOM   1033 C  CE2   . PHE A 1 137 ? -3.440  -2.857  12.810  1.00 15.52 ? 166 PHE A CE2   1 
ATOM   1034 C  CZ    . PHE A 1 137 ? -2.883  -1.762  12.149  1.00 14.98 ? 166 PHE A CZ    1 
ATOM   1035 N  N     . GLN A 1 138 ? -9.189  -4.743  11.721  1.00 12.74 ? 167 GLN A N     1 
ATOM   1036 C  CA    . GLN A 1 138 ? -10.522 -5.248  12.048  1.00 13.18 ? 167 GLN A CA    1 
ATOM   1037 C  C     . GLN A 1 138 ? -11.154 -4.241  13.014  1.00 13.61 ? 167 GLN A C     1 
ATOM   1038 O  O     . GLN A 1 138 ? -10.475 -3.640  13.863  1.00 12.53 ? 167 GLN A O     1 
ATOM   1039 C  CB    . GLN A 1 138 ? -10.415 -6.576  12.778  1.00 12.62 ? 167 GLN A CB    1 
ATOM   1040 C  CG    . GLN A 1 138 ? -9.969  -7.781  11.943  1.00 16.14 ? 167 GLN A CG    1 
ATOM   1041 C  CD    . GLN A 1 138 ? -9.908  -9.032  12.814  1.00 22.34 ? 167 GLN A CD    1 
ATOM   1042 O  OE1   . GLN A 1 138 ? -10.810 -9.273  13.621  1.00 26.05 ? 167 GLN A OE1   1 
ATOM   1043 N  NE2   . GLN A 1 138 ? -8.838  -9.829  12.667  1.00 22.06 ? 167 GLN A NE2   1 
ATOM   1044 N  N     . GLY A 1 139 ? -12.457 -4.071  12.883  1.00 11.53 ? 168 GLY A N     1 
ATOM   1045 C  CA    . GLY A 1 139 ? -13.149 -3.155  13.773  1.00 10.91 ? 168 GLY A CA    1 
ATOM   1046 C  C     . GLY A 1 139 ? -13.936 -2.073  13.085  1.00 10.08 ? 168 GLY A C     1 
ATOM   1047 O  O     . GLY A 1 139 ? -14.370 -2.180  11.932  1.00 10.05 ? 168 GLY A O     1 
ATOM   1048 N  N     . GLU A 1 140 ? -14.151 -1.011  13.842  1.00 8.61  ? 169 GLU A N     1 
ATOM   1049 C  CA    . GLU A 1 140 ? -14.935 0.114   13.372  1.00 10.70 ? 169 GLU A CA    1 
ATOM   1050 C  C     . GLU A 1 140 ? -14.388 0.662   12.068  1.00 10.94 ? 169 GLU A C     1 
ATOM   1051 O  O     . GLU A 1 140 ? -13.162 0.801   11.890  1.00 12.13 ? 169 GLU A O     1 
ATOM   1052 C  CB    . GLU A 1 140 ? -14.922 1.224   14.444  1.00 12.12 ? 169 GLU A CB    1 
ATOM   1053 C  CG    . GLU A 1 140 ? -15.740 2.433   14.057  1.00 12.14 ? 169 GLU A CG    1 
ATOM   1054 C  CD    . GLU A 1 140 ? -15.632 3.548   15.108  1.00 13.54 ? 169 GLU A CD    1 
ATOM   1055 O  OE1   . GLU A 1 140 ? -14.747 3.483   16.021  1.00 16.13 ? 169 GLU A OE1   1 
ATOM   1056 O  OE2   . GLU A 1 140 ? -16.423 4.499   14.980  1.00 17.89 ? 169 GLU A OE2   1 
ATOM   1057 N  N     . GLY A 1 141 ? -15.293 0.883   11.124  1.00 10.82 ? 170 GLY A N     1 
ATOM   1058 C  CA    . GLY A 1 141 ? -14.900 1.439   9.839   1.00 12.70 ? 170 GLY A CA    1 
ATOM   1059 C  C     . GLY A 1 141 ? -14.522 0.434   8.747   1.00 12.05 ? 170 GLY A C     1 
ATOM   1060 O  O     . GLY A 1 141 ? -14.557 0.764   7.549   1.00 12.43 ? 170 GLY A O     1 
ATOM   1061 N  N     . PHE A 1 142 ? -14.152 -0.782  9.144   1.00 10.70 ? 171 PHE A N     1 
ATOM   1062 C  CA    . PHE A 1 142 ? -13.723 -1.830  8.198   1.00 10.63 ? 171 PHE A CA    1 
ATOM   1063 C  C     . PHE A 1 142 ? -14.836 -2.170  7.196   1.00 11.82 ? 171 PHE A C     1 
ATOM   1064 O  O     . PHE A 1 142 ? -14.583 -2.237  5.977   1.00 12.77 ? 171 PHE A O     1 
ATOM   1065 C  CB    . PHE A 1 142 ? -13.301 -3.100  8.983   1.00 10.19 ? 171 PHE A CB    1 
ATOM   1066 C  CG    . PHE A 1 142 ? -12.991 -4.290  8.120   1.00 14.40 ? 171 PHE A CG    1 
ATOM   1067 C  CD1   . PHE A 1 142 ? -11.807 -4.344  7.405   1.00 14.49 ? 171 PHE A CD1   1 
ATOM   1068 C  CD2   . PHE A 1 142 ? -13.898 -5.326  7.968   1.00 14.20 ? 171 PHE A CD2   1 
ATOM   1069 C  CE1   . PHE A 1 142 ? -11.520 -5.407  6.532   1.00 16.10 ? 171 PHE A CE1   1 
ATOM   1070 C  CE2   . PHE A 1 142 ? -13.608 -6.402  7.101   1.00 15.80 ? 171 PHE A CE2   1 
ATOM   1071 C  CZ    . PHE A 1 142 ? -12.410 -6.421  6.388   1.00 14.09 ? 171 PHE A CZ    1 
ATOM   1072 N  N     . ASP A 1 143 ? -16.069 -2.355  7.669   1.00 12.51 ? 172 ASP A N     1 
ATOM   1073 C  CA    . ASP A 1 143 ? -17.138 -2.733  6.746   1.00 13.09 ? 172 ASP A CA    1 
ATOM   1074 C  C     . ASP A 1 143 ? -17.366 -1.702  5.657   1.00 13.34 ? 172 ASP A C     1 
ATOM   1075 O  O     . ASP A 1 143 ? -17.483 -2.052  4.470   1.00 13.45 ? 172 ASP A O     1 
ATOM   1076 C  CB    . ASP A 1 143 ? -18.460 -2.970  7.530   1.00 13.18 ? 172 ASP A CB    1 
ATOM   1077 C  CG    . ASP A 1 143 ? -19.599 -3.483  6.663   1.00 15.28 ? 172 ASP A CG    1 
ATOM   1078 O  OD1   . ASP A 1 143 ? -20.350 -2.654  6.100   1.00 18.24 ? 172 ASP A OD1   1 
ATOM   1079 O  OD2   . ASP A 1 143 ? -19.711 -4.704  6.589   1.00 17.42 ? 172 ASP A OD2   1 
ATOM   1080 N  N     . GLU A 1 144 ? -17.435 -0.432  6.014   1.00 14.24 ? 173 GLU A N     1 
ATOM   1081 C  CA    . GLU A 1 144 ? -17.722 0.570   4.998   1.00 15.94 ? 173 GLU A CA    1 
ATOM   1082 C  C     . GLU A 1 144 ? -16.599 0.755   3.988   1.00 13.79 ? 173 GLU A C     1 
ATOM   1083 O  O     . GLU A 1 144 ? -16.849 0.996   2.824   1.00 13.87 ? 173 GLU A O     1 
ATOM   1084 C  CB    . GLU A 1 144 ? -18.058 1.881   5.680   1.00 20.79 ? 173 GLU A CB    1 
ATOM   1085 C  CG    . GLU A 1 144 ? -18.560 3.019   4.784   1.00 27.13 ? 173 GLU A CG    1 
ATOM   1086 C  CD    . GLU A 1 144 ? -19.175 4.160   5.606   1.00 31.96 ? 173 GLU A CD    1 
ATOM   1087 O  OE1   . GLU A 1 144 ? -18.544 4.607   6.600   1.00 35.41 ? 173 GLU A OE1   1 
ATOM   1088 O  OE2   . GLU A 1 144 ? -20.291 4.610   5.255   1.00 36.06 ? 173 GLU A OE2   1 
ATOM   1089 N  N     . TYR A 1 145 ? -15.380 0.622   4.467   1.00 12.40 ? 174 TYR A N     1 
ATOM   1090 C  CA    . TYR A 1 145 ? -14.189 0.798   3.638   1.00 11.29 ? 174 TYR A CA    1 
ATOM   1091 C  C     . TYR A 1 145 ? -14.093 -0.367  2.654   1.00 11.90 ? 174 TYR A C     1 
ATOM   1092 O  O     . TYR A 1 145 ? -13.821 -0.141  1.457   1.00 14.16 ? 174 TYR A O     1 
ATOM   1093 C  CB    . TYR A 1 145 ? -12.973 0.899   4.549   1.00 12.63 ? 174 TYR A CB    1 
ATOM   1094 C  CG    . TYR A 1 145 ? -11.736 1.262   3.835   1.00 13.14 ? 174 TYR A CG    1 
ATOM   1095 C  CD1   . TYR A 1 145 ? -11.523 2.570   3.347   1.00 11.76 ? 174 TYR A CD1   1 
ATOM   1096 C  CD2   . TYR A 1 145 ? -10.749 0.313   3.645   1.00 13.11 ? 174 TYR A CD2   1 
ATOM   1097 C  CE1   . TYR A 1 145 ? -10.327 2.896   2.694   1.00 13.08 ? 174 TYR A CE1   1 
ATOM   1098 C  CE2   . TYR A 1 145 ? -9.557  0.635   2.999   1.00 13.54 ? 174 TYR A CE2   1 
ATOM   1099 C  CZ    . TYR A 1 145 ? -9.349  1.920   2.526   1.00 13.78 ? 174 TYR A CZ    1 
ATOM   1100 O  OH    . TYR A 1 145 ? -8.165  2.189   1.861   1.00 12.68 ? 174 TYR A OH    1 
ATOM   1101 N  N     . LEU A 1 146 ? -14.342 -1.590  3.110   1.00 10.17 ? 175 LEU A N     1 
ATOM   1102 C  CA    . LEU A 1 146 ? -14.334 -2.738  2.239   1.00 10.85 ? 175 LEU A CA    1 
ATOM   1103 C  C     . LEU A 1 146 ? -15.442 -2.583  1.190   1.00 12.91 ? 175 LEU A C     1 
ATOM   1104 O  O     . LEU A 1 146 ? -15.209 -2.833  0.013   1.00 15.55 ? 175 LEU A O     1 
ATOM   1105 C  CB    . LEU A 1 146 ? -14.520 -4.046  3.048   1.00 14.30 ? 175 LEU A CB    1 
ATOM   1106 C  CG    . LEU A 1 146 ? -14.682 -5.350  2.232   1.00 13.74 ? 175 LEU A CG    1 
ATOM   1107 C  CD1   . LEU A 1 146 ? -13.493 -5.610  1.321   1.00 10.74 ? 175 LEU A CD1   1 
ATOM   1108 C  CD2   . LEU A 1 146 ? -14.805 -6.520  3.203   1.00 12.92 ? 175 LEU A CD2   1 
ATOM   1109 N  N     . ARG A 1 147 ? -16.635 -2.145  1.596   1.00 13.63 ? 176 ARG A N     1 
ATOM   1110 C  CA    . ARG A 1 147 ? -17.744 -1.969  0.647   1.00 14.21 ? 176 ARG A CA    1 
ATOM   1111 C  C     . ARG A 1 147 ? -17.385 -0.958  -0.424  1.00 14.94 ? 176 ARG A C     1 
ATOM   1112 O  O     . ARG A 1 147 ? -17.735 -1.126  -1.620  1.00 16.33 ? 176 ARG A O     1 
ATOM   1113 C  CB    . ARG A 1 147 ? -19.012 -1.504  1.398   1.00 15.28 ? 176 ARG A CB    1 
ATOM   1114 C  CG    . ARG A 1 147 ? -19.725 -2.613  2.118   1.00 24.42 ? 176 ARG A CG    1 
ATOM   1115 C  CD    . ARG A 1 147 ? -20.891 -2.074  2.968   1.00 28.15 ? 176 ARG A CD    1 
ATOM   1116 N  NE    . ARG A 1 147 ? -21.876 -3.114  3.291   1.00 34.44 ? 176 ARG A NE    1 
ATOM   1117 C  CZ    . ARG A 1 147 ? -22.732 -3.644  2.414   1.00 36.02 ? 176 ARG A CZ    1 
ATOM   1118 N  NH1   . ARG A 1 147 ? -22.728 -3.236  1.148   1.00 36.79 ? 176 ARG A NH1   1 
ATOM   1119 N  NH2   . ARG A 1 147 ? -23.614 -4.558  2.811   1.00 37.21 ? 176 ARG A NH2   1 
ATOM   1120 N  N     . GLU A 1 148 ? -16.666 0.089   -0.044  1.00 13.44 ? 177 GLU A N     1 
ATOM   1121 C  CA    . GLU A 1 148 ? -16.316 1.121   -1.005  1.00 13.80 ? 177 GLU A CA    1 
ATOM   1122 C  C     . GLU A 1 148 ? -15.323 0.536   -1.995  1.00 15.16 ? 177 GLU A C     1 
ATOM   1123 O  O     . GLU A 1 148 ? -15.448 0.728   -3.225  1.00 14.55 ? 177 GLU A O     1 
ATOM   1124 C  CB    . GLU A 1 148 ? -15.732 2.313   -0.276  1.00 15.01 ? 177 GLU A CB    1 
ATOM   1125 C  CG    . GLU A 1 148 ? -15.302 3.440   -1.169  1.00 19.84 ? 177 GLU A CG    1 
ATOM   1126 C  CD    . GLU A 1 148 ? -16.450 4.090   -1.900  1.00 25.29 ? 177 GLU A CD    1 
ATOM   1127 O  OE1   . GLU A 1 148 ? -17.633 3.949   -1.465  1.00 26.20 ? 177 GLU A OE1   1 
ATOM   1128 O  OE2   . GLU A 1 148 ? -16.159 4.759   -2.908  1.00 29.67 ? 177 GLU A OE2   1 
ATOM   1129 N  N     . ILE A 1 149 ? -14.350 -0.199  -1.489  1.00 14.19 ? 178 ILE A N     1 
ATOM   1130 C  CA    . ILE A 1 149 ? -13.385 -0.818  -2.396  1.00 12.33 ? 178 ILE A CA    1 
ATOM   1131 C  C     . ILE A 1 149 ? -14.067 -1.826  -3.316  1.00 14.48 ? 178 ILE A C     1 
ATOM   1132 O  O     . ILE A 1 149 ? -13.746 -1.894  -4.501  1.00 13.25 ? 178 ILE A O     1 
ATOM   1133 C  CB    . ILE A 1 149 ? -12.247 -1.454  -1.593  1.00 10.81 ? 178 ILE A CB    1 
ATOM   1134 C  CG1   . ILE A 1 149 ? -11.507 -0.316  -0.890  1.00 11.84 ? 178 ILE A CG1   1 
ATOM   1135 C  CG2   . ILE A 1 149 ? -11.291 -2.258  -2.513  1.00 10.16 ? 178 ILE A CG2   1 
ATOM   1136 C  CD1   . ILE A 1 149 ? -10.433 -0.768  0.126   1.00 15.83 ? 178 ILE A CD1   1 
ATOM   1137 N  N     . ARG A 1 150 ? -14.991 -2.628  -2.799  1.00 14.54 ? 179 ARG A N     1 
ATOM   1138 C  CA    . ARG A 1 150 ? -15.716 -3.557  -3.654  1.00 13.80 ? 179 ARG A CA    1 
ATOM   1139 C  C     . ARG A 1 150 ? -16.468 -2.822  -4.760  1.00 16.41 ? 179 ARG A C     1 
ATOM   1140 O  O     . ARG A 1 150 ? -16.573 -3.339  -5.875  1.00 16.61 ? 179 ARG A O     1 
ATOM   1141 C  CB    . ARG A 1 150 ? -16.714 -4.387  -2.828  1.00 14.15 ? 179 ARG A CB    1 
ATOM   1142 C  CG    . ARG A 1 150 ? -16.069 -5.481  -2.065  1.00 16.04 ? 179 ARG A CG    1 
ATOM   1143 C  CD    . ARG A 1 150 ? -17.088 -6.160  -1.175  1.00 18.58 ? 179 ARG A CD    1 
ATOM   1144 N  NE    . ARG A 1 150 ? -16.571 -7.398  -0.619  1.00 18.89 ? 179 ARG A NE    1 
ATOM   1145 C  CZ    . ARG A 1 150 ? -16.970 -7.927  0.533   1.00 25.72 ? 179 ARG A CZ    1 
ATOM   1146 N  NH1   . ARG A 1 150 ? -17.896 -7.320  1.297   1.00 28.97 ? 179 ARG A NH1   1 
ATOM   1147 N  NH2   . ARG A 1 150 ? -16.475 -9.103  0.894   1.00 29.17 ? 179 ARG A NH2   1 
ATOM   1148 N  N     . SER A 1 151 ? -16.947 -1.604  -4.491  1.00 14.93 ? 180 SER A N     1 
ATOM   1149 C  CA    . SER A 1 151 ? -17.677 -0.924  -5.549  1.00 17.69 ? 180 SER A CA    1 
ATOM   1150 C  C     . SER A 1 151 ? -16.767 -0.364  -6.645  1.00 17.60 ? 180 SER A C     1 
ATOM   1151 O  O     . SER A 1 151 ? -17.263 -0.002  -7.714  1.00 18.42 ? 180 SER A O     1 
ATOM   1152 C  CB    . SER A 1 151 ? -18.504 0.219   -4.961  1.00 17.86 ? 180 SER A CB    1 
ATOM   1153 O  OG    . SER A 1 151 ? -17.681 1.334   -4.679  1.00 19.69 ? 180 SER A OG    1 
ATOM   1154 N  N     . LEU A 1 152 ? -15.449 -0.309  -6.408  1.00 14.23 ? 181 LEU A N     1 
ATOM   1155 C  CA    . LEU A 1 152 ? -14.488 0.299   -7.332  1.00 12.13 ? 181 LEU A CA    1 
ATOM   1156 C  C     . LEU A 1 152 ? -13.640 -0.706  -8.085  1.00 11.48 ? 181 LEU A C     1 
ATOM   1157 O  O     . LEU A 1 152 ? -12.969 -0.344  -9.041  1.00 13.92 ? 181 LEU A O     1 
ATOM   1158 C  CB    . LEU A 1 152 ? -13.519 1.226   -6.558  1.00 12.87 ? 181 LEU A CB    1 
ATOM   1159 C  CG    . LEU A 1 152 ? -14.186 2.454   -5.928  1.00 14.67 ? 181 LEU A CG    1 
ATOM   1160 C  CD1   . LEU A 1 152 ? -13.185 3.089   -4.910  1.00 15.45 ? 181 LEU A CD1   1 
ATOM   1161 C  CD2   . LEU A 1 152 ? -14.564 3.491   -6.988  1.00 18.31 ? 181 LEU A CD2   1 
ATOM   1162 N  N     . PHE A 1 153 ? -13.695 -1.954  -7.666  1.00 12.24 ? 182 PHE A N     1 
ATOM   1163 C  CA    . PHE A 1 153 ? -12.851 -3.001  -8.250  1.00 12.36 ? 182 PHE A CA    1 
ATOM   1164 C  C     . PHE A 1 153 ? -13.639 -4.225  -8.648  1.00 14.65 ? 182 PHE A C     1 
ATOM   1165 O  O     . PHE A 1 153 ? -14.644 -4.545  -8.036  1.00 17.94 ? 182 PHE A O     1 
ATOM   1166 C  CB    . PHE A 1 153 ? -11.752 -3.399  -7.234  1.00 10.24 ? 182 PHE A CB    1 
ATOM   1167 C  CG    . PHE A 1 153 ? -10.736 -2.337  -7.018  1.00 10.57 ? 182 PHE A CG    1 
ATOM   1168 C  CD1   . PHE A 1 153 ? -10.942 -1.304  -6.125  1.00 10.42 ? 182 PHE A CD1   1 
ATOM   1169 C  CD2   . PHE A 1 153 ? -9.549  -2.375  -7.762  1.00 10.42 ? 182 PHE A CD2   1 
ATOM   1170 C  CE1   . PHE A 1 153 ? -9.956  -0.304  -5.970  1.00 9.12  ? 182 PHE A CE1   1 
ATOM   1171 C  CE2   . PHE A 1 153 ? -8.567  -1.397  -7.623  1.00 13.26 ? 182 PHE A CE2   1 
ATOM   1172 C  CZ    . PHE A 1 153 ? -8.758  -0.369  -6.736  1.00 8.43  ? 182 PHE A CZ    1 
ATOM   1173 N  N     . THR A 1 154 ? -13.149 -4.962  -9.640  1.00 15.44 ? 183 THR A N     1 
ATOM   1174 C  CA    . THR A 1 154 ? -13.899 -6.124  -10.074 1.00 16.24 ? 183 THR A CA    1 
ATOM   1175 C  C     . THR A 1 154 ? -13.802 -7.312  -9.107  1.00 16.32 ? 183 THR A C     1 
ATOM   1176 O  O     . THR A 1 154 ? -14.786 -8.034  -8.933  1.00 19.73 ? 183 THR A O     1 
ATOM   1177 C  CB    . THR A 1 154 ? -13.479 -6.488  -11.498 1.00 21.46 ? 183 THR A CB    1 
ATOM   1178 O  OG1   . THR A 1 154 ? -12.102 -6.803  -11.510 1.00 25.43 ? 183 THR A OG1   1 
ATOM   1179 C  CG2   . THR A 1 154 ? -13.660 -5.306  -12.404 1.00 20.86 ? 183 THR A CG2   1 
ATOM   1180 N  N     . LYS A 1 155 ? -12.650 -7.481  -8.439  1.00 14.15 ? 184 LYS A N     1 
ATOM   1181 C  CA    . LYS A 1 155 ? -12.455 -8.562  -7.476  1.00 14.35 ? 184 LYS A CA    1 
ATOM   1182 C  C     . LYS A 1 155 ? -11.773 -8.033  -6.208  1.00 15.15 ? 184 LYS A C     1 
ATOM   1183 O  O     . LYS A 1 155 ? -10.818 -7.265  -6.296  1.00 12.94 ? 184 LYS A O     1 
ATOM   1184 C  CB    . LYS A 1 155 ? -11.566 -9.643  -8.082  1.00 14.84 ? 184 LYS A CB    1 
ATOM   1185 C  CG    . LYS A 1 155 ? -11.380 -10.866 -7.227  1.00 19.60 ? 184 LYS A CG    1 
ATOM   1186 C  CD    . LYS A 1 155 ? -10.394 -11.804 -7.887  1.00 24.75 ? 184 LYS A CD    1 
ATOM   1187 C  CE    . LYS A 1 155 ? -9.868  -12.809 -6.896  1.00 27.11 ? 184 LYS A CE    1 
ATOM   1188 N  NZ    . LYS A 1 155 ? -8.706  -13.619 -7.453  1.00 31.08 ? 184 LYS A NZ    1 
ATOM   1189 N  N     . VAL A 1 156 ? -12.248 -8.446  -5.044  1.00 12.22 ? 185 VAL A N     1 
ATOM   1190 C  CA    . VAL A 1 156 ? -11.642 -8.001  -3.785  1.00 12.38 ? 185 VAL A CA    1 
ATOM   1191 C  C     . VAL A 1 156 ? -11.572 -9.177  -2.836  1.00 15.08 ? 185 VAL A C     1 
ATOM   1192 O  O     . VAL A 1 156 ? -12.556 -9.927  -2.664  1.00 16.59 ? 185 VAL A O     1 
ATOM   1193 C  CB    . VAL A 1 156 ? -12.448 -6.837  -3.144  1.00 13.35 ? 185 VAL A CB    1 
ATOM   1194 C  CG1   . VAL A 1 156 ? -11.745 -6.322  -1.869  1.00 11.38 ? 185 VAL A CG1   1 
ATOM   1195 C  CG2   . VAL A 1 156 ? -12.539 -5.707  -4.144  1.00 14.21 ? 185 VAL A CG2   1 
ATOM   1196 N  N     . LYS A 1 157 ? -10.401 -9.347  -2.241  1.00 13.08 ? 186 LYS A N     1 
ATOM   1197 C  CA    . LYS A 1 157 ? -10.170 -10.413 -1.262  1.00 14.28 ? 186 LYS A CA    1 
ATOM   1198 C  C     . LYS A 1 157 ? -9.618  -9.795  0.035   1.00 14.79 ? 186 LYS A C     1 
ATOM   1199 O  O     . LYS A 1 157 ? -8.946  -8.761  0.021   1.00 12.75 ? 186 LYS A O     1 
ATOM   1200 C  CB    . LYS A 1 157 ? -9.131  -11.398 -1.780  1.00 16.01 ? 186 LYS A CB    1 
ATOM   1201 C  CG    . LYS A 1 157 ? -9.516  -12.149 -3.048  1.00 22.73 ? 186 LYS A CG    1 
ATOM   1202 C  CD    . LYS A 1 157 ? -10.458 -13.276 -2.682  1.00 25.15 ? 186 LYS A CD    1 
ATOM   1203 C  CE    . LYS A 1 157 ? -10.889 -14.123 -3.878  1.00 30.17 ? 186 LYS A CE    1 
ATOM   1204 N  NZ    . LYS A 1 157 ? -11.969 -15.092 -3.448  1.00 32.20 ? 186 LYS A NZ    1 
ATOM   1205 N  N     . VAL A 1 158 ? -9.907  -10.426 1.156   1.00 12.33 ? 187 VAL A N     1 
ATOM   1206 C  CA    . VAL A 1 158 ? -9.373  -9.971  2.441   1.00 10.63 ? 187 VAL A CA    1 
ATOM   1207 C  C     . VAL A 1 158 ? -8.396  -11.063 2.823   1.00 12.92 ? 187 VAL A C     1 
ATOM   1208 O  O     . VAL A 1 158 ? -8.803  -12.222 3.068   1.00 13.63 ? 187 VAL A O     1 
ATOM   1209 C  CB    . VAL A 1 158 ? -10.480 -9.862  3.515   1.00 11.00 ? 187 VAL A CB    1 
ATOM   1210 C  CG1   . VAL A 1 158 ? -9.853  -9.518  4.848   1.00 14.59 ? 187 VAL A CG1   1 
ATOM   1211 C  CG2   . VAL A 1 158 ? -11.508 -8.773  3.100   1.00 12.46 ? 187 VAL A CG2   1 
ATOM   1212 N  N     . ARG A 1 159 ? -7.108  -10.699 2.891   1.00 11.04 ? 188 ARG A N     1 
ATOM   1213 C  CA    . ARG A 1 159 ? -6.046  -11.656 3.173   1.00 11.38 ? 188 ARG A CA    1 
ATOM   1214 C  C     . ARG A 1 159 ? -5.446  -11.484 4.536   1.00 12.22 ? 188 ARG A C     1 
ATOM   1215 O  O     . ARG A 1 159 ? -5.306  -10.375 5.036   1.00 12.96 ? 188 ARG A O     1 
ATOM   1216 C  CB    . ARG A 1 159 ? -4.920  -11.512 2.154   1.00 11.04 ? 188 ARG A CB    1 
ATOM   1217 C  CG    . ARG A 1 159 ? -5.356  -11.724 0.722   1.00 11.61 ? 188 ARG A CG    1 
ATOM   1218 C  CD    . ARG A 1 159 ? -5.957  -13.091 0.479   1.00 12.76 ? 188 ARG A CD    1 
ATOM   1219 N  NE    . ARG A 1 159 ? -6.081  -13.327 -0.964  1.00 11.98 ? 188 ARG A NE    1 
ATOM   1220 C  CZ    . ARG A 1 159 ? -6.757  -14.332 -1.487  1.00 14.05 ? 188 ARG A CZ    1 
ATOM   1221 N  NH1   . ARG A 1 159 ? -7.372  -15.179 -0.660  1.00 16.64 ? 188 ARG A NH1   1 
ATOM   1222 N  NH2   . ARG A 1 159 ? -6.821  -14.508 -2.818  1.00 17.02 ? 188 ARG A NH2   1 
ATOM   1223 N  N     . LYS A 1 160 ? -5.125  -12.607 5.166   1.00 12.01 ? 189 LYS A N     1 
ATOM   1224 C  CA    . LYS A 1 160 ? -4.460  -12.548 6.449   1.00 14.52 ? 189 LYS A CA    1 
ATOM   1225 C  C     . LYS A 1 160 ? -3.208  -13.387 6.240   1.00 14.79 ? 189 LYS A C     1 
ATOM   1226 O  O     . LYS A 1 160 ? -3.238  -14.616 6.398   1.00 19.94 ? 189 LYS A O     1 
ATOM   1227 C  CB    . LYS A 1 160 ? -5.363  -13.145 7.552   1.00 17.05 ? 189 LYS A CB    1 
ATOM   1228 C  CG    . LYS A 1 160 ? -4.630  -13.304 8.879   1.00 22.04 ? 189 LYS A CG    1 
ATOM   1229 C  CD    . LYS A 1 160 ? -4.179  -11.963 9.434   1.00 23.55 ? 189 LYS A CD    1 
ATOM   1230 C  CE    . LYS A 1 160 ? -3.664  -12.076 10.882  1.00 21.75 ? 189 LYS A CE    1 
ATOM   1231 N  NZ    . LYS A 1 160 ? -3.434  -10.708 11.475  1.00 22.11 ? 189 LYS A NZ    1 
ATOM   1232 N  N     . PRO A 1 161 ? -2.106  -12.761 5.798   1.00 14.15 ? 190 PRO A N     1 
ATOM   1233 C  CA    . PRO A 1 161 ? -0.856  -13.492 5.569   1.00 16.69 ? 190 PRO A CA    1 
ATOM   1234 C  C     . PRO A 1 161 ? -0.456  -14.299 6.788   1.00 16.16 ? 190 PRO A C     1 
ATOM   1235 O  O     . PRO A 1 161 ? -0.680  -13.878 7.929   1.00 16.67 ? 190 PRO A O     1 
ATOM   1236 C  CB    . PRO A 1 161 ? 0.158   -12.370 5.297   1.00 16.68 ? 190 PRO A CB    1 
ATOM   1237 C  CG    . PRO A 1 161 ? -0.654  -11.324 4.676   1.00 17.61 ? 190 PRO A CG    1 
ATOM   1238 C  CD    . PRO A 1 161 ? -1.904  -11.318 5.556   1.00 14.66 ? 190 PRO A CD    1 
ATOM   1239 N  N     . ASP A 1 162 ? 0.133   -15.464 6.528   1.00 19.27 ? 191 ASP A N     1 
ATOM   1240 C  CA    . ASP A 1 162 ? 0.604   -16.323 7.609   1.00 20.76 ? 191 ASP A CA    1 
ATOM   1241 C  C     . ASP A 1 162 ? 1.712   -15.631 8.378   1.00 19.38 ? 191 ASP A C     1 
ATOM   1242 O  O     . ASP A 1 162 ? 1.931   -15.895 9.574   1.00 20.37 ? 191 ASP A O     1 
ATOM   1243 C  CB    . ASP A 1 162 ? 1.096   -17.669 7.044   1.00 24.35 ? 191 ASP A CB    1 
ATOM   1244 C  CG    . ASP A 1 162 ? -0.064  -18.546 6.531   1.00 27.30 ? 191 ASP A CG    1 
ATOM   1245 O  OD1   . ASP A 1 162 ? -1.173  -18.467 7.115   1.00 31.60 ? 191 ASP A OD1   1 
ATOM   1246 O  OD2   . ASP A 1 162 ? 0.132   -19.318 5.563   1.00 32.05 ? 191 ASP A OD2   1 
ATOM   1247 N  N     . SER A 1 163 ? 2.422   -14.713 7.715   1.00 19.60 ? 192 SER A N     1 
ATOM   1248 C  CA    . SER A 1 163 ? 3.490   -13.969 8.368   1.00 18.49 ? 192 SER A CA    1 
ATOM   1249 C  C     . SER A 1 163 ? 2.974   -12.805 9.219   1.00 18.45 ? 192 SER A C     1 
ATOM   1250 O  O     . SER A 1 163 ? 3.745   -12.113 9.927   1.00 18.66 ? 192 SER A O     1 
ATOM   1251 C  CB    . SER A 1 163 ? 4.454   -13.427 7.306   1.00 19.77 ? 192 SER A CB    1 
ATOM   1252 O  OG    . SER A 1 163 ? 5.127   -14.495 6.666   1.00 23.67 ? 192 SER A OG    1 
ATOM   1253 N  N     . SER A 1 164 ? 1.676   -12.568 9.120   1.00 19.85 ? 193 SER A N     1 
ATOM   1254 C  CA    . SER A 1 164 ? 1.038   -11.527 9.896   1.00 22.04 ? 193 SER A CA    1 
ATOM   1255 C  C     . SER A 1 164 ? 0.822   -12.210 11.256  1.00 25.23 ? 193 SER A C     1 
ATOM   1256 O  O     . SER A 1 164 ? 0.396   -13.364 11.301  1.00 26.52 ? 193 SER A O     1 
ATOM   1257 C  CB    . SER A 1 164 ? -0.284  -11.162 9.188   1.00 23.51 ? 193 SER A CB    1 
ATOM   1258 O  OG    . SER A 1 164 ? -0.967  -10.094 9.784   1.00 28.45 ? 193 SER A OG    1 
ATOM   1259 N  N     . ARG A 1 165 ? 1.154   -11.531 12.349  1.00 24.35 ? 194 ARG A N     1 
ATOM   1260 C  CA    . ARG A 1 165 ? 0.971   -12.101 13.688  1.00 26.31 ? 194 ARG A CA    1 
ATOM   1261 C  C     . ARG A 1 165 ? -0.511  -12.404 13.916  1.00 27.61 ? 194 ARG A C     1 
ATOM   1262 O  O     . ARG A 1 165 ? -1.408  -11.608 13.543  1.00 29.33 ? 194 ARG A O     1 
ATOM   1263 C  CB    . ARG A 1 165 ? 1.505   -11.109 14.729  1.00 25.86 ? 194 ARG A CB    1 
ATOM   1264 C  CG    . ARG A 1 165 ? 3.009   -10.845 14.607  1.00 28.78 ? 194 ARG A CG    1 
ATOM   1265 C  CD    . ARG A 1 165 ? 3.424   -9.564  15.323  1.00 31.32 ? 194 ARG A CD    1 
ATOM   1266 N  NE    . ARG A 1 165 ? 2.404   -9.158  16.285  1.00 36.60 ? 194 ARG A NE    1 
ATOM   1267 C  CZ    . ARG A 1 165 ? 1.726   -8.010  16.250  1.00 35.49 ? 194 ARG A CZ    1 
ATOM   1268 N  NH1   . ARG A 1 165 ? 1.946   -7.109  15.298  1.00 36.94 ? 194 ARG A NH1   1 
ATOM   1269 N  NH2   . ARG A 1 165 ? 0.797   -7.773  17.169  1.00 34.42 ? 194 ARG A NH2   1 
ATOM   1270 N  N     . ALA A 1 166 ? -0.766  -13.581 14.482  1.00 29.22 ? 195 ALA A N     1 
ATOM   1271 C  CA    . ALA A 1 166 ? -2.117  -14.061 14.767  1.00 31.14 ? 195 ALA A CA    1 
ATOM   1272 C  C     . ALA A 1 166 ? -2.799  -13.112 15.733  1.00 30.05 ? 195 ALA A C     1 
ATOM   1273 O  O     . ALA A 1 166 ? -4.003  -12.884 15.648  1.00 31.41 ? 195 ALA A O     1 
ATOM   1274 C  CB    . ALA A 1 166 ? -2.055  -15.473 15.356  1.00 31.41 ? 195 ALA A CB    1 
ATOM   1275 N  N     . ARG A 1 167 ? -2.008  -12.540 16.635  1.00 29.39 ? 196 ARG A N     1 
ATOM   1276 C  CA    . ARG A 1 167 ? -2.512  -11.580 17.608  1.00 29.26 ? 196 ARG A CA    1 
ATOM   1277 C  C     . ARG A 1 167 ? -2.803  -10.189 17.010  1.00 26.87 ? 196 ARG A C     1 
ATOM   1278 O  O     . ARG A 1 167 ? -3.490  -9.349  17.612  1.00 26.38 ? 196 ARG A O     1 
ATOM   1279 C  CB    . ARG A 1 167 ? -1.484  -11.453 18.720  1.00 32.20 ? 196 ARG A CB    1 
ATOM   1280 C  CG    . ARG A 1 167 ? -1.760  -10.355 19.731  1.00 36.93 ? 196 ARG A CG    1 
ATOM   1281 C  CD    . ARG A 1 167 ? -0.875  -9.135  19.465  1.00 38.89 ? 196 ARG A CD    1 
ATOM   1282 N  NE    . ARG A 1 167 ? -0.705  -8.311  20.664  1.00 41.01 ? 196 ARG A NE    1 
ATOM   1283 C  CZ    . ARG A 1 167 ? 0.068   -7.232  20.728  1.00 40.63 ? 196 ARG A CZ    1 
ATOM   1284 N  NH1   . ARG A 1 167 ? 0.156   -6.552  21.869  1.00 42.67 ? 196 ARG A NH1   1 
ATOM   1285 N  NH2   . ARG A 1 167 ? 0.751   -6.829  19.658  1.00 40.91 ? 196 ARG A NH2   1 
ATOM   1286 N  N     . SER A 1 168 ? -2.263  -9.915  15.832  1.00 23.84 ? 197 SER A N     1 
ATOM   1287 C  CA    . SER A 1 168 ? -2.506  -8.621  15.212  1.00 20.27 ? 197 SER A CA    1 
ATOM   1288 C  C     . SER A 1 168 ? -3.911  -8.563  14.603  1.00 17.55 ? 197 SER A C     1 
ATOM   1289 O  O     . SER A 1 168 ? -4.393  -9.551  14.049  1.00 20.20 ? 197 SER A O     1 
ATOM   1290 C  CB    . SER A 1 168 ? -1.472  -8.398  14.129  1.00 19.18 ? 197 SER A CB    1 
ATOM   1291 O  OG    . SER A 1 168 ? -1.745  -7.212  13.416  1.00 23.88 ? 197 SER A OG    1 
ATOM   1292 N  N     . ARG A 1 169 ? -4.561  -7.407  14.747  1.00 16.92 ? 198 ARG A N     1 
ATOM   1293 C  CA    . ARG A 1 169 ? -5.900  -7.201  14.199  1.00 16.78 ? 198 ARG A CA    1 
ATOM   1294 C  C     . ARG A 1 169 ? -5.817  -6.783  12.731  1.00 15.71 ? 198 ARG A C     1 
ATOM   1295 O  O     . ARG A 1 169 ? -6.825  -6.500  12.104  1.00 14.83 ? 198 ARG A O     1 
ATOM   1296 C  CB    . ARG A 1 169 ? -6.612  -6.070  14.971  1.00 19.17 ? 198 ARG A CB    1 
ATOM   1297 C  CG    . ARG A 1 169 ? -7.032  -6.472  16.395  1.00 24.01 ? 198 ARG A CG    1 
ATOM   1298 C  CD    . ARG A 1 169 ? -8.217  -7.441  16.338  1.00 29.33 ? 198 ARG A CD    1 
ATOM   1299 N  NE    . ARG A 1 169 ? -8.719  -7.798  17.669  1.00 31.88 ? 198 ARG A NE    1 
ATOM   1300 C  CZ    . ARG A 1 169 ? -9.807  -8.538  17.886  1.00 31.60 ? 198 ARG A CZ    1 
ATOM   1301 N  NH1   . ARG A 1 169 ? -10.513 -8.998  16.857  1.00 33.50 ? 198 ARG A NH1   1 
ATOM   1302 N  NH2   . ARG A 1 169 ? -10.189 -8.822  19.131  1.00 31.73 ? 198 ARG A NH2   1 
ATOM   1303 N  N     . GLU A 1 170 ? -4.621  -6.790  12.157  1.00 13.86 ? 199 GLU A N     1 
ATOM   1304 C  CA    . GLU A 1 170 ? -4.546  -6.350  10.765  1.00 12.95 ? 199 GLU A CA    1 
ATOM   1305 C  C     . GLU A 1 170 ? -5.000  -7.400  9.741   1.00 12.79 ? 199 GLU A C     1 
ATOM   1306 O  O     . GLU A 1 170 ? -4.968  -8.609  9.977   1.00 13.08 ? 199 GLU A O     1 
ATOM   1307 C  CB    . GLU A 1 170 ? -3.081  -5.942  10.460  1.00 11.27 ? 199 GLU A CB    1 
ATOM   1308 C  CG    . GLU A 1 170 ? -2.211  -7.139  10.059  1.00 14.02 ? 199 GLU A CG    1 
ATOM   1309 C  CD    . GLU A 1 170 ? -0.767  -6.826  9.821   1.00 15.72 ? 199 GLU A CD    1 
ATOM   1310 O  OE1   . GLU A 1 170 ? -0.015  -7.787  9.590   1.00 13.00 ? 199 GLU A OE1   1 
ATOM   1311 O  OE2   . GLU A 1 170 ? -0.379  -5.647  9.839   1.00 16.85 ? 199 GLU A OE2   1 
ATOM   1312 N  N     . VAL A 1 171 ? -5.473  -6.908  8.602   1.00 11.05 ? 200 VAL A N     1 
ATOM   1313 C  CA    . VAL A 1 171 ? -5.760  -7.770  7.426   1.00 10.99 ? 200 VAL A CA    1 
ATOM   1314 C  C     . VAL A 1 171 ? -5.301  -6.926  6.240   1.00 8.03  ? 200 VAL A C     1 
ATOM   1315 O  O     . VAL A 1 171 ? -5.001  -5.740  6.414   1.00 10.60 ? 200 VAL A O     1 
ATOM   1316 C  CB    . VAL A 1 171 ? -7.256  -8.146  7.214   1.00 13.52 ? 200 VAL A CB    1 
ATOM   1317 C  CG1   . VAL A 1 171 ? -7.785  -8.962  8.378   1.00 13.24 ? 200 VAL A CG1   1 
ATOM   1318 C  CG2   . VAL A 1 171 ? -8.071  -6.908  7.019   1.00 14.08 ? 200 VAL A CG2   1 
ATOM   1319 N  N     . TYR A 1 172 ? -5.194  -7.536  5.061   1.00 9.98  ? 201 TYR A N     1 
ATOM   1320 C  CA    . TYR A 1 172 ? -4.822  -6.777  3.850   1.00 8.06  ? 201 TYR A CA    1 
ATOM   1321 C  C     . TYR A 1 172 ? -5.956  -6.969  2.834   1.00 7.56  ? 201 TYR A C     1 
ATOM   1322 O  O     . TYR A 1 172 ? -6.274  -8.106  2.458   1.00 10.08 ? 201 TYR A O     1 
ATOM   1323 C  CB    . TYR A 1 172 ? -3.482  -7.293  3.269   1.00 9.77  ? 201 TYR A CB    1 
ATOM   1324 C  CG    . TYR A 1 172 ? -2.320  -6.866  4.143   1.00 9.81  ? 201 TYR A CG    1 
ATOM   1325 C  CD1   . TYR A 1 172 ? -1.936  -7.627  5.260   1.00 9.52  ? 201 TYR A CD1   1 
ATOM   1326 C  CD2   . TYR A 1 172 ? -1.660  -5.667  3.904   1.00 8.41  ? 201 TYR A CD2   1 
ATOM   1327 C  CE1   . TYR A 1 172 ? -0.901  -7.165  6.086   1.00 9.97  ? 201 TYR A CE1   1 
ATOM   1328 C  CE2   . TYR A 1 172 ? -0.668  -5.219  4.707   1.00 10.70 ? 201 TYR A CE2   1 
ATOM   1329 C  CZ    . TYR A 1 172 ? -0.279  -5.957  5.788   1.00 10.60 ? 201 TYR A CZ    1 
ATOM   1330 O  OH    . TYR A 1 172 ? 0.758   -5.504  6.579   1.00 11.59 ? 201 TYR A OH    1 
ATOM   1331 N  N     . ILE A 1 173 ? -6.560  -5.851  2.420   1.00 8.77  ? 202 ILE A N     1 
ATOM   1332 C  CA    . ILE A 1 173 ? -7.591  -5.886  1.402   1.00 7.66  ? 202 ILE A CA    1 
ATOM   1333 C  C     . ILE A 1 173 ? -6.833  -5.837  0.079   1.00 9.48  ? 202 ILE A C     1 
ATOM   1334 O  O     . ILE A 1 173 ? -6.020  -4.925  -0.142  1.00 9.20  ? 202 ILE A O     1 
ATOM   1335 C  CB    . ILE A 1 173 ? -8.539  -4.668  1.542   1.00 7.54  ? 202 ILE A CB    1 
ATOM   1336 C  CG1   . ILE A 1 173 ? -9.406  -4.807  2.801   1.00 9.58  ? 202 ILE A CG1   1 
ATOM   1337 C  CG2   . ILE A 1 173 ? -9.513  -4.687  0.384   1.00 10.18 ? 202 ILE A CG2   1 
ATOM   1338 C  CD1   . ILE A 1 173 ? -10.287 -3.613  3.027   1.00 11.96 ? 202 ILE A CD1   1 
ATOM   1339 N  N     . VAL A 1 174 ? -7.084  -6.833  -0.770  1.00 8.15  ? 203 VAL A N     1 
ATOM   1340 C  CA    . VAL A 1 174 ? -6.400  -6.963  -2.049  1.00 9.61  ? 203 VAL A CA    1 
ATOM   1341 C  C     . VAL A 1 174 ? -7.429  -6.872  -3.154  1.00 11.77 ? 203 VAL A C     1 
ATOM   1342 O  O     . VAL A 1 174 ? -8.263  -7.794  -3.346  1.00 10.44 ? 203 VAL A O     1 
ATOM   1343 C  CB    . VAL A 1 174 ? -5.670  -8.313  -2.098  1.00 8.45  ? 203 VAL A CB    1 
ATOM   1344 C  CG1   . VAL A 1 174 ? -4.953  -8.468  -3.454  1.00 11.59 ? 203 VAL A CG1   1 
ATOM   1345 C  CG2   . VAL A 1 174 ? -4.620  -8.407  -0.979  1.00 7.42  ? 203 VAL A CG2   1 
ATOM   1346 N  N     . ALA A 1 175 ? -7.414  -5.736  -3.840  1.00 8.69  ? 204 ALA A N     1 
ATOM   1347 C  CA    . ALA A 1 175 ? -8.381  -5.462  -4.885  1.00 7.58  ? 204 ALA A CA    1 
ATOM   1348 C  C     . ALA A 1 175 ? -7.745  -5.411  -6.222  1.00 11.02 ? 204 ALA A C     1 
ATOM   1349 O  O     . ALA A 1 175 ? -6.676  -4.780  -6.421  1.00 10.35 ? 204 ALA A O     1 
ATOM   1350 C  CB    . ALA A 1 175 ? -9.048  -4.141  -4.602  1.00 10.01 ? 204 ALA A CB    1 
ATOM   1351 N  N     . THR A 1 176 ? -8.388  -6.093  -7.157  1.00 10.78 ? 205 THR A N     1 
ATOM   1352 C  CA    . THR A 1 176 ? -7.872  -6.120  -8.515  1.00 10.13 ? 205 THR A CA    1 
ATOM   1353 C  C     . THR A 1 176 ? -8.911  -5.686  -9.535  1.00 10.27 ? 205 THR A C     1 
ATOM   1354 O  O     . THR A 1 176 ? -10.126 -5.718  -9.293  1.00 10.39 ? 205 THR A O     1 
ATOM   1355 C  CB    . THR A 1 176 ? -7.367  -7.519  -8.875  1.00 14.04 ? 205 THR A CB    1 
ATOM   1356 O  OG1   . THR A 1 176 ? -8.434  -8.470  -8.658  1.00 15.50 ? 205 THR A OG1   1 
ATOM   1357 C  CG2   . THR A 1 176 ? -6.185  -7.908  -7.964  1.00 14.41 ? 205 THR A CG2   1 
ATOM   1358 N  N     . GLY A 1 177 ? -8.417  -5.234  -10.681 1.00 9.86  ? 206 GLY A N     1 
ATOM   1359 C  CA    . GLY A 1 177 ? -9.330  -4.845  -11.735 1.00 12.85 ? 206 GLY A CA    1 
ATOM   1360 C  C     . GLY A 1 177 ? -10.062 -3.542  -11.488 1.00 11.77 ? 206 GLY A C     1 
ATOM   1361 O  O     . GLY A 1 177 ? -11.295 -3.532  -11.540 1.00 13.27 ? 206 GLY A O     1 
ATOM   1362 N  N     . ARG A 1 178 ? -9.334  -2.447  -11.274 1.00 10.13 ? 207 ARG A N     1 
ATOM   1363 C  CA    . ARG A 1 178 ? -9.985  -1.145  -11.038 1.00 11.32 ? 207 ARG A CA    1 
ATOM   1364 C  C     . ARG A 1 178 ? -10.988 -0.897  -12.181 1.00 12.10 ? 207 ARG A C     1 
ATOM   1365 O  O     . ARG A 1 178 ? -10.632 -0.874  -13.350 1.00 12.19 ? 207 ARG A O     1 
ATOM   1366 C  CB    . ARG A 1 178 ? -8.957  -0.010  -11.020 1.00 11.39 ? 207 ARG A CB    1 
ATOM   1367 C  CG    . ARG A 1 178 ? -9.526  1.281   -10.447 1.00 13.62 ? 207 ARG A CG    1 
ATOM   1368 C  CD    . ARG A 1 178 ? -9.105  2.521   -11.263 1.00 18.46 ? 207 ARG A CD    1 
ATOM   1369 N  NE    . ARG A 1 178 ? -10.030 3.644   -11.056 1.00 25.36 ? 207 ARG A NE    1 
ATOM   1370 C  CZ    . ARG A 1 178 ? -9.681  4.799   -10.493 1.00 28.16 ? 207 ARG A CZ    1 
ATOM   1371 N  NH1   . ARG A 1 178 ? -8.426  4.980   -10.093 1.00 28.08 ? 207 ARG A NH1   1 
ATOM   1372 N  NH2   . ARG A 1 178 ? -10.588 5.766   -10.304 1.00 26.44 ? 207 ARG A NH2   1 
ATOM   1373 N  N     . LYS A 1 179 ? -12.228 -0.658  -11.816 1.00 11.61 ? 208 LYS A N     1 
ATOM   1374 C  CA    . LYS A 1 179 ? -13.286 -0.452  -12.809 1.00 12.35 ? 208 LYS A CA    1 
ATOM   1375 C  C     . LYS A 1 179 ? -13.170 0.854   -13.532 1.00 15.97 ? 208 LYS A C     1 
ATOM   1376 O  O     . LYS A 1 179 ? -12.617 1.844   -13.015 1.00 18.50 ? 208 LYS A O     1 
ATOM   1377 C  CB    . LYS A 1 179 ? -14.629 -0.513  -12.116 1.00 13.69 ? 208 LYS A CB    1 
ATOM   1378 C  CG    . LYS A 1 179 ? -15.007 -1.883  -11.643 1.00 15.32 ? 208 LYS A CG    1 
ATOM   1379 C  CD    . LYS A 1 179 ? -16.153 -1.786  -10.654 1.00 21.12 ? 208 LYS A CD    1 
ATOM   1380 C  CE    . LYS A 1 179 ? -16.476 -3.128  -10.068 1.00 25.28 ? 208 LYS A CE    1 
ATOM   1381 N  NZ    . LYS A 1 179 ? -17.406 -2.958  -8.902  1.00 28.20 ? 208 LYS A NZ    1 
ATOM   1382 N  N     . PRO A 1 180 ? -13.712 0.893   -14.776 1.00 17.09 ? 209 PRO A N     1 
ATOM   1383 C  CA    . PRO A 1 180 ? -13.649 2.123   -15.546 1.00 20.81 ? 209 PRO A CA    1 
ATOM   1384 C  C     . PRO A 1 180 ? -14.279 3.288   -14.776 1.00 22.62 ? 209 PRO A C     1 
ATOM   1385 O  O     . PRO A 1 180 ? -13.722 4.393   -14.879 1.00 26.69 ? 209 PRO A O     1 
ATOM   1386 C  CB    . PRO A 1 180 ? -14.405 1.742   -16.836 1.00 14.46 ? 209 PRO A CB    1 
ATOM   1387 C  CG    . PRO A 1 180 ? -14.119 0.308   -17.002 1.00 20.07 ? 209 PRO A CG    1 
ATOM   1388 C  CD    . PRO A 1 180 ? -14.236 -0.223  -15.591 1.00 17.01 ? 209 PRO A CD    1 
ATOM   1389 O  OXT   . PRO A 1 180 ? -15.310 3.113   -14.079 1.00 21.03 ? 209 PRO A OXT   1 
HETATM 1390 HG HG    . HG  B 2 .   ? -8.745  3.231   -6.764  0.86 18.03 ? 901 HG  A HG    1 
HETATM 1391 HG HG    . HG  C 2 .   ? 6.279   11.170  2.058   0.85 19.79 ? 912 HG  A HG    1 
HETATM 1392 N  N     . SAM D 3 .   ? 5.760   -1.745  4.304   1.00 8.81  ? 301 SAM A N     1 
HETATM 1393 C  CA    . SAM D 3 .   ? 6.945   -1.293  5.068   1.00 9.22  ? 301 SAM A CA    1 
HETATM 1394 C  C     . SAM D 3 .   ? 8.136   -2.188  4.786   1.00 8.33  ? 301 SAM A C     1 
HETATM 1395 O  O     . SAM D 3 .   ? 7.967   -3.195  4.081   1.00 10.24 ? 301 SAM A O     1 
HETATM 1396 O  OXT   . SAM D 3 .   ? 9.235   -1.818  5.326   1.00 9.22  ? 301 SAM A OXT   1 
HETATM 1397 C  CB    . SAM D 3 .   ? 6.604   -1.284  6.551   1.00 10.92 ? 301 SAM A CB    1 
HETATM 1398 C  CG    . SAM D 3 .   ? 5.728   -0.113  6.875   1.00 9.40  ? 301 SAM A CG    1 
HETATM 1399 S  SD    . SAM D 3 .   ? 5.313   0.104   8.622   1.00 12.37 ? 301 SAM A SD    1 
HETATM 1400 C  CE    . SAM D 3 .   ? 4.181   -1.234  8.995   1.00 15.60 ? 301 SAM A CE    1 
HETATM 1401 C  "C5'" . SAM D 3 .   ? 4.179   1.454   8.587   1.00 12.64 ? 301 SAM A "C5'" 1 
HETATM 1402 C  "C4'" . SAM D 3 .   ? 4.770   2.780   8.180   1.00 9.20  ? 301 SAM A "C4'" 1 
HETATM 1403 O  "O4'" . SAM D 3 .   ? 3.699   3.748   8.022   1.00 9.41  ? 301 SAM A "O4'" 1 
HETATM 1404 C  "C3'" . SAM D 3 .   ? 5.666   3.402   9.273   1.00 9.23  ? 301 SAM A "C3'" 1 
HETATM 1405 O  "O3'" . SAM D 3 .   ? 7.007   3.397   8.728   1.00 11.42 ? 301 SAM A "O3'" 1 
HETATM 1406 C  "C2'" . SAM D 3 .   ? 5.213   4.866   9.332   1.00 11.81 ? 301 SAM A "C2'" 1 
HETATM 1407 O  "O2'" . SAM D 3 .   ? 6.148   5.913   9.537   1.00 13.71 ? 301 SAM A "O2'" 1 
HETATM 1408 C  "C1'" . SAM D 3 .   ? 4.296   5.001   8.114   1.00 10.42 ? 301 SAM A "C1'" 1 
HETATM 1409 N  N9    . SAM D 3 .   ? 3.313   6.054   8.259   1.00 11.20 ? 301 SAM A N9    1 
HETATM 1410 C  C8    . SAM D 3 .   ? 2.370   6.239   9.233   1.00 13.46 ? 301 SAM A C8    1 
HETATM 1411 N  N7    . SAM D 3 .   ? 1.754   7.389   9.154   1.00 11.35 ? 301 SAM A N7    1 
HETATM 1412 C  C5    . SAM D 3 .   ? 2.286   7.977   8.008   1.00 10.20 ? 301 SAM A C5    1 
HETATM 1413 C  C6    . SAM D 3 .   ? 2.056   9.222   7.382   1.00 10.99 ? 301 SAM A C6    1 
HETATM 1414 N  N6    . SAM D 3 .   ? 1.186   10.135  7.868   1.00 12.42 ? 301 SAM A N6    1 
HETATM 1415 N  N1    . SAM D 3 .   ? 2.751   9.520   6.260   1.00 10.45 ? 301 SAM A N1    1 
HETATM 1416 C  C2    . SAM D 3 .   ? 3.634   8.616   5.817   1.00 12.08 ? 301 SAM A C2    1 
HETATM 1417 N  N3    . SAM D 3 .   ? 3.944   7.420   6.325   1.00 11.39 ? 301 SAM A N3    1 
HETATM 1418 C  C4    . SAM D 3 .   ? 3.226   7.155   7.436   1.00 11.04 ? 301 SAM A C4    1 
HETATM 1419 O  O     . HOH E 4 .   ? -12.954 -1.001  16.679  1.00 13.05 ? 401 HOH A O     1 
HETATM 1420 O  O     . HOH E 4 .   ? -16.690 -2.739  10.503  1.00 11.84 ? 402 HOH A O     1 
HETATM 1421 O  O     . HOH E 4 .   ? -2.404  -4.053  -12.145 1.00 11.95 ? 403 HOH A O     1 
HETATM 1422 O  O     . HOH E 4 .   ? 12.616  -1.289  -10.428 1.00 13.47 ? 404 HOH A O     1 
HETATM 1423 O  O     . HOH E 4 .   ? 14.216  -9.471  -1.835  1.00 11.35 ? 405 HOH A O     1 
HETATM 1424 O  O     . HOH E 4 .   ? -8.633  -9.382  -5.755  1.00 14.32 ? 406 HOH A O     1 
HETATM 1425 O  O     . HOH E 4 .   ? 0.448   9.192   10.869  1.00 24.36 ? 407 HOH A O     1 
HETATM 1426 O  O     . HOH E 4 .   ? 8.342   -5.942  9.316   1.00 16.53 ? 408 HOH A O     1 
HETATM 1427 O  O     . HOH E 4 .   ? 13.564  -6.682  4.236   1.00 14.83 ? 409 HOH A O     1 
HETATM 1428 O  O     . HOH E 4 .   ? -18.619 4.891   13.521  1.00 22.56 ? 410 HOH A O     1 
HETATM 1429 O  O     . HOH E 4 .   ? -17.822 0.491   8.714   1.00 13.55 ? 411 HOH A O     1 
HETATM 1430 O  O     . HOH E 4 .   ? 15.034  -6.749  -20.144 1.00 17.36 ? 412 HOH A O     1 
HETATM 1431 O  O     . HOH E 4 .   ? -11.385 1.855   23.037  1.00 18.04 ? 413 HOH A O     1 
HETATM 1432 O  O     . HOH E 4 .   ? -5.617  -15.142 3.939   1.00 20.92 ? 414 HOH A O     1 
HETATM 1433 O  O     . HOH E 4 .   ? 5.865   16.405  5.942   1.00 28.02 ? 415 HOH A O     1 
HETATM 1434 O  O     . HOH E 4 .   ? 5.834   11.795  -17.139 1.00 10.40 ? 416 HOH A O     1 
HETATM 1435 O  O     . HOH E 4 .   ? -15.027 3.473   6.988   1.00 24.83 ? 417 HOH A O     1 
HETATM 1436 O  O     . HOH E 4 .   ? 0.738   12.332  -11.904 1.00 20.30 ? 418 HOH A O     1 
HETATM 1437 O  O     . HOH E 4 .   ? -17.965 0.684   11.955  1.00 19.58 ? 419 HOH A O     1 
HETATM 1438 O  O     . HOH E 4 .   ? 11.739  -4.961  -15.573 1.00 17.14 ? 420 HOH A O     1 
HETATM 1439 O  O     . HOH E 4 .   ? 3.698   -4.531  7.949   1.00 14.21 ? 421 HOH A O     1 
HETATM 1440 O  O     . HOH E 4 .   ? -10.948 8.183   10.709  1.00 17.11 ? 423 HOH A O     1 
HETATM 1441 O  O     . HOH E 4 .   ? -7.411  0.412   9.379   1.00 21.02 ? 424 HOH A O     1 
HETATM 1442 O  O     . HOH E 4 .   ? 14.293  -9.876  -10.189 1.00 22.83 ? 425 HOH A O     1 
HETATM 1443 O  O     . HOH E 4 .   ? 17.041  -2.094  -6.702  1.00 17.92 ? 426 HOH A O     1 
HETATM 1444 O  O     . HOH E 4 .   ? -21.081 -0.291  6.756   1.00 28.67 ? 427 HOH A O     1 
HETATM 1445 O  O     . HOH E 4 .   ? 3.641   -4.460  -16.833 1.00 21.43 ? 428 HOH A O     1 
HETATM 1446 O  O     . HOH E 4 .   ? -2.276  -14.184 1.161   1.00 28.17 ? 429 HOH A O     1 
HETATM 1447 O  O     . HOH E 4 .   ? 15.541  8.706   3.276   1.00 25.36 ? 430 HOH A O     1 
HETATM 1448 O  O     . HOH E 4 .   ? 13.803  5.511   -9.606  1.00 25.67 ? 431 HOH A O     1 
HETATM 1449 O  O     . HOH E 4 .   ? 1.769   0.915   13.568  1.00 31.74 ? 432 HOH A O     1 
HETATM 1450 O  O     . HOH E 4 .   ? 16.886  5.375   -6.064  1.00 25.93 ? 433 HOH A O     1 
HETATM 1451 O  O     . HOH E 4 .   ? -10.706 -0.230  10.944  1.00 24.42 ? 434 HOH A O     1 
HETATM 1452 O  O     . HOH E 4 .   ? -1.993  0.184   -16.953 1.00 19.75 ? 435 HOH A O     1 
HETATM 1453 O  O     . HOH E 4 .   ? 18.030  -6.993  -1.176  1.00 22.36 ? 436 HOH A O     1 
HETATM 1454 O  O     . HOH E 4 .   ? 6.913   5.520   -17.811 1.00 22.38 ? 437 HOH A O     1 
HETATM 1455 O  O     . HOH E 4 .   ? -11.768 -12.633 1.046   1.00 25.81 ? 438 HOH A O     1 
HETATM 1456 O  O     . HOH E 4 .   ? 8.592   -0.720  -18.296 1.00 29.62 ? 440 HOH A O     1 
HETATM 1457 O  O     . HOH E 4 .   ? 16.443  4.984   -8.661  1.00 24.40 ? 441 HOH A O     1 
HETATM 1458 O  O     . HOH E 4 .   ? 0.211   -17.016 -0.056  1.00 20.11 ? 442 HOH A O     1 
HETATM 1459 O  O     . HOH E 4 .   ? 1.846   -8.779  11.854  1.00 18.91 ? 443 HOH A O     1 
HETATM 1460 O  O     . HOH E 4 .   ? 16.128  1.545   5.184   1.00 21.19 ? 444 HOH A O     1 
HETATM 1461 O  O     . HOH E 4 .   ? -0.675  8.512   -14.278 1.00 30.13 ? 445 HOH A O     1 
HETATM 1462 O  O     . HOH E 4 .   ? 16.182  7.696   0.490   1.00 26.19 ? 446 HOH A O     1 
HETATM 1463 O  O     . HOH E 4 .   ? 7.410   4.608   -14.922 1.00 21.85 ? 447 HOH A O     1 
HETATM 1464 O  O     . HOH E 4 .   ? -3.663  -1.105  -15.269 1.00 15.10 ? 448 HOH A O     1 
HETATM 1465 O  O     . HOH E 4 .   ? -0.523  7.993   21.143  1.00 24.81 ? 449 HOH A O     1 
HETATM 1466 O  O     . HOH E 4 .   ? 2.762   4.208   -18.544 1.00 30.46 ? 450 HOH A O     1 
HETATM 1467 O  O     . HOH E 4 .   ? -7.907  -15.420 2.183   1.00 25.32 ? 451 HOH A O     1 
HETATM 1468 O  O     . HOH E 4 .   ? -8.419  -16.512 -4.319  1.00 34.21 ? 453 HOH A O     1 
HETATM 1469 O  O     . HOH E 4 .   ? -2.867  12.609  1.044   1.00 25.73 ? 454 HOH A O     1 
HETATM 1470 O  O     . HOH E 4 .   ? 16.080  0.110   -12.055 1.00 19.15 ? 455 HOH A O     1 
HETATM 1471 O  O     . HOH E 4 .   ? 9.646   -14.294 -7.255  1.00 24.10 ? 457 HOH A O     1 
HETATM 1472 O  O     . HOH E 4 .   ? 7.693   -11.063 -12.100 1.00 26.13 ? 459 HOH A O     1 
HETATM 1473 O  O     . HOH E 4 .   ? 10.643  -7.980  10.826  1.00 27.78 ? 460 HOH A O     1 
HETATM 1474 O  O     . HOH E 4 .   ? -12.961 1.622   17.473  1.00 18.59 ? 461 HOH A O     1 
HETATM 1475 O  O     . HOH E 4 .   ? 4.777   -0.002  2.439   1.00 9.36  ? 462 HOH A O     1 
HETATM 1476 O  O     . HOH E 4 .   ? 9.837   -3.666  8.978   1.00 16.25 ? 466 HOH A O     1 
HETATM 1477 O  O     . HOH E 4 .   ? 10.540  -3.893  6.276   1.00 12.45 ? 467 HOH A O     1 
HETATM 1478 O  O     . HOH E 4 .   ? 13.206  -4.230  5.499   1.00 18.19 ? 468 HOH A O     1 
HETATM 1479 O  O     . HOH E 4 .   ? -15.899 -6.105  -6.375  1.00 27.35 ? 470 HOH A O     1 
HETATM 1480 O  O     . HOH E 4 .   ? -14.678 -10.255 -5.172  1.00 21.41 ? 471 HOH A O     1 
HETATM 1481 O  O     . HOH E 4 .   ? -5.630  -5.683  -11.244 1.00 12.11 ? 472 HOH A O     1 
HETATM 1482 O  O     . HOH E 4 .   ? -1.959  -6.270  -10.482 1.00 12.80 ? 473 HOH A O     1 
HETATM 1483 O  O     . HOH E 4 .   ? -2.767  -3.816  -14.773 1.00 18.33 ? 474 HOH A O     1 
HETATM 1484 O  O     . HOH E 4 .   ? 10.611  -9.359  -13.450 1.00 33.05 ? 477 HOH A O     1 
HETATM 1485 O  O     . HOH E 4 .   ? 18.841  -0.959  -4.986  1.00 14.75 ? 478 HOH A O     1 
HETATM 1486 O  O     . HOH E 4 .   ? 15.310  -1.299  -9.890  1.00 13.31 ? 479 HOH A O     1 
HETATM 1487 O  O     . HOH E 4 .   ? 8.435   -0.650  1.344   1.00 9.92  ? 480 HOH A O     1 
HETATM 1488 O  O     . HOH E 4 .   ? 16.233  -8.002  -3.113  1.00 15.58 ? 481 HOH A O     1 
HETATM 1489 O  O     . HOH E 4 .   ? 14.983  -5.984  -4.723  1.00 16.17 ? 482 HOH A O     1 
HETATM 1490 O  O     . HOH E 4 .   ? 8.790   13.376  7.586   1.00 28.05 ? 483 HOH A O     1 
HETATM 1491 O  O     . HOH E 4 .   ? 3.637   7.274   13.077  1.00 29.50 ? 484 HOH A O     1 
HETATM 1492 O  O     . HOH E 4 .   ? 20.579  1.898   0.220   1.00 20.28 ? 486 HOH A O     1 
HETATM 1493 O  O     . HOH E 4 .   ? 15.224  5.290   -3.199  1.00 17.37 ? 487 HOH A O     1 
HETATM 1494 O  O     . HOH E 4 .   ? 16.354  7.677   -2.784  1.00 28.14 ? 488 HOH A O     1 
HETATM 1495 O  O     . HOH E 4 .   ? 14.476  8.951   -3.728  1.00 20.64 ? 489 HOH A O     1 
HETATM 1496 O  O     . HOH E 4 .   ? 12.895  12.546  -2.832  1.00 22.34 ? 490 HOH A O     1 
HETATM 1497 O  O     . HOH E 4 .   ? 12.274  13.306  0.543   1.00 27.19 ? 491 HOH A O     1 
HETATM 1498 O  O     . HOH E 4 .   ? -4.707  11.198  -0.726  1.00 24.94 ? 492 HOH A O     1 
HETATM 1499 O  O     . HOH E 4 .   ? 4.902   12.912  -19.614 1.00 19.17 ? 493 HOH A O     1 
HETATM 1500 O  O     . HOH E 4 .   ? -2.279  5.660   -13.910 1.00 17.47 ? 494 HOH A O     1 
HETATM 1501 O  O     . HOH E 4 .   ? -2.526  0.971   5.139   1.00 13.26 ? 496 HOH A O     1 
HETATM 1502 O  O     . HOH E 4 .   ? -4.493  0.721   8.661   1.00 24.87 ? 506 HOH A O     1 
HETATM 1503 O  O     . HOH E 4 .   ? -17.793 3.246   8.889   1.00 21.85 ? 518 HOH A O     1 
HETATM 1504 O  O     . HOH E 4 .   ? 17.556  -7.306  2.982   1.00 27.68 ? 533 HOH A O     1 
HETATM 1505 O  O     . HOH E 4 .   ? 6.340   7.169   11.910  1.00 24.38 ? 537 HOH A O     1 
HETATM 1506 O  O     . HOH E 4 .   ? 16.868  -15.519 7.600   1.00 23.55 ? 542 HOH A O     1 
HETATM 1507 O  O     . HOH E 4 .   ? 7.077   -14.360 -6.162  1.00 23.10 ? 575 HOH A O     1 
HETATM 1508 O  O     . HOH E 4 .   ? 7.482   -16.781 1.659   1.00 33.28 ? 583 HOH A O     1 
HETATM 1509 O  O     . HOH E 4 .   ? -3.565  2.805   8.822   1.00 21.87 ? 586 HOH A O     1 
HETATM 1510 O  O     . HOH E 4 .   ? 14.159  14.357  -5.124  1.00 24.03 ? 587 HOH A O     1 
HETATM 1511 O  O     . HOH E 4 .   ? -0.355  14.806  13.976  1.00 35.76 ? 588 HOH A O     1 
HETATM 1512 O  O     . HOH E 4 .   ? 16.590  -3.855  -10.336 1.00 26.39 ? 589 HOH A O     1 
HETATM 1513 O  O     . HOH E 4 .   ? 3.631   4.251   12.627  1.00 22.45 ? 590 HOH A O     1 
HETATM 1514 O  O     . HOH E 4 .   ? -7.107  -11.494 -6.271  1.00 20.46 ? 615 HOH A O     1 
HETATM 1515 O  O     . HOH E 4 .   ? 10.682  -12.096 -10.300 1.00 22.93 ? 623 HOH A O     1 
HETATM 1516 O  O     . HOH E 4 .   ? -4.280  11.842  11.888  1.00 30.37 ? 625 HOH A O     1 
HETATM 1517 O  O     . HOH E 4 .   ? -5.541  -0.046  19.701  1.00 27.12 ? 638 HOH A O     1 
HETATM 1518 O  O     . HOH E 4 .   ? -4.170  9.464   11.297  1.00 17.85 ? 677 HOH A O     1 
HETATM 1519 O  O     . HOH E 4 .   ? -5.825  -0.021  -18.507 1.00 30.30 ? 689 HOH A O     1 
HETATM 1520 O  O     . HOH E 4 .   ? 13.523  5.414   9.517   1.00 29.19 ? 693 HOH A O     1 
HETATM 1521 O  O     . HOH E 4 .   ? 5.966   -4.655  9.679   1.00 20.54 ? 701 HOH A O     1 
HETATM 1522 O  O     . HOH E 4 .   ? 10.288  15.781  5.767   1.00 45.70 ? 707 HOH A O     1 
HETATM 1523 O  O     . HOH E 4 .   ? 9.910   -4.812  -18.118 1.00 20.72 ? 729 HOH A O     1 
HETATM 1524 O  O     . HOH E 4 .   ? 7.891   17.731  5.025   1.00 38.11 ? 733 HOH A O     1 
HETATM 1525 O  O     . HOH E 4 .   ? -17.111 -8.177  -18.065 1.00 22.83 ? 734 HOH A O     1 
HETATM 1526 O  O     . HOH E 4 .   ? 8.201   16.186  2.454   1.00 33.93 ? 758 HOH A O     1 
HETATM 1527 O  O     . HOH E 4 .   ? 15.136  -16.152 9.865   1.00 31.17 ? 760 HOH A O     1 
HETATM 1528 O  O     . HOH E 4 .   ? 8.730   1.384   9.648   1.00 14.08 ? 761 HOH A O     1 
HETATM 1529 O  O     . HOH E 4 .   ? 18.209  -1.135  4.160   1.00 25.12 ? 762 HOH A O     1 
HETATM 1530 O  O     . HOH E 4 .   ? 2.791   3.082   17.422  1.00 34.20 ? 763 HOH A O     1 
HETATM 1531 O  O     . HOH E 4 .   ? 11.621  2.226   10.088  1.00 36.04 ? 764 HOH A O     1 
HETATM 1532 O  O     . HOH E 4 .   ? 13.856  3.145   7.454   1.00 25.55 ? 765 HOH A O     1 
HETATM 1533 O  O     . HOH E 4 .   ? 7.090   15.755  8.069   1.00 39.53 ? 766 HOH A O     1 
HETATM 1534 O  O     . HOH E 4 .   ? 3.844   18.072  6.456   1.00 40.82 ? 767 HOH A O     1 
HETATM 1535 O  O     . HOH E 4 .   ? 16.228  -3.777  -4.421  1.00 24.83 ? 768 HOH A O     1 
HETATM 1536 O  O     . HOH E 4 .   ? 6.277   -17.142 3.397   1.00 28.07 ? 769 HOH A O     1 
HETATM 1537 O  O     . HOH E 4 .   ? 1.348   17.302  -8.512  1.00 33.25 ? 770 HOH A O     1 
HETATM 1538 O  O     . HOH E 4 .   ? -17.849 5.089   17.468  1.00 29.27 ? 772 HOH A O     1 
HETATM 1539 O  O     . HOH E 4 .   ? -13.241 2.235   -10.238 1.00 21.88 ? 773 HOH A O     1 
HETATM 1540 O  O     . HOH E 4 .   ? -11.152 7.833   0.735   1.00 20.98 ? 774 HOH A O     1 
HETATM 1541 O  O     . HOH E 4 .   ? -14.453 5.396   25.170  1.00 25.95 ? 775 HOH A O     1 
HETATM 1542 O  O     . HOH E 4 .   ? -9.581  0.616   25.679  1.00 34.94 ? 776 HOH A O     1 
HETATM 1543 O  O     . HOH E 4 .   ? 5.955   18.505  0.487   1.00 37.77 ? 777 HOH A O     1 
HETATM 1544 O  O     . HOH E 4 .   ? -7.001  7.243   -11.478 1.00 28.60 ? 778 HOH A O     1 
HETATM 1545 O  O     . HOH E 4 .   ? 8.581   19.466  -5.311  1.00 29.42 ? 779 HOH A O     1 
HETATM 1546 O  O     . HOH E 4 .   ? 9.700   17.911  -4.516  1.00 30.31 ? 780 HOH A O     1 
HETATM 1547 O  O     . HOH E 4 .   ? -1.711  8.758   12.349  1.00 21.87 ? 781 HOH A O     1 
HETATM 1548 O  O     . HOH E 4 .   ? -6.340  -10.118 11.770  1.00 26.09 ? 783 HOH A O     1 
HETATM 1549 O  O     . HOH E 4 .   ? -9.797  -8.781  -11.112 1.00 24.79 ? 784 HOH A O     1 
HETATM 1550 O  O     . HOH E 4 .   ? 4.082   1.048   11.681  1.00 26.95 ? 785 HOH A O     1 
HETATM 1551 O  O     . HOH E 4 .   ? -17.210 1.362   -14.388 1.00 22.12 ? 786 HOH A O     1 
HETATM 1552 O  O     . HOH E 4 .   ? -12.132 3.903   24.807  1.00 25.41 ? 789 HOH A O     1 
HETATM 1553 O  O     . HOH E 4 .   ? 1.410   -5.974  -16.463 1.00 28.31 ? 791 HOH A O     1 
HETATM 1554 O  O     . HOH E 4 .   ? -0.845  -18.822 -1.732  1.00 27.14 ? 793 HOH A O     1 
HETATM 1555 O  O     . HOH E 4 .   ? -7.564  6.737   -17.432 1.00 27.99 ? 794 HOH A O     1 
HETATM 1556 O  O     . HOH E 4 .   ? -18.741 3.285   11.374  1.00 29.88 ? 795 HOH A O     1 
HETATM 1557 O  O     . HOH E 4 .   ? -8.882  6.299   -15.404 1.00 27.52 ? 796 HOH A O     1 
HETATM 1558 O  O     . HOH E 4 .   ? 1.949   9.116   12.957  1.00 31.52 ? 797 HOH A O     1 
HETATM 1559 O  O     . HOH E 4 .   ? -5.335  6.047   -17.780 1.00 34.69 ? 798 HOH A O     1 
HETATM 1560 O  O     . HOH E 4 .   ? 2.924   7.315   2.729   1.00 24.99 ? 799 HOH A O     1 
HETATM 1561 O  O     . HOH E 4 .   ? 14.879  -6.301  -9.974  1.00 30.67 ? 800 HOH A O     1 
HETATM 1562 O  O     . HOH E 4 .   ? 4.152   15.118  10.692  1.00 27.23 ? 801 HOH A O     1 
HETATM 1563 O  O     . HOH E 4 .   ? -2.751  5.059   17.108  1.00 32.89 ? 802 HOH A O     1 
HETATM 1564 O  O     . HOH E 4 .   ? -5.434  -11.698 -8.662  1.00 20.20 ? 803 HOH A O     1 
HETATM 1565 O  O     . HOH E 4 .   ? 7.903   -15.267 7.715   1.00 28.06 ? 804 HOH A O     1 
HETATM 1566 O  O     . HOH E 4 .   ? 2.587   -3.532  11.052  1.00 26.60 ? 805 HOH A O     1 
HETATM 1567 O  O     . HOH E 4 .   ? -14.900 6.775   -5.675  1.00 29.55 ? 806 HOH A O     1 
HETATM 1568 O  O     . HOH E 4 .   ? -15.001 4.263   4.254   1.00 26.01 ? 807 HOH A O     1 
HETATM 1569 O  O     . HOH E 4 .   ? -0.708  -4.223  -16.471 1.00 25.62 ? 808 HOH A O     1 
HETATM 1570 O  O     . HOH E 4 .   ? -4.611  6.605   -14.769 1.00 27.36 ? 809 HOH A O     1 
HETATM 1571 O  O     . HOH E 4 .   ? -6.062  -1.039  17.508  1.00 33.05 ? 810 HOH A O     1 
HETATM 1572 O  O     . HOH E 4 .   ? -17.221 5.516   -4.758  1.00 29.96 ? 811 HOH A O     1 
HETATM 1573 O  O     . HOH E 4 .   ? 3.545   2.336   -16.430 1.00 27.54 ? 812 HOH A O     1 
HETATM 1574 O  O     . HOH E 4 .   ? 7.829   -2.045  9.683   1.00 26.89 ? 813 HOH A O     1 
HETATM 1575 O  O     . HOH E 4 .   ? -2.888  -8.562  -11.307 1.00 26.39 ? 814 HOH A O     1 
HETATM 1576 O  O     . HOH E 4 .   ? 0.570   -13.556 17.470  1.00 31.34 ? 815 HOH A O     1 
HETATM 1577 O  O     . HOH E 4 .   ? 15.057  -8.174  -11.810 1.00 32.60 ? 816 HOH A O     1 
HETATM 1578 O  O     . HOH E 4 .   ? 17.263  -3.912  -2.362  1.00 28.02 ? 817 HOH A O     1 
HETATM 1579 O  O     . HOH E 4 .   ? 8.872   -6.625  11.750  1.00 27.87 ? 818 HOH A O     1 
HETATM 1580 O  O     . HOH E 4 .   ? -19.966 -2.646  -2.597  1.00 30.38 ? 819 HOH A O     1 
HETATM 1581 O  O     . HOH E 4 .   ? -13.419 5.047   -10.006 1.00 25.82 ? 820 HOH A O     1 
HETATM 1582 O  O     . HOH E 4 .   ? -9.705  -2.829  -17.542 1.00 27.90 ? 821 HOH A O     1 
HETATM 1583 O  O     . HOH E 4 .   ? -5.647  -8.037  -12.330 1.00 32.85 ? 822 HOH A O     1 
HETATM 1584 O  O     . HOH E 4 .   ? -5.111  -17.804 -4.496  1.00 32.52 ? 823 HOH A O     1 
HETATM 1585 O  O     . HOH E 4 .   ? -8.458  1.545   11.337  1.00 27.27 ? 824 HOH A O     1 
HETATM 1586 O  O     . HOH E 4 .   ? -11.404 -3.021  -15.370 1.00 33.89 ? 825 HOH A O     1 
HETATM 1587 O  O     . HOH E 4 .   ? 14.668  11.351  2.684   1.00 34.36 ? 826 HOH A O     1 
HETATM 1588 O  O     . HOH E 4 .   ? 0.635   -8.363  -17.604 1.00 29.97 ? 827 HOH A O     1 
HETATM 1589 O  O     . HOH E 4 .   ? 5.962   1.275   -15.891 1.00 26.96 ? 828 HOH A O     1 
HETATM 1590 O  O     . HOH E 4 .   ? 14.565  -4.597  8.024   1.00 31.45 ? 829 HOH A O     1 
HETATM 1591 O  O     . HOH E 4 .   ? 1.853   17.569  8.234   1.00 37.53 ? 830 HOH A O     1 
HETATM 1592 O  O     . HOH E 4 .   ? -2.378  19.700  4.236   1.00 35.64 ? 831 HOH A O     1 
HETATM 1593 O  O     . HOH E 4 .   ? -3.076  -5.166  15.885  1.00 33.37 ? 832 HOH A O     1 
HETATM 1594 O  O     . HOH E 4 .   ? -1.271  9.912   15.065  1.00 35.53 ? 833 HOH A O     1 
HETATM 1595 O  O     . HOH E 4 .   ? 16.049  2.766   -12.103 1.00 31.55 ? 834 HOH A O     1 
HETATM 1596 O  O     . HOH E 4 .   ? 18.260  7.544   4.179   1.00 36.62 ? 835 HOH A O     1 
HETATM 1597 O  O     . HOH E 4 .   ? 14.410  4.735   -0.582  1.00 28.71 ? 836 HOH A O     1 
HETATM 1598 O  O     . HOH E 4 .   ? -15.593 -8.791  -2.368  1.00 31.95 ? 837 HOH A O     1 
HETATM 1599 O  O     . HOH E 4 .   ? -23.492 5.976   4.917   1.00 39.77 ? 838 HOH A O     1 
HETATM 1600 O  O     . HOH E 4 .   ? -18.466 2.922   18.455  1.00 39.97 ? 839 HOH A O     1 
# 
loop_
_pdbx_poly_seq_scheme.asym_id 
_pdbx_poly_seq_scheme.entity_id 
_pdbx_poly_seq_scheme.seq_id 
_pdbx_poly_seq_scheme.mon_id 
_pdbx_poly_seq_scheme.ndb_seq_num 
_pdbx_poly_seq_scheme.pdb_seq_num 
_pdbx_poly_seq_scheme.auth_seq_num 
_pdbx_poly_seq_scheme.pdb_mon_id 
_pdbx_poly_seq_scheme.auth_mon_id 
_pdbx_poly_seq_scheme.pdb_strand_id 
_pdbx_poly_seq_scheme.pdb_ins_code 
_pdbx_poly_seq_scheme.hetero 
A 1 1   GLY 1   30  30  GLY GLY A . n 
A 1 2   LEU 2   31  31  LEU LEU A . n 
A 1 3   ARG 3   32  32  ARG ARG A . n 
A 1 4   SER 4   33  33  SER SER A . n 
A 1 5   ARG 5   34  34  ARG ARG A . n 
A 1 6   ALA 6   35  35  ALA ALA A . n 
A 1 7   TRP 7   36  36  TRP TRP A . n 
A 1 8   PHE 8   37  37  PHE PHE A . n 
A 1 9   LYS 9   38  38  LYS LYS A . n 
A 1 10  LEU 10  39  39  LEU LEU A . n 
A 1 11  ASP 11  40  40  ASP ASP A . n 
A 1 12  GLU 12  41  41  GLU GLU A . n 
A 1 13  ILE 13  42  42  ILE ILE A . n 
A 1 14  GLN 14  43  43  GLN GLN A . n 
A 1 15  GLN 15  44  44  GLN GLN A . n 
A 1 16  SER 16  45  45  SER SER A . n 
A 1 17  ASP 17  46  46  ASP ASP A . n 
A 1 18  LYS 18  47  47  LYS LYS A . n 
A 1 19  LEU 19  48  48  LEU LEU A . n 
A 1 20  PHE 20  49  49  PHE PHE A . n 
A 1 21  LYS 21  50  50  LYS LYS A . n 
A 1 22  PRO 22  51  51  PRO PRO A . n 
A 1 23  GLY 23  52  52  GLY GLY A . n 
A 1 24  MET 24  53  53  MET MET A . n 
A 1 25  THR 25  54  54  THR THR A . n 
A 1 26  VAL 26  55  55  VAL VAL A . n 
A 1 27  VAL 27  56  56  VAL VAL A . n 
A 1 28  ASP 28  57  57  ASP ASP A . n 
A 1 29  LEU 29  58  58  LEU LEU A . n 
A 1 30  GLY 30  59  59  GLY GLY A . n 
A 1 31  ALA 31  60  60  ALA ALA A . n 
A 1 32  ALA 32  61  61  ALA ALA A . n 
A 1 33  PRO 33  62  62  PRO PRO A . n 
A 1 34  GLY 34  63  63  GLY GLY A . n 
A 1 35  GLY 35  64  64  GLY GLY A . n 
A 1 36  TRP 36  65  65  TRP TRP A . n 
A 1 37  SER 37  66  66  SER SER A . n 
A 1 38  GLN 38  67  67  GLN GLN A . n 
A 1 39  TYR 39  68  68  TYR TYR A . n 
A 1 40  VAL 40  69  69  VAL VAL A . n 
A 1 41  VAL 41  70  70  VAL VAL A . n 
A 1 42  THR 42  71  71  THR THR A . n 
A 1 43  GLN 43  72  72  GLN GLN A . n 
A 1 44  ILE 44  73  73  ILE ILE A . n 
A 1 45  GLY 45  74  74  GLY GLY A . n 
A 1 46  GLY 46  75  75  GLY GLY A . n 
A 1 47  LYS 47  76  76  LYS LYS A . n 
A 1 48  GLY 48  77  77  GLY GLY A . n 
A 1 49  ARG 49  78  78  ARG ARG A . n 
A 1 50  ILE 50  79  79  ILE ILE A . n 
A 1 51  ILE 51  80  80  ILE ILE A . n 
A 1 52  ALA 52  81  81  ALA ALA A . n 
A 1 53  CYS 53  82  82  CYS CYS A . n 
A 1 54  ASP 54  83  83  ASP ASP A . n 
A 1 55  LEU 55  84  84  LEU LEU A . n 
A 1 56  LEU 56  85  85  LEU LEU A . n 
A 1 57  PRO 57  86  86  PRO PRO A . n 
A 1 58  MET 58  87  87  MET MET A . n 
A 1 59  ASP 59  88  88  ASP ASP A . n 
A 1 60  PRO 60  89  89  PRO PRO A . n 
A 1 61  ILE 61  90  90  ILE ILE A . n 
A 1 62  VAL 62  91  91  VAL VAL A . n 
A 1 63  GLY 63  92  92  GLY GLY A . n 
A 1 64  VAL 64  93  93  VAL VAL A . n 
A 1 65  ASP 65  94  94  ASP ASP A . n 
A 1 66  PHE 66  95  95  PHE PHE A . n 
A 1 67  LEU 67  96  96  LEU LEU A . n 
A 1 68  GLN 68  97  97  GLN GLN A . n 
A 1 69  GLY 69  98  98  GLY GLY A . n 
A 1 70  ASP 70  99  99  ASP ASP A . n 
A 1 71  PHE 71  100 100 PHE PHE A . n 
A 1 72  ARG 72  101 101 ARG ARG A . n 
A 1 73  ASP 73  102 102 ASP ASP A . n 
A 1 74  GLU 74  103 103 GLU SER A . n 
A 1 75  LEU 75  104 104 LEU LEU A . n 
A 1 76  VAL 76  105 105 VAL VAL A . n 
A 1 77  MET 77  106 106 MET MET A . n 
A 1 78  LYS 78  107 107 LYS ALA A . n 
A 1 79  ALA 79  108 108 ALA ALA A . n 
A 1 80  LEU 80  109 109 LEU LEU A . n 
A 1 81  LEU 81  110 110 LEU LEU A . n 
A 1 82  GLU 82  111 111 GLU GLU A . n 
A 1 83  ARG 83  112 112 ARG ARG A . n 
A 1 84  VAL 84  113 113 VAL VAL A . n 
A 1 85  GLY 85  114 114 GLY GLY A . n 
A 1 86  ASP 86  115 115 ASP ASP A . n 
A 1 87  SER 87  116 116 SER SER A . n 
A 1 88  LYS 88  117 117 LYS LYS A . n 
A 1 89  VAL 89  118 118 VAL VAL A . n 
A 1 90  GLN 90  119 119 GLN GLN A . n 
A 1 91  VAL 91  120 120 VAL VAL A . n 
A 1 92  VAL 92  121 121 VAL VAL A . n 
A 1 93  MET 93  122 122 MET MET A . n 
A 1 94  SER 94  123 123 SER SER A . n 
A 1 95  ASP 95  124 124 ASP ASP A . n 
A 1 96  MET 96  125 125 MET MET A . n 
A 1 97  ALA 97  126 126 ALA ALA A . n 
A 1 98  PRO 98  127 127 PRO PRO A . n 
A 1 99  ASN 99  128 128 ASN ASN A . n 
A 1 100 MET 100 129 129 MET MET A . n 
A 1 101 SER 101 130 130 SER SER A . n 
A 1 102 GLY 102 131 131 GLY GLY A . n 
A 1 103 THR 103 132 132 THR THR A . n 
A 1 104 PRO 104 133 133 PRO PRO A . n 
A 1 105 ALA 105 134 134 ALA ALA A . n 
A 1 106 VAL 106 135 135 VAL VAL A . n 
A 1 107 ASP 107 136 136 ASP ASP A . n 
A 1 108 ILE 108 137 137 ILE ILE A . n 
A 1 109 PRO 109 138 138 PRO PRO A . n 
A 1 110 ARG 110 139 139 ARG ARG A . n 
A 1 111 ALA 111 140 140 ALA ALA A . n 
A 1 112 MET 112 141 141 MET MET A . n 
A 1 113 TYR 113 142 142 TYR TYR A . n 
A 1 114 LEU 114 143 143 LEU LEU A . n 
A 1 115 VAL 115 144 144 VAL VAL A . n 
A 1 116 GLU 116 145 145 GLU GLU A . n 
A 1 117 LEU 117 146 146 LEU LEU A . n 
A 1 118 ALA 118 147 147 ALA ALA A . n 
A 1 119 LEU 119 148 148 LEU LEU A . n 
A 1 120 GLU 120 149 149 GLU GLU A . n 
A 1 121 MET 121 150 150 MET MET A . n 
A 1 122 CYS 122 151 151 CYS CYS A . n 
A 1 123 ARG 123 152 152 ARG ARG A . n 
A 1 124 ASP 124 153 153 ASP ASP A . n 
A 1 125 VAL 125 154 154 VAL VAL A . n 
A 1 126 LEU 126 155 155 LEU LEU A . n 
A 1 127 ALA 127 156 156 ALA ALA A . n 
A 1 128 PRO 128 157 157 PRO PRO A . n 
A 1 129 GLY 129 158 158 GLY GLY A . n 
A 1 130 GLY 130 159 159 GLY GLY A . n 
A 1 131 SER 131 160 160 SER SER A . n 
A 1 132 PHE 132 161 161 PHE PHE A . n 
A 1 133 VAL 133 162 162 VAL VAL A . n 
A 1 134 VAL 134 163 163 VAL VAL A . n 
A 1 135 LYS 135 164 164 LYS LYS A . n 
A 1 136 VAL 136 165 165 VAL VAL A . n 
A 1 137 PHE 137 166 166 PHE PHE A . n 
A 1 138 GLN 138 167 167 GLN GLN A . n 
A 1 139 GLY 139 168 168 GLY GLY A . n 
A 1 140 GLU 140 169 169 GLU GLU A . n 
A 1 141 GLY 141 170 170 GLY GLY A . n 
A 1 142 PHE 142 171 171 PHE PHE A . n 
A 1 143 ASP 143 172 172 ASP ASP A . n 
A 1 144 GLU 144 173 173 GLU GLU A . n 
A 1 145 TYR 145 174 174 TYR TYR A . n 
A 1 146 LEU 146 175 175 LEU LEU A . n 
A 1 147 ARG 147 176 176 ARG ARG A . n 
A 1 148 GLU 148 177 177 GLU GLU A . n 
A 1 149 ILE 149 178 178 ILE ILE A . n 
A 1 150 ARG 150 179 179 ARG ARG A . n 
A 1 151 SER 151 180 180 SER SER A . n 
A 1 152 LEU 152 181 181 LEU LEU A . n 
A 1 153 PHE 153 182 182 PHE PHE A . n 
A 1 154 THR 154 183 183 THR THR A . n 
A 1 155 LYS 155 184 184 LYS LYS A . n 
A 1 156 VAL 156 185 185 VAL VAL A . n 
A 1 157 LYS 157 186 186 LYS LYS A . n 
A 1 158 VAL 158 187 187 VAL VAL A . n 
A 1 159 ARG 159 188 188 ARG ARG A . n 
A 1 160 LYS 160 189 189 LYS LYS A . n 
A 1 161 PRO 161 190 190 PRO PRO A . n 
A 1 162 ASP 162 191 191 ASP ASP A . n 
A 1 163 SER 163 192 192 SER SER A . n 
A 1 164 SER 164 193 193 SER SER A . n 
A 1 165 ARG 165 194 194 ARG ARG A . n 
A 1 166 ALA 166 195 195 ALA ALA A . n 
A 1 167 ARG 167 196 196 ARG ARG A . n 
A 1 168 SER 168 197 197 SER SER A . n 
A 1 169 ARG 169 198 198 ARG ARG A . n 
A 1 170 GLU 170 199 199 GLU GLU A . n 
A 1 171 VAL 171 200 200 VAL VAL A . n 
A 1 172 TYR 172 201 201 TYR TYR A . n 
A 1 173 ILE 173 202 202 ILE ILE A . n 
A 1 174 VAL 174 203 203 VAL VAL A . n 
A 1 175 ALA 175 204 204 ALA ALA A . n 
A 1 176 THR 176 205 205 THR THR A . n 
A 1 177 GLY 177 206 206 GLY GLY A . n 
A 1 178 ARG 178 207 207 ARG ARG A . n 
A 1 179 LYS 179 208 208 LYS LYS A . n 
A 1 180 PRO 180 209 209 PRO PRO A . n 
# 
loop_
_pdbx_nonpoly_scheme.asym_id 
_pdbx_nonpoly_scheme.entity_id 
_pdbx_nonpoly_scheme.mon_id 
_pdbx_nonpoly_scheme.ndb_seq_num 
_pdbx_nonpoly_scheme.pdb_seq_num 
_pdbx_nonpoly_scheme.auth_seq_num 
_pdbx_nonpoly_scheme.pdb_mon_id 
_pdbx_nonpoly_scheme.auth_mon_id 
_pdbx_nonpoly_scheme.pdb_strand_id 
_pdbx_nonpoly_scheme.pdb_ins_code 
B 2 HG  1   901 1   HG  HG2 A . 
C 2 HG  1   912 12  HG  HG2 A . 
D 3 SAM 1   301 301 SAM SAM A . 
E 4 HOH 1   401 401 HOH WAT A . 
E 4 HOH 2   402 402 HOH WAT A . 
E 4 HOH 3   403 403 HOH WAT A . 
E 4 HOH 4   404 404 HOH WAT A . 
E 4 HOH 5   405 405 HOH WAT A . 
E 4 HOH 6   406 406 HOH WAT A . 
E 4 HOH 7   407 407 HOH WAT A . 
E 4 HOH 8   408 408 HOH WAT A . 
E 4 HOH 9   409 409 HOH WAT A . 
E 4 HOH 10  410 410 HOH WAT A . 
E 4 HOH 11  411 411 HOH WAT A . 
E 4 HOH 12  412 412 HOH WAT A . 
E 4 HOH 13  413 413 HOH WAT A . 
E 4 HOH 14  414 414 HOH WAT A . 
E 4 HOH 15  415 415 HOH WAT A . 
E 4 HOH 16  416 416 HOH WAT A . 
E 4 HOH 17  417 417 HOH WAT A . 
E 4 HOH 18  418 418 HOH WAT A . 
E 4 HOH 19  419 419 HOH WAT A . 
E 4 HOH 20  420 420 HOH WAT A . 
E 4 HOH 21  421 421 HOH WAT A . 
E 4 HOH 22  423 423 HOH WAT A . 
E 4 HOH 23  424 424 HOH WAT A . 
E 4 HOH 24  425 425 HOH WAT A . 
E 4 HOH 25  426 426 HOH WAT A . 
E 4 HOH 26  427 427 HOH WAT A . 
E 4 HOH 27  428 428 HOH WAT A . 
E 4 HOH 28  429 429 HOH WAT A . 
E 4 HOH 29  430 430 HOH WAT A . 
E 4 HOH 30  431 431 HOH WAT A . 
E 4 HOH 31  432 432 HOH WAT A . 
E 4 HOH 32  433 433 HOH WAT A . 
E 4 HOH 33  434 434 HOH WAT A . 
E 4 HOH 34  435 435 HOH WAT A . 
E 4 HOH 35  436 436 HOH WAT A . 
E 4 HOH 36  437 437 HOH WAT A . 
E 4 HOH 37  438 438 HOH WAT A . 
E 4 HOH 38  440 440 HOH WAT A . 
E 4 HOH 39  441 441 HOH WAT A . 
E 4 HOH 40  442 442 HOH WAT A . 
E 4 HOH 41  443 443 HOH WAT A . 
E 4 HOH 42  444 444 HOH WAT A . 
E 4 HOH 43  445 445 HOH WAT A . 
E 4 HOH 44  446 446 HOH WAT A . 
E 4 HOH 45  447 447 HOH WAT A . 
E 4 HOH 46  448 448 HOH WAT A . 
E 4 HOH 47  449 449 HOH WAT A . 
E 4 HOH 48  450 450 HOH WAT A . 
E 4 HOH 49  451 451 HOH WAT A . 
E 4 HOH 50  453 453 HOH WAT A . 
E 4 HOH 51  454 454 HOH WAT A . 
E 4 HOH 52  455 455 HOH WAT A . 
E 4 HOH 53  457 457 HOH WAT A . 
E 4 HOH 54  459 459 HOH WAT A . 
E 4 HOH 55  460 460 HOH WAT A . 
E 4 HOH 56  461 461 HOH WAT A . 
E 4 HOH 57  462 462 HOH WAT A . 
E 4 HOH 58  466 466 HOH WAT A . 
E 4 HOH 59  467 467 HOH WAT A . 
E 4 HOH 60  468 468 HOH WAT A . 
E 4 HOH 61  470 470 HOH WAT A . 
E 4 HOH 62  471 471 HOH WAT A . 
E 4 HOH 63  472 472 HOH WAT A . 
E 4 HOH 64  473 473 HOH WAT A . 
E 4 HOH 65  474 474 HOH WAT A . 
E 4 HOH 66  477 477 HOH WAT A . 
E 4 HOH 67  478 478 HOH WAT A . 
E 4 HOH 68  479 479 HOH WAT A . 
E 4 HOH 69  480 480 HOH WAT A . 
E 4 HOH 70  481 481 HOH WAT A . 
E 4 HOH 71  482 482 HOH WAT A . 
E 4 HOH 72  483 483 HOH WAT A . 
E 4 HOH 73  484 484 HOH WAT A . 
E 4 HOH 74  486 486 HOH WAT A . 
E 4 HOH 75  487 487 HOH WAT A . 
E 4 HOH 76  488 488 HOH WAT A . 
E 4 HOH 77  489 489 HOH WAT A . 
E 4 HOH 78  490 490 HOH WAT A . 
E 4 HOH 79  491 491 HOH WAT A . 
E 4 HOH 80  492 492 HOH WAT A . 
E 4 HOH 81  493 493 HOH WAT A . 
E 4 HOH 82  494 494 HOH WAT A . 
E 4 HOH 83  496 496 HOH WAT A . 
E 4 HOH 84  506 506 HOH WAT A . 
E 4 HOH 85  518 518 HOH WAT A . 
E 4 HOH 86  533 533 HOH WAT A . 
E 4 HOH 87  537 537 HOH WAT A . 
E 4 HOH 88  542 542 HOH WAT A . 
E 4 HOH 89  575 575 HOH WAT A . 
E 4 HOH 90  583 583 HOH WAT A . 
E 4 HOH 91  586 586 HOH WAT A . 
E 4 HOH 92  587 587 HOH WAT A . 
E 4 HOH 93  588 588 HOH WAT A . 
E 4 HOH 94  589 589 HOH WAT A . 
E 4 HOH 95  590 590 HOH WAT A . 
E 4 HOH 96  615 615 HOH WAT A . 
E 4 HOH 97  623 623 HOH WAT A . 
E 4 HOH 98  625 625 HOH WAT A . 
E 4 HOH 99  638 638 HOH WAT A . 
E 4 HOH 100 677 677 HOH WAT A . 
E 4 HOH 101 689 689 HOH WAT A . 
E 4 HOH 102 693 693 HOH WAT A . 
E 4 HOH 103 701 701 HOH WAT A . 
E 4 HOH 104 707 707 HOH WAT A . 
E 4 HOH 105 729 729 HOH WAT A . 
E 4 HOH 106 733 733 HOH WAT A . 
E 4 HOH 107 734 734 HOH WAT A . 
E 4 HOH 108 758 758 HOH WAT A . 
E 4 HOH 109 760 760 HOH WAT A . 
E 4 HOH 110 761 761 HOH WAT A . 
E 4 HOH 111 762 762 HOH WAT A . 
E 4 HOH 112 763 763 HOH WAT A . 
E 4 HOH 113 764 764 HOH WAT A . 
E 4 HOH 114 765 765 HOH WAT A . 
E 4 HOH 115 766 766 HOH WAT A . 
E 4 HOH 116 767 767 HOH WAT A . 
E 4 HOH 117 768 768 HOH WAT A . 
E 4 HOH 118 769 769 HOH WAT A . 
E 4 HOH 119 770 770 HOH WAT A . 
E 4 HOH 120 772 772 HOH WAT A . 
E 4 HOH 121 773 773 HOH WAT A . 
E 4 HOH 122 774 774 HOH WAT A . 
E 4 HOH 123 775 775 HOH WAT A . 
E 4 HOH 124 776 776 HOH WAT A . 
E 4 HOH 125 777 777 HOH WAT A . 
E 4 HOH 126 778 778 HOH WAT A . 
E 4 HOH 127 779 779 HOH WAT A . 
E 4 HOH 128 780 780 HOH WAT A . 
E 4 HOH 129 781 781 HOH WAT A . 
E 4 HOH 130 783 783 HOH WAT A . 
E 4 HOH 131 784 784 HOH WAT A . 
E 4 HOH 132 785 785 HOH WAT A . 
E 4 HOH 133 786 786 HOH WAT A . 
E 4 HOH 134 789 789 HOH WAT A . 
E 4 HOH 135 791 791 HOH WAT A . 
E 4 HOH 136 793 793 HOH WAT A . 
E 4 HOH 137 794 794 HOH WAT A . 
E 4 HOH 138 795 795 HOH WAT A . 
E 4 HOH 139 796 796 HOH WAT A . 
E 4 HOH 140 797 797 HOH WAT A . 
E 4 HOH 141 798 798 HOH WAT A . 
E 4 HOH 142 799 799 HOH WAT A . 
E 4 HOH 143 800 800 HOH WAT A . 
E 4 HOH 144 801 801 HOH WAT A . 
E 4 HOH 145 802 802 HOH WAT A . 
E 4 HOH 146 803 803 HOH WAT A . 
E 4 HOH 147 804 804 HOH WAT A . 
E 4 HOH 148 805 805 HOH WAT A . 
E 4 HOH 149 806 806 HOH WAT A . 
E 4 HOH 150 807 807 HOH WAT A . 
E 4 HOH 151 808 808 HOH WAT A . 
E 4 HOH 152 809 809 HOH WAT A . 
E 4 HOH 153 810 810 HOH WAT A . 
E 4 HOH 154 811 811 HOH WAT A . 
E 4 HOH 155 812 812 HOH WAT A . 
E 4 HOH 156 813 813 HOH WAT A . 
E 4 HOH 157 814 814 HOH WAT A . 
E 4 HOH 158 815 815 HOH WAT A . 
E 4 HOH 159 816 816 HOH WAT A . 
E 4 HOH 160 817 817 HOH WAT A . 
E 4 HOH 161 818 818 HOH WAT A . 
E 4 HOH 162 819 819 HOH WAT A . 
E 4 HOH 163 820 820 HOH WAT A . 
E 4 HOH 164 821 821 HOH WAT A . 
E 4 HOH 165 822 822 HOH WAT A . 
E 4 HOH 166 823 823 HOH WAT A . 
E 4 HOH 167 824 824 HOH WAT A . 
E 4 HOH 168 825 825 HOH WAT A . 
E 4 HOH 169 826 826 HOH WAT A . 
E 4 HOH 170 827 827 HOH WAT A . 
E 4 HOH 171 828 828 HOH WAT A . 
E 4 HOH 172 829 829 HOH WAT A . 
E 4 HOH 173 830 830 HOH WAT A . 
E 4 HOH 174 831 831 HOH WAT A . 
E 4 HOH 175 832 832 HOH WAT A . 
E 4 HOH 176 833 833 HOH WAT A . 
E 4 HOH 177 834 834 HOH WAT A . 
E 4 HOH 178 835 835 HOH WAT A . 
E 4 HOH 179 836 836 HOH WAT A . 
E 4 HOH 180 837 837 HOH WAT A . 
E 4 HOH 181 838 838 HOH WAT A . 
E 4 HOH 182 839 839 HOH WAT A . 
# 
_pdbx_struct_assembly.id                   1 
_pdbx_struct_assembly.details              author_defined_assembly 
_pdbx_struct_assembly.method_details       ? 
_pdbx_struct_assembly.oligomeric_details   monomeric 
_pdbx_struct_assembly.oligomeric_count     1 
# 
_pdbx_struct_assembly_gen.assembly_id       1 
_pdbx_struct_assembly_gen.oper_expression   1 
_pdbx_struct_assembly_gen.asym_id_list      A,B,C,D,E 
# 
_pdbx_struct_oper_list.id                   1 
_pdbx_struct_oper_list.type                 'identity operation' 
_pdbx_struct_oper_list.name                 1_555 
_pdbx_struct_oper_list.symmetry_operation   x,y,z 
_pdbx_struct_oper_list.matrix[1][1]         1.0000000000 
_pdbx_struct_oper_list.matrix[1][2]         0.0000000000 
_pdbx_struct_oper_list.matrix[1][3]         0.0000000000 
_pdbx_struct_oper_list.vector[1]            0.0000000000 
_pdbx_struct_oper_list.matrix[2][1]         0.0000000000 
_pdbx_struct_oper_list.matrix[2][2]         1.0000000000 
_pdbx_struct_oper_list.matrix[2][3]         0.0000000000 
_pdbx_struct_oper_list.vector[2]            0.0000000000 
_pdbx_struct_oper_list.matrix[3][1]         0.0000000000 
_pdbx_struct_oper_list.matrix[3][2]         0.0000000000 
_pdbx_struct_oper_list.matrix[3][3]         1.0000000000 
_pdbx_struct_oper_list.vector[3]            0.0000000000 
# 
loop_
_pdbx_struct_conn_angle.id 
_pdbx_struct_conn_angle.ptnr1_label_atom_id 
_pdbx_struct_conn_angle.ptnr1_label_alt_id 
_pdbx_struct_conn_angle.ptnr1_label_asym_id 
_pdbx_struct_conn_angle.ptnr1_label_comp_id 
_pdbx_struct_conn_angle.ptnr1_label_seq_id 
_pdbx_struct_conn_angle.ptnr1_auth_atom_id 
_pdbx_struct_conn_angle.ptnr1_auth_asym_id 
_pdbx_struct_conn_angle.ptnr1_auth_comp_id 
_pdbx_struct_conn_angle.ptnr1_auth_seq_id 
_pdbx_struct_conn_angle.ptnr1_PDB_ins_code 
_pdbx_struct_conn_angle.ptnr1_symmetry 
_pdbx_struct_conn_angle.ptnr2_label_atom_id 
_pdbx_struct_conn_angle.ptnr2_label_alt_id 
_pdbx_struct_conn_angle.ptnr2_label_asym_id 
_pdbx_struct_conn_angle.ptnr2_label_comp_id 
_pdbx_struct_conn_angle.ptnr2_label_seq_id 
_pdbx_struct_conn_angle.ptnr2_auth_atom_id 
_pdbx_struct_conn_angle.ptnr2_auth_asym_id 
_pdbx_struct_conn_angle.ptnr2_auth_comp_id 
_pdbx_struct_conn_angle.ptnr2_auth_seq_id 
_pdbx_struct_conn_angle.ptnr2_PDB_ins_code 
_pdbx_struct_conn_angle.ptnr2_symmetry 
_pdbx_struct_conn_angle.ptnr3_label_atom_id 
_pdbx_struct_conn_angle.ptnr3_label_alt_id 
_pdbx_struct_conn_angle.ptnr3_label_asym_id 
_pdbx_struct_conn_angle.ptnr3_label_comp_id 
_pdbx_struct_conn_angle.ptnr3_label_seq_id 
_pdbx_struct_conn_angle.ptnr3_auth_atom_id 
_pdbx_struct_conn_angle.ptnr3_auth_asym_id 
_pdbx_struct_conn_angle.ptnr3_auth_comp_id 
_pdbx_struct_conn_angle.ptnr3_auth_seq_id 
_pdbx_struct_conn_angle.ptnr3_PDB_ins_code 
_pdbx_struct_conn_angle.ptnr3_symmetry 
_pdbx_struct_conn_angle.value 
_pdbx_struct_conn_angle.value_esd 
1 SG ? A CYS 53  ? A CYS 82  ? 1_555 HG ? C HG . ? A HG 912 ? 1_555 O ? A LEU 67  ? A LEU 96  ? 1_555 105.6 ? 
2 SG ? A CYS 53  ? A CYS 82  ? 1_555 HG ? C HG . ? A HG 912 ? 1_555 O ? A GLY 69  ? A GLY 98  ? 1_555 92.4  ? 
3 O  ? A LEU 67  ? A LEU 96  ? 1_555 HG ? C HG . ? A HG 912 ? 1_555 O ? A GLY 69  ? A GLY 98  ? 1_555 126.5 ? 
4 SG ? A CYS 53  ? A CYS 82  ? 1_555 HG ? C HG . ? A HG 912 ? 1_555 N ? A GLY 69  ? A GLY 98  ? 1_555 142.2 ? 
5 O  ? A LEU 67  ? A LEU 96  ? 1_555 HG ? C HG . ? A HG 912 ? 1_555 N ? A GLY 69  ? A GLY 98  ? 1_555 84.5  ? 
6 O  ? A GLY 69  ? A GLY 98  ? 1_555 HG ? C HG . ? A HG 912 ? 1_555 N ? A GLY 69  ? A GLY 98  ? 1_555 54.8  ? 
7 SG ? A CYS 122 ? A CYS 151 ? 1_555 HG ? B HG . ? A HG 901 ? 1_555 O ? A CYS 122 ? A CYS 151 ? 1_555 71.4  ? 
8 SG ? A CYS 122 ? A CYS 151 ? 1_555 HG ? B HG . ? A HG 901 ? 1_555 N ? A ARG 123 ? A ARG 152 ? 1_555 83.0  ? 
9 O  ? A CYS 122 ? A CYS 151 ? 1_555 HG ? B HG . ? A HG 901 ? 1_555 N ? A ARG 123 ? A ARG 152 ? 1_555 38.2  ? 
# 
loop_
_pdbx_audit_revision_history.ordinal 
_pdbx_audit_revision_history.data_content_type 
_pdbx_audit_revision_history.major_revision 
_pdbx_audit_revision_history.minor_revision 
_pdbx_audit_revision_history.revision_date 
1 'Structure model' 1 0 2000-08-30 
2 'Structure model' 1 1 2008-04-27 
3 'Structure model' 1 2 2011-07-13 
4 'Structure model' 1 3 2017-10-04 
5 'Structure model' 1 4 2023-08-09 
# 
_pdbx_audit_revision_details.ordinal             1 
_pdbx_audit_revision_details.revision_ordinal    1 
_pdbx_audit_revision_details.data_content_type   'Structure model' 
_pdbx_audit_revision_details.provider            repository 
_pdbx_audit_revision_details.type                'Initial release' 
_pdbx_audit_revision_details.description         ? 
_pdbx_audit_revision_details.details             ? 
# 
loop_
_pdbx_audit_revision_group.ordinal 
_pdbx_audit_revision_group.revision_ordinal 
_pdbx_audit_revision_group.data_content_type 
_pdbx_audit_revision_group.group 
1 2 'Structure model' 'Version format compliance' 
2 3 'Structure model' 'Version format compliance' 
3 4 'Structure model' 'Refinement description'    
4 5 'Structure model' 'Data collection'           
5 5 'Structure model' 'Database references'       
6 5 'Structure model' 'Derived calculations'      
7 5 'Structure model' 'Refinement description'    
# 
loop_
_pdbx_audit_revision_category.ordinal 
_pdbx_audit_revision_category.revision_ordinal 
_pdbx_audit_revision_category.data_content_type 
_pdbx_audit_revision_category.category 
1 4 'Structure model' software                      
2 5 'Structure model' chem_comp_atom                
3 5 'Structure model' chem_comp_bond                
4 5 'Structure model' database_2                    
5 5 'Structure model' pdbx_initial_refinement_model 
6 5 'Structure model' pdbx_struct_conn_angle        
7 5 'Structure model' struct_conn                   
8 5 'Structure model' struct_site                   
# 
loop_
_pdbx_audit_revision_item.ordinal 
_pdbx_audit_revision_item.revision_ordinal 
_pdbx_audit_revision_item.data_content_type 
_pdbx_audit_revision_item.item 
1  4 'Structure model' '_software.name'                              
2  5 'Structure model' '_database_2.pdbx_DOI'                        
3  5 'Structure model' '_database_2.pdbx_database_accession'         
4  5 'Structure model' '_pdbx_struct_conn_angle.ptnr1_auth_comp_id'  
5  5 'Structure model' '_pdbx_struct_conn_angle.ptnr1_auth_seq_id'   
6  5 'Structure model' '_pdbx_struct_conn_angle.ptnr1_label_atom_id' 
7  5 'Structure model' '_pdbx_struct_conn_angle.ptnr1_label_comp_id' 
8  5 'Structure model' '_pdbx_struct_conn_angle.ptnr1_label_seq_id'  
9  5 'Structure model' '_pdbx_struct_conn_angle.ptnr2_auth_seq_id'   
10 5 'Structure model' '_pdbx_struct_conn_angle.ptnr2_label_asym_id' 
11 5 'Structure model' '_pdbx_struct_conn_angle.ptnr3_auth_comp_id'  
12 5 'Structure model' '_pdbx_struct_conn_angle.ptnr3_auth_seq_id'   
13 5 'Structure model' '_pdbx_struct_conn_angle.ptnr3_label_atom_id' 
14 5 'Structure model' '_pdbx_struct_conn_angle.ptnr3_label_comp_id' 
15 5 'Structure model' '_pdbx_struct_conn_angle.ptnr3_label_seq_id'  
16 5 'Structure model' '_pdbx_struct_conn_angle.value'               
17 5 'Structure model' '_struct_conn.pdbx_dist_value'                
18 5 'Structure model' '_struct_conn.ptnr1_auth_comp_id'             
19 5 'Structure model' '_struct_conn.ptnr1_auth_seq_id'              
20 5 'Structure model' '_struct_conn.ptnr1_label_asym_id'            
21 5 'Structure model' '_struct_conn.ptnr1_label_atom_id'            
22 5 'Structure model' '_struct_conn.ptnr1_label_comp_id'            
23 5 'Structure model' '_struct_conn.ptnr1_label_seq_id'             
24 5 'Structure model' '_struct_conn.ptnr2_auth_comp_id'             
25 5 'Structure model' '_struct_conn.ptnr2_auth_seq_id'              
26 5 'Structure model' '_struct_conn.ptnr2_label_asym_id'            
27 5 'Structure model' '_struct_conn.ptnr2_label_atom_id'            
28 5 'Structure model' '_struct_conn.ptnr2_label_comp_id'            
29 5 'Structure model' '_struct_conn.ptnr2_label_seq_id'             
30 5 'Structure model' '_struct_site.pdbx_auth_asym_id'              
31 5 'Structure model' '_struct_site.pdbx_auth_comp_id'              
32 5 'Structure model' '_struct_site.pdbx_auth_seq_id'               
# 
loop_
_software.name 
_software.classification 
_software.version 
_software.citation_id 
_software.pdbx_ordinal 
CNS       refinement       . ? 1 
bioteX    'data reduction' . ? 2 
SCALEPACK 'data scaling'   . ? 3 
CNS       phasing          . ? 4 
# 
loop_
_pdbx_validate_close_contact.id 
_pdbx_validate_close_contact.PDB_model_num 
_pdbx_validate_close_contact.auth_atom_id_1 
_pdbx_validate_close_contact.auth_asym_id_1 
_pdbx_validate_close_contact.auth_comp_id_1 
_pdbx_validate_close_contact.auth_seq_id_1 
_pdbx_validate_close_contact.PDB_ins_code_1 
_pdbx_validate_close_contact.label_alt_id_1 
_pdbx_validate_close_contact.auth_atom_id_2 
_pdbx_validate_close_contact.auth_asym_id_2 
_pdbx_validate_close_contact.auth_comp_id_2 
_pdbx_validate_close_contact.auth_seq_id_2 
_pdbx_validate_close_contact.PDB_ins_code_2 
_pdbx_validate_close_contact.label_alt_id_2 
_pdbx_validate_close_contact.dist 
1 1 O A HOH 779 ? ? O A HOH 780 ? ? 2.07 
2 1 O A HOH 583 ? ? O A HOH 769 ? ? 2.15 
3 1 O A ASN 128 ? ? O A HOH 802 ? ? 2.18 
# 
loop_
_pdbx_unobs_or_zero_occ_atoms.id 
_pdbx_unobs_or_zero_occ_atoms.PDB_model_num 
_pdbx_unobs_or_zero_occ_atoms.polymer_flag 
_pdbx_unobs_or_zero_occ_atoms.occupancy_flag 
_pdbx_unobs_or_zero_occ_atoms.auth_asym_id 
_pdbx_unobs_or_zero_occ_atoms.auth_comp_id 
_pdbx_unobs_or_zero_occ_atoms.auth_seq_id 
_pdbx_unobs_or_zero_occ_atoms.PDB_ins_code 
_pdbx_unobs_or_zero_occ_atoms.auth_atom_id 
_pdbx_unobs_or_zero_occ_atoms.label_alt_id 
_pdbx_unobs_or_zero_occ_atoms.label_asym_id 
_pdbx_unobs_or_zero_occ_atoms.label_comp_id 
_pdbx_unobs_or_zero_occ_atoms.label_seq_id 
_pdbx_unobs_or_zero_occ_atoms.label_atom_id 
1 1 Y 1 A GLU 103 ? CD  ? A GLU 74 CD  
2 1 Y 1 A GLU 103 ? OE1 ? A GLU 74 OE1 
3 1 Y 1 A GLU 103 ? OE2 ? A GLU 74 OE2 
4 1 Y 1 A LYS 107 ? CG  ? A LYS 78 CG  
5 1 Y 1 A LYS 107 ? CD  ? A LYS 78 CD  
6 1 Y 1 A LYS 107 ? CE  ? A LYS 78 CE  
7 1 Y 1 A LYS 107 ? NZ  ? A LYS 78 NZ  
# 
loop_
_chem_comp_atom.comp_id 
_chem_comp_atom.atom_id 
_chem_comp_atom.type_symbol 
_chem_comp_atom.pdbx_aromatic_flag 
_chem_comp_atom.pdbx_stereo_config 
_chem_comp_atom.pdbx_ordinal 
ALA N      N  N N 1   
ALA CA     C  N S 2   
ALA C      C  N N 3   
ALA O      O  N N 4   
ALA CB     C  N N 5   
ALA OXT    O  N N 6   
ALA H      H  N N 7   
ALA H2     H  N N 8   
ALA HA     H  N N 9   
ALA HB1    H  N N 10  
ALA HB2    H  N N 11  
ALA HB3    H  N N 12  
ALA HXT    H  N N 13  
ARG N      N  N N 14  
ARG CA     C  N S 15  
ARG C      C  N N 16  
ARG O      O  N N 17  
ARG CB     C  N N 18  
ARG CG     C  N N 19  
ARG CD     C  N N 20  
ARG NE     N  N N 21  
ARG CZ     C  N N 22  
ARG NH1    N  N N 23  
ARG NH2    N  N N 24  
ARG OXT    O  N N 25  
ARG H      H  N N 26  
ARG H2     H  N N 27  
ARG HA     H  N N 28  
ARG HB2    H  N N 29  
ARG HB3    H  N N 30  
ARG HG2    H  N N 31  
ARG HG3    H  N N 32  
ARG HD2    H  N N 33  
ARG HD3    H  N N 34  
ARG HE     H  N N 35  
ARG HH11   H  N N 36  
ARG HH12   H  N N 37  
ARG HH21   H  N N 38  
ARG HH22   H  N N 39  
ARG HXT    H  N N 40  
ASN N      N  N N 41  
ASN CA     C  N S 42  
ASN C      C  N N 43  
ASN O      O  N N 44  
ASN CB     C  N N 45  
ASN CG     C  N N 46  
ASN OD1    O  N N 47  
ASN ND2    N  N N 48  
ASN OXT    O  N N 49  
ASN H      H  N N 50  
ASN H2     H  N N 51  
ASN HA     H  N N 52  
ASN HB2    H  N N 53  
ASN HB3    H  N N 54  
ASN HD21   H  N N 55  
ASN HD22   H  N N 56  
ASN HXT    H  N N 57  
ASP N      N  N N 58  
ASP CA     C  N S 59  
ASP C      C  N N 60  
ASP O      O  N N 61  
ASP CB     C  N N 62  
ASP CG     C  N N 63  
ASP OD1    O  N N 64  
ASP OD2    O  N N 65  
ASP OXT    O  N N 66  
ASP H      H  N N 67  
ASP H2     H  N N 68  
ASP HA     H  N N 69  
ASP HB2    H  N N 70  
ASP HB3    H  N N 71  
ASP HD2    H  N N 72  
ASP HXT    H  N N 73  
CYS N      N  N N 74  
CYS CA     C  N R 75  
CYS C      C  N N 76  
CYS O      O  N N 77  
CYS CB     C  N N 78  
CYS SG     S  N N 79  
CYS OXT    O  N N 80  
CYS H      H  N N 81  
CYS H2     H  N N 82  
CYS HA     H  N N 83  
CYS HB2    H  N N 84  
CYS HB3    H  N N 85  
CYS HG     H  N N 86  
CYS HXT    H  N N 87  
GLN N      N  N N 88  
GLN CA     C  N S 89  
GLN C      C  N N 90  
GLN O      O  N N 91  
GLN CB     C  N N 92  
GLN CG     C  N N 93  
GLN CD     C  N N 94  
GLN OE1    O  N N 95  
GLN NE2    N  N N 96  
GLN OXT    O  N N 97  
GLN H      H  N N 98  
GLN H2     H  N N 99  
GLN HA     H  N N 100 
GLN HB2    H  N N 101 
GLN HB3    H  N N 102 
GLN HG2    H  N N 103 
GLN HG3    H  N N 104 
GLN HE21   H  N N 105 
GLN HE22   H  N N 106 
GLN HXT    H  N N 107 
GLU N      N  N N 108 
GLU CA     C  N S 109 
GLU C      C  N N 110 
GLU O      O  N N 111 
GLU CB     C  N N 112 
GLU CG     C  N N 113 
GLU CD     C  N N 114 
GLU OE1    O  N N 115 
GLU OE2    O  N N 116 
GLU OXT    O  N N 117 
GLU H      H  N N 118 
GLU H2     H  N N 119 
GLU HA     H  N N 120 
GLU HB2    H  N N 121 
GLU HB3    H  N N 122 
GLU HG2    H  N N 123 
GLU HG3    H  N N 124 
GLU HE2    H  N N 125 
GLU HXT    H  N N 126 
GLY N      N  N N 127 
GLY CA     C  N N 128 
GLY C      C  N N 129 
GLY O      O  N N 130 
GLY OXT    O  N N 131 
GLY H      H  N N 132 
GLY H2     H  N N 133 
GLY HA2    H  N N 134 
GLY HA3    H  N N 135 
GLY HXT    H  N N 136 
HG  HG     HG N N 137 
HOH O      O  N N 138 
HOH H1     H  N N 139 
HOH H2     H  N N 140 
ILE N      N  N N 141 
ILE CA     C  N S 142 
ILE C      C  N N 143 
ILE O      O  N N 144 
ILE CB     C  N S 145 
ILE CG1    C  N N 146 
ILE CG2    C  N N 147 
ILE CD1    C  N N 148 
ILE OXT    O  N N 149 
ILE H      H  N N 150 
ILE H2     H  N N 151 
ILE HA     H  N N 152 
ILE HB     H  N N 153 
ILE HG12   H  N N 154 
ILE HG13   H  N N 155 
ILE HG21   H  N N 156 
ILE HG22   H  N N 157 
ILE HG23   H  N N 158 
ILE HD11   H  N N 159 
ILE HD12   H  N N 160 
ILE HD13   H  N N 161 
ILE HXT    H  N N 162 
LEU N      N  N N 163 
LEU CA     C  N S 164 
LEU C      C  N N 165 
LEU O      O  N N 166 
LEU CB     C  N N 167 
LEU CG     C  N N 168 
LEU CD1    C  N N 169 
LEU CD2    C  N N 170 
LEU OXT    O  N N 171 
LEU H      H  N N 172 
LEU H2     H  N N 173 
LEU HA     H  N N 174 
LEU HB2    H  N N 175 
LEU HB3    H  N N 176 
LEU HG     H  N N 177 
LEU HD11   H  N N 178 
LEU HD12   H  N N 179 
LEU HD13   H  N N 180 
LEU HD21   H  N N 181 
LEU HD22   H  N N 182 
LEU HD23   H  N N 183 
LEU HXT    H  N N 184 
LYS N      N  N N 185 
LYS CA     C  N S 186 
LYS C      C  N N 187 
LYS O      O  N N 188 
LYS CB     C  N N 189 
LYS CG     C  N N 190 
LYS CD     C  N N 191 
LYS CE     C  N N 192 
LYS NZ     N  N N 193 
LYS OXT    O  N N 194 
LYS H      H  N N 195 
LYS H2     H  N N 196 
LYS HA     H  N N 197 
LYS HB2    H  N N 198 
LYS HB3    H  N N 199 
LYS HG2    H  N N 200 
LYS HG3    H  N N 201 
LYS HD2    H  N N 202 
LYS HD3    H  N N 203 
LYS HE2    H  N N 204 
LYS HE3    H  N N 205 
LYS HZ1    H  N N 206 
LYS HZ2    H  N N 207 
LYS HZ3    H  N N 208 
LYS HXT    H  N N 209 
MET N      N  N N 210 
MET CA     C  N S 211 
MET C      C  N N 212 
MET O      O  N N 213 
MET CB     C  N N 214 
MET CG     C  N N 215 
MET SD     S  N N 216 
MET CE     C  N N 217 
MET OXT    O  N N 218 
MET H      H  N N 219 
MET H2     H  N N 220 
MET HA     H  N N 221 
MET HB2    H  N N 222 
MET HB3    H  N N 223 
MET HG2    H  N N 224 
MET HG3    H  N N 225 
MET HE1    H  N N 226 
MET HE2    H  N N 227 
MET HE3    H  N N 228 
MET HXT    H  N N 229 
PHE N      N  N N 230 
PHE CA     C  N S 231 
PHE C      C  N N 232 
PHE O      O  N N 233 
PHE CB     C  N N 234 
PHE CG     C  Y N 235 
PHE CD1    C  Y N 236 
PHE CD2    C  Y N 237 
PHE CE1    C  Y N 238 
PHE CE2    C  Y N 239 
PHE CZ     C  Y N 240 
PHE OXT    O  N N 241 
PHE H      H  N N 242 
PHE H2     H  N N 243 
PHE HA     H  N N 244 
PHE HB2    H  N N 245 
PHE HB3    H  N N 246 
PHE HD1    H  N N 247 
PHE HD2    H  N N 248 
PHE HE1    H  N N 249 
PHE HE2    H  N N 250 
PHE HZ     H  N N 251 
PHE HXT    H  N N 252 
PRO N      N  N N 253 
PRO CA     C  N S 254 
PRO C      C  N N 255 
PRO O      O  N N 256 
PRO CB     C  N N 257 
PRO CG     C  N N 258 
PRO CD     C  N N 259 
PRO OXT    O  N N 260 
PRO H      H  N N 261 
PRO HA     H  N N 262 
PRO HB2    H  N N 263 
PRO HB3    H  N N 264 
PRO HG2    H  N N 265 
PRO HG3    H  N N 266 
PRO HD2    H  N N 267 
PRO HD3    H  N N 268 
PRO HXT    H  N N 269 
SAM N      N  N N 270 
SAM CA     C  N S 271 
SAM C      C  N N 272 
SAM O      O  N N 273 
SAM OXT    O  N N 274 
SAM CB     C  N N 275 
SAM CG     C  N N 276 
SAM SD     S  N S 277 
SAM CE     C  N N 278 
SAM "C5'"  C  N N 279 
SAM "C4'"  C  N S 280 
SAM "O4'"  O  N N 281 
SAM "C3'"  C  N S 282 
SAM "O3'"  O  N N 283 
SAM "C2'"  C  N R 284 
SAM "O2'"  O  N N 285 
SAM "C1'"  C  N R 286 
SAM N9     N  Y N 287 
SAM C8     C  Y N 288 
SAM N7     N  Y N 289 
SAM C5     C  Y N 290 
SAM C6     C  Y N 291 
SAM N6     N  N N 292 
SAM N1     N  Y N 293 
SAM C2     C  Y N 294 
SAM N3     N  Y N 295 
SAM C4     C  Y N 296 
SAM HN1    H  N N 297 
SAM HN2    H  N N 298 
SAM HA     H  N N 299 
SAM HB1    H  N N 300 
SAM HB2    H  N N 301 
SAM HG1    H  N N 302 
SAM HG2    H  N N 303 
SAM HE1    H  N N 304 
SAM HE2    H  N N 305 
SAM HE3    H  N N 306 
SAM "H5'1" H  N N 307 
SAM "H5'2" H  N N 308 
SAM "H4'"  H  N N 309 
SAM "H3'"  H  N N 310 
SAM "HO3'" H  N N 311 
SAM "H2'"  H  N N 312 
SAM "HO2'" H  N N 313 
SAM "H1'"  H  N N 314 
SAM H8     H  N N 315 
SAM HN61   H  N N 316 
SAM HN62   H  N N 317 
SAM H2     H  N N 318 
SER N      N  N N 319 
SER CA     C  N S 320 
SER C      C  N N 321 
SER O      O  N N 322 
SER CB     C  N N 323 
SER OG     O  N N 324 
SER OXT    O  N N 325 
SER H      H  N N 326 
SER H2     H  N N 327 
SER HA     H  N N 328 
SER HB2    H  N N 329 
SER HB3    H  N N 330 
SER HG     H  N N 331 
SER HXT    H  N N 332 
THR N      N  N N 333 
THR CA     C  N S 334 
THR C      C  N N 335 
THR O      O  N N 336 
THR CB     C  N R 337 
THR OG1    O  N N 338 
THR CG2    C  N N 339 
THR OXT    O  N N 340 
THR H      H  N N 341 
THR H2     H  N N 342 
THR HA     H  N N 343 
THR HB     H  N N 344 
THR HG1    H  N N 345 
THR HG21   H  N N 346 
THR HG22   H  N N 347 
THR HG23   H  N N 348 
THR HXT    H  N N 349 
TRP N      N  N N 350 
TRP CA     C  N S 351 
TRP C      C  N N 352 
TRP O      O  N N 353 
TRP CB     C  N N 354 
TRP CG     C  Y N 355 
TRP CD1    C  Y N 356 
TRP CD2    C  Y N 357 
TRP NE1    N  Y N 358 
TRP CE2    C  Y N 359 
TRP CE3    C  Y N 360 
TRP CZ2    C  Y N 361 
TRP CZ3    C  Y N 362 
TRP CH2    C  Y N 363 
TRP OXT    O  N N 364 
TRP H      H  N N 365 
TRP H2     H  N N 366 
TRP HA     H  N N 367 
TRP HB2    H  N N 368 
TRP HB3    H  N N 369 
TRP HD1    H  N N 370 
TRP HE1    H  N N 371 
TRP HE3    H  N N 372 
TRP HZ2    H  N N 373 
TRP HZ3    H  N N 374 
TRP HH2    H  N N 375 
TRP HXT    H  N N 376 
TYR N      N  N N 377 
TYR CA     C  N S 378 
TYR C      C  N N 379 
TYR O      O  N N 380 
TYR CB     C  N N 381 
TYR CG     C  Y N 382 
TYR CD1    C  Y N 383 
TYR CD2    C  Y N 384 
TYR CE1    C  Y N 385 
TYR CE2    C  Y N 386 
TYR CZ     C  Y N 387 
TYR OH     O  N N 388 
TYR OXT    O  N N 389 
TYR H      H  N N 390 
TYR H2     H  N N 391 
TYR HA     H  N N 392 
TYR HB2    H  N N 393 
TYR HB3    H  N N 394 
TYR HD1    H  N N 395 
TYR HD2    H  N N 396 
TYR HE1    H  N N 397 
TYR HE2    H  N N 398 
TYR HH     H  N N 399 
TYR HXT    H  N N 400 
VAL N      N  N N 401 
VAL CA     C  N S 402 
VAL C      C  N N 403 
VAL O      O  N N 404 
VAL CB     C  N N 405 
VAL CG1    C  N N 406 
VAL CG2    C  N N 407 
VAL OXT    O  N N 408 
VAL H      H  N N 409 
VAL H2     H  N N 410 
VAL HA     H  N N 411 
VAL HB     H  N N 412 
VAL HG11   H  N N 413 
VAL HG12   H  N N 414 
VAL HG13   H  N N 415 
VAL HG21   H  N N 416 
VAL HG22   H  N N 417 
VAL HG23   H  N N 418 
VAL HXT    H  N N 419 
# 
loop_
_chem_comp_bond.comp_id 
_chem_comp_bond.atom_id_1 
_chem_comp_bond.atom_id_2 
_chem_comp_bond.value_order 
_chem_comp_bond.pdbx_aromatic_flag 
_chem_comp_bond.pdbx_stereo_config 
_chem_comp_bond.pdbx_ordinal 
ALA N     CA     sing N N 1   
ALA N     H      sing N N 2   
ALA N     H2     sing N N 3   
ALA CA    C      sing N N 4   
ALA CA    CB     sing N N 5   
ALA CA    HA     sing N N 6   
ALA C     O      doub N N 7   
ALA C     OXT    sing N N 8   
ALA CB    HB1    sing N N 9   
ALA CB    HB2    sing N N 10  
ALA CB    HB3    sing N N 11  
ALA OXT   HXT    sing N N 12  
ARG N     CA     sing N N 13  
ARG N     H      sing N N 14  
ARG N     H2     sing N N 15  
ARG CA    C      sing N N 16  
ARG CA    CB     sing N N 17  
ARG CA    HA     sing N N 18  
ARG C     O      doub N N 19  
ARG C     OXT    sing N N 20  
ARG CB    CG     sing N N 21  
ARG CB    HB2    sing N N 22  
ARG CB    HB3    sing N N 23  
ARG CG    CD     sing N N 24  
ARG CG    HG2    sing N N 25  
ARG CG    HG3    sing N N 26  
ARG CD    NE     sing N N 27  
ARG CD    HD2    sing N N 28  
ARG CD    HD3    sing N N 29  
ARG NE    CZ     sing N N 30  
ARG NE    HE     sing N N 31  
ARG CZ    NH1    sing N N 32  
ARG CZ    NH2    doub N N 33  
ARG NH1   HH11   sing N N 34  
ARG NH1   HH12   sing N N 35  
ARG NH2   HH21   sing N N 36  
ARG NH2   HH22   sing N N 37  
ARG OXT   HXT    sing N N 38  
ASN N     CA     sing N N 39  
ASN N     H      sing N N 40  
ASN N     H2     sing N N 41  
ASN CA    C      sing N N 42  
ASN CA    CB     sing N N 43  
ASN CA    HA     sing N N 44  
ASN C     O      doub N N 45  
ASN C     OXT    sing N N 46  
ASN CB    CG     sing N N 47  
ASN CB    HB2    sing N N 48  
ASN CB    HB3    sing N N 49  
ASN CG    OD1    doub N N 50  
ASN CG    ND2    sing N N 51  
ASN ND2   HD21   sing N N 52  
ASN ND2   HD22   sing N N 53  
ASN OXT   HXT    sing N N 54  
ASP N     CA     sing N N 55  
ASP N     H      sing N N 56  
ASP N     H2     sing N N 57  
ASP CA    C      sing N N 58  
ASP CA    CB     sing N N 59  
ASP CA    HA     sing N N 60  
ASP C     O      doub N N 61  
ASP C     OXT    sing N N 62  
ASP CB    CG     sing N N 63  
ASP CB    HB2    sing N N 64  
ASP CB    HB3    sing N N 65  
ASP CG    OD1    doub N N 66  
ASP CG    OD2    sing N N 67  
ASP OD2   HD2    sing N N 68  
ASP OXT   HXT    sing N N 69  
CYS N     CA     sing N N 70  
CYS N     H      sing N N 71  
CYS N     H2     sing N N 72  
CYS CA    C      sing N N 73  
CYS CA    CB     sing N N 74  
CYS CA    HA     sing N N 75  
CYS C     O      doub N N 76  
CYS C     OXT    sing N N 77  
CYS CB    SG     sing N N 78  
CYS CB    HB2    sing N N 79  
CYS CB    HB3    sing N N 80  
CYS SG    HG     sing N N 81  
CYS OXT   HXT    sing N N 82  
GLN N     CA     sing N N 83  
GLN N     H      sing N N 84  
GLN N     H2     sing N N 85  
GLN CA    C      sing N N 86  
GLN CA    CB     sing N N 87  
GLN CA    HA     sing N N 88  
GLN C     O      doub N N 89  
GLN C     OXT    sing N N 90  
GLN CB    CG     sing N N 91  
GLN CB    HB2    sing N N 92  
GLN CB    HB3    sing N N 93  
GLN CG    CD     sing N N 94  
GLN CG    HG2    sing N N 95  
GLN CG    HG3    sing N N 96  
GLN CD    OE1    doub N N 97  
GLN CD    NE2    sing N N 98  
GLN NE2   HE21   sing N N 99  
GLN NE2   HE22   sing N N 100 
GLN OXT   HXT    sing N N 101 
GLU N     CA     sing N N 102 
GLU N     H      sing N N 103 
GLU N     H2     sing N N 104 
GLU CA    C      sing N N 105 
GLU CA    CB     sing N N 106 
GLU CA    HA     sing N N 107 
GLU C     O      doub N N 108 
GLU C     OXT    sing N N 109 
GLU CB    CG     sing N N 110 
GLU CB    HB2    sing N N 111 
GLU CB    HB3    sing N N 112 
GLU CG    CD     sing N N 113 
GLU CG    HG2    sing N N 114 
GLU CG    HG3    sing N N 115 
GLU CD    OE1    doub N N 116 
GLU CD    OE2    sing N N 117 
GLU OE2   HE2    sing N N 118 
GLU OXT   HXT    sing N N 119 
GLY N     CA     sing N N 120 
GLY N     H      sing N N 121 
GLY N     H2     sing N N 122 
GLY CA    C      sing N N 123 
GLY CA    HA2    sing N N 124 
GLY CA    HA3    sing N N 125 
GLY C     O      doub N N 126 
GLY C     OXT    sing N N 127 
GLY OXT   HXT    sing N N 128 
HOH O     H1     sing N N 129 
HOH O     H2     sing N N 130 
ILE N     CA     sing N N 131 
ILE N     H      sing N N 132 
ILE N     H2     sing N N 133 
ILE CA    C      sing N N 134 
ILE CA    CB     sing N N 135 
ILE CA    HA     sing N N 136 
ILE C     O      doub N N 137 
ILE C     OXT    sing N N 138 
ILE CB    CG1    sing N N 139 
ILE CB    CG2    sing N N 140 
ILE CB    HB     sing N N 141 
ILE CG1   CD1    sing N N 142 
ILE CG1   HG12   sing N N 143 
ILE CG1   HG13   sing N N 144 
ILE CG2   HG21   sing N N 145 
ILE CG2   HG22   sing N N 146 
ILE CG2   HG23   sing N N 147 
ILE CD1   HD11   sing N N 148 
ILE CD1   HD12   sing N N 149 
ILE CD1   HD13   sing N N 150 
ILE OXT   HXT    sing N N 151 
LEU N     CA     sing N N 152 
LEU N     H      sing N N 153 
LEU N     H2     sing N N 154 
LEU CA    C      sing N N 155 
LEU CA    CB     sing N N 156 
LEU CA    HA     sing N N 157 
LEU C     O      doub N N 158 
LEU C     OXT    sing N N 159 
LEU CB    CG     sing N N 160 
LEU CB    HB2    sing N N 161 
LEU CB    HB3    sing N N 162 
LEU CG    CD1    sing N N 163 
LEU CG    CD2    sing N N 164 
LEU CG    HG     sing N N 165 
LEU CD1   HD11   sing N N 166 
LEU CD1   HD12   sing N N 167 
LEU CD1   HD13   sing N N 168 
LEU CD2   HD21   sing N N 169 
LEU CD2   HD22   sing N N 170 
LEU CD2   HD23   sing N N 171 
LEU OXT   HXT    sing N N 172 
LYS N     CA     sing N N 173 
LYS N     H      sing N N 174 
LYS N     H2     sing N N 175 
LYS CA    C      sing N N 176 
LYS CA    CB     sing N N 177 
LYS CA    HA     sing N N 178 
LYS C     O      doub N N 179 
LYS C     OXT    sing N N 180 
LYS CB    CG     sing N N 181 
LYS CB    HB2    sing N N 182 
LYS CB    HB3    sing N N 183 
LYS CG    CD     sing N N 184 
LYS CG    HG2    sing N N 185 
LYS CG    HG3    sing N N 186 
LYS CD    CE     sing N N 187 
LYS CD    HD2    sing N N 188 
LYS CD    HD3    sing N N 189 
LYS CE    NZ     sing N N 190 
LYS CE    HE2    sing N N 191 
LYS CE    HE3    sing N N 192 
LYS NZ    HZ1    sing N N 193 
LYS NZ    HZ2    sing N N 194 
LYS NZ    HZ3    sing N N 195 
LYS OXT   HXT    sing N N 196 
MET N     CA     sing N N 197 
MET N     H      sing N N 198 
MET N     H2     sing N N 199 
MET CA    C      sing N N 200 
MET CA    CB     sing N N 201 
MET CA    HA     sing N N 202 
MET C     O      doub N N 203 
MET C     OXT    sing N N 204 
MET CB    CG     sing N N 205 
MET CB    HB2    sing N N 206 
MET CB    HB3    sing N N 207 
MET CG    SD     sing N N 208 
MET CG    HG2    sing N N 209 
MET CG    HG3    sing N N 210 
MET SD    CE     sing N N 211 
MET CE    HE1    sing N N 212 
MET CE    HE2    sing N N 213 
MET CE    HE3    sing N N 214 
MET OXT   HXT    sing N N 215 
PHE N     CA     sing N N 216 
PHE N     H      sing N N 217 
PHE N     H2     sing N N 218 
PHE CA    C      sing N N 219 
PHE CA    CB     sing N N 220 
PHE CA    HA     sing N N 221 
PHE C     O      doub N N 222 
PHE C     OXT    sing N N 223 
PHE CB    CG     sing N N 224 
PHE CB    HB2    sing N N 225 
PHE CB    HB3    sing N N 226 
PHE CG    CD1    doub Y N 227 
PHE CG    CD2    sing Y N 228 
PHE CD1   CE1    sing Y N 229 
PHE CD1   HD1    sing N N 230 
PHE CD2   CE2    doub Y N 231 
PHE CD2   HD2    sing N N 232 
PHE CE1   CZ     doub Y N 233 
PHE CE1   HE1    sing N N 234 
PHE CE2   CZ     sing Y N 235 
PHE CE2   HE2    sing N N 236 
PHE CZ    HZ     sing N N 237 
PHE OXT   HXT    sing N N 238 
PRO N     CA     sing N N 239 
PRO N     CD     sing N N 240 
PRO N     H      sing N N 241 
PRO CA    C      sing N N 242 
PRO CA    CB     sing N N 243 
PRO CA    HA     sing N N 244 
PRO C     O      doub N N 245 
PRO C     OXT    sing N N 246 
PRO CB    CG     sing N N 247 
PRO CB    HB2    sing N N 248 
PRO CB    HB3    sing N N 249 
PRO CG    CD     sing N N 250 
PRO CG    HG2    sing N N 251 
PRO CG    HG3    sing N N 252 
PRO CD    HD2    sing N N 253 
PRO CD    HD3    sing N N 254 
PRO OXT   HXT    sing N N 255 
SAM N     CA     sing N N 256 
SAM N     HN1    sing N N 257 
SAM N     HN2    sing N N 258 
SAM CA    C      sing N N 259 
SAM CA    CB     sing N N 260 
SAM CA    HA     sing N N 261 
SAM C     O      doub N N 262 
SAM C     OXT    sing N N 263 
SAM CB    CG     sing N N 264 
SAM CB    HB1    sing N N 265 
SAM CB    HB2    sing N N 266 
SAM CG    SD     sing N N 267 
SAM CG    HG1    sing N N 268 
SAM CG    HG2    sing N N 269 
SAM SD    CE     sing N N 270 
SAM SD    "C5'"  sing N N 271 
SAM CE    HE1    sing N N 272 
SAM CE    HE2    sing N N 273 
SAM CE    HE3    sing N N 274 
SAM "C5'" "C4'"  sing N N 275 
SAM "C5'" "H5'1" sing N N 276 
SAM "C5'" "H5'2" sing N N 277 
SAM "C4'" "O4'"  sing N N 278 
SAM "C4'" "C3'"  sing N N 279 
SAM "C4'" "H4'"  sing N N 280 
SAM "O4'" "C1'"  sing N N 281 
SAM "C3'" "O3'"  sing N N 282 
SAM "C3'" "C2'"  sing N N 283 
SAM "C3'" "H3'"  sing N N 284 
SAM "O3'" "HO3'" sing N N 285 
SAM "C2'" "O2'"  sing N N 286 
SAM "C2'" "C1'"  sing N N 287 
SAM "C2'" "H2'"  sing N N 288 
SAM "O2'" "HO2'" sing N N 289 
SAM "C1'" N9     sing N N 290 
SAM "C1'" "H1'"  sing N N 291 
SAM N9    C8     sing Y N 292 
SAM N9    C4     sing Y N 293 
SAM C8    N7     doub Y N 294 
SAM C8    H8     sing N N 295 
SAM N7    C5     sing Y N 296 
SAM C5    C6     sing Y N 297 
SAM C5    C4     doub Y N 298 
SAM C6    N6     sing N N 299 
SAM C6    N1     doub Y N 300 
SAM N6    HN61   sing N N 301 
SAM N6    HN62   sing N N 302 
SAM N1    C2     sing Y N 303 
SAM C2    N3     doub Y N 304 
SAM C2    H2     sing N N 305 
SAM N3    C4     sing Y N 306 
SER N     CA     sing N N 307 
SER N     H      sing N N 308 
SER N     H2     sing N N 309 
SER CA    C      sing N N 310 
SER CA    CB     sing N N 311 
SER CA    HA     sing N N 312 
SER C     O      doub N N 313 
SER C     OXT    sing N N 314 
SER CB    OG     sing N N 315 
SER CB    HB2    sing N N 316 
SER CB    HB3    sing N N 317 
SER OG    HG     sing N N 318 
SER OXT   HXT    sing N N 319 
THR N     CA     sing N N 320 
THR N     H      sing N N 321 
THR N     H2     sing N N 322 
THR CA    C      sing N N 323 
THR CA    CB     sing N N 324 
THR CA    HA     sing N N 325 
THR C     O      doub N N 326 
THR C     OXT    sing N N 327 
THR CB    OG1    sing N N 328 
THR CB    CG2    sing N N 329 
THR CB    HB     sing N N 330 
THR OG1   HG1    sing N N 331 
THR CG2   HG21   sing N N 332 
THR CG2   HG22   sing N N 333 
THR CG2   HG23   sing N N 334 
THR OXT   HXT    sing N N 335 
TRP N     CA     sing N N 336 
TRP N     H      sing N N 337 
TRP N     H2     sing N N 338 
TRP CA    C      sing N N 339 
TRP CA    CB     sing N N 340 
TRP CA    HA     sing N N 341 
TRP C     O      doub N N 342 
TRP C     OXT    sing N N 343 
TRP CB    CG     sing N N 344 
TRP CB    HB2    sing N N 345 
TRP CB    HB3    sing N N 346 
TRP CG    CD1    doub Y N 347 
TRP CG    CD2    sing Y N 348 
TRP CD1   NE1    sing Y N 349 
TRP CD1   HD1    sing N N 350 
TRP CD2   CE2    doub Y N 351 
TRP CD2   CE3    sing Y N 352 
TRP NE1   CE2    sing Y N 353 
TRP NE1   HE1    sing N N 354 
TRP CE2   CZ2    sing Y N 355 
TRP CE3   CZ3    doub Y N 356 
TRP CE3   HE3    sing N N 357 
TRP CZ2   CH2    doub Y N 358 
TRP CZ2   HZ2    sing N N 359 
TRP CZ3   CH2    sing Y N 360 
TRP CZ3   HZ3    sing N N 361 
TRP CH2   HH2    sing N N 362 
TRP OXT   HXT    sing N N 363 
TYR N     CA     sing N N 364 
TYR N     H      sing N N 365 
TYR N     H2     sing N N 366 
TYR CA    C      sing N N 367 
TYR CA    CB     sing N N 368 
TYR CA    HA     sing N N 369 
TYR C     O      doub N N 370 
TYR C     OXT    sing N N 371 
TYR CB    CG     sing N N 372 
TYR CB    HB2    sing N N 373 
TYR CB    HB3    sing N N 374 
TYR CG    CD1    doub Y N 375 
TYR CG    CD2    sing Y N 376 
TYR CD1   CE1    sing Y N 377 
TYR CD1   HD1    sing N N 378 
TYR CD2   CE2    doub Y N 379 
TYR CD2   HD2    sing N N 380 
TYR CE1   CZ     doub Y N 381 
TYR CE1   HE1    sing N N 382 
TYR CE2   CZ     sing Y N 383 
TYR CE2   HE2    sing N N 384 
TYR CZ    OH     sing N N 385 
TYR OH    HH     sing N N 386 
TYR OXT   HXT    sing N N 387 
VAL N     CA     sing N N 388 
VAL N     H      sing N N 389 
VAL N     H2     sing N N 390 
VAL CA    C      sing N N 391 
VAL CA    CB     sing N N 392 
VAL CA    HA     sing N N 393 
VAL C     O      doub N N 394 
VAL C     OXT    sing N N 395 
VAL CB    CG1    sing N N 396 
VAL CB    CG2    sing N N 397 
VAL CB    HB     sing N N 398 
VAL CG1   HG11   sing N N 399 
VAL CG1   HG12   sing N N 400 
VAL CG1   HG13   sing N N 401 
VAL CG2   HG21   sing N N 402 
VAL CG2   HG22   sing N N 403 
VAL CG2   HG23   sing N N 404 
VAL OXT   HXT    sing N N 405 
# 
loop_
_pdbx_entity_nonpoly.entity_id 
_pdbx_entity_nonpoly.name 
_pdbx_entity_nonpoly.comp_id 
2 'MERCURY (II) ION'   HG  
3 S-ADENOSYLMETHIONINE SAM 
4 water                HOH 
# 
_pdbx_initial_refinement_model.id               1 
_pdbx_initial_refinement_model.entity_id_list   ? 
_pdbx_initial_refinement_model.type             'experimental model' 
_pdbx_initial_refinement_model.source_name      PDB 
_pdbx_initial_refinement_model.accession_code   1EIZ 
_pdbx_initial_refinement_model.details          ? 
# 
